data_3R49
# 
_entry.id   3R49 
# 
_audit_conform.dict_name       mmcif_pdbx.dic 
_audit_conform.dict_version    5.387 
_audit_conform.dict_location   http://mmcif.pdb.org/dictionaries/ascii/mmcif_pdbx.dic 
# 
loop_
_database_2.database_id 
_database_2.database_code 
_database_2.pdbx_database_accession 
_database_2.pdbx_DOI 
PDB   3R49         pdb_00003r49 10.2210/pdb3r49/pdb 
RCSB  RCSB064469   ?            ?                   
WWPDB D_1000064469 ?            ?                   
# 
loop_
_pdbx_audit_revision_history.ordinal 
_pdbx_audit_revision_history.data_content_type 
_pdbx_audit_revision_history.major_revision 
_pdbx_audit_revision_history.minor_revision 
_pdbx_audit_revision_history.revision_date 
1 'Structure model' 1 0 2012-03-21 
2 'Structure model' 1 1 2012-12-05 
3 'Structure model' 1 2 2016-10-19 
4 'Structure model' 1 3 2024-02-21 
# 
_pdbx_audit_revision_details.ordinal             1 
_pdbx_audit_revision_details.revision_ordinal    1 
_pdbx_audit_revision_details.data_content_type   'Structure model' 
_pdbx_audit_revision_details.provider            repository 
_pdbx_audit_revision_details.type                'Initial release' 
_pdbx_audit_revision_details.description         ? 
_pdbx_audit_revision_details.details             ? 
# 
loop_
_pdbx_audit_revision_group.ordinal 
_pdbx_audit_revision_group.revision_ordinal 
_pdbx_audit_revision_group.data_content_type 
_pdbx_audit_revision_group.group 
1 2 'Structure model' 'Structure summary'    
2 3 'Structure model' 'Database references'  
3 4 'Structure model' 'Data collection'      
4 4 'Structure model' 'Database references'  
5 4 'Structure model' 'Derived calculations' 
# 
loop_
_pdbx_audit_revision_category.ordinal 
_pdbx_audit_revision_category.revision_ordinal 
_pdbx_audit_revision_category.data_content_type 
_pdbx_audit_revision_category.category 
1 4 'Structure model' chem_comp_atom     
2 4 'Structure model' chem_comp_bond     
3 4 'Structure model' database_2         
4 4 'Structure model' struct_ref_seq_dif 
5 4 'Structure model' struct_site        
# 
loop_
_pdbx_audit_revision_item.ordinal 
_pdbx_audit_revision_item.revision_ordinal 
_pdbx_audit_revision_item.data_content_type 
_pdbx_audit_revision_item.item 
1 4 'Structure model' '_database_2.pdbx_DOI'                
2 4 'Structure model' '_database_2.pdbx_database_accession' 
3 4 'Structure model' '_struct_ref_seq_dif.details'         
4 4 'Structure model' '_struct_site.pdbx_auth_asym_id'      
5 4 'Structure model' '_struct_site.pdbx_auth_comp_id'      
6 4 'Structure model' '_struct_site.pdbx_auth_seq_id'       
# 
_pdbx_database_status.status_code                     REL 
_pdbx_database_status.entry_id                        3R49 
_pdbx_database_status.recvd_initial_deposition_date   2011-03-17 
_pdbx_database_status.deposit_site                    RCSB 
_pdbx_database_status.process_site                    RCSB 
_pdbx_database_status.status_code_sf                  REL 
_pdbx_database_status.status_code_mr                  ? 
_pdbx_database_status.SG_entry                        ? 
_pdbx_database_status.status_code_cs                  ? 
_pdbx_database_status.methods_development_category    ? 
_pdbx_database_status.pdb_format_compatible           Y 
_pdbx_database_status.status_code_nmr_data            ? 
# 
loop_
_pdbx_database_related.db_name 
_pdbx_database_related.db_id 
_pdbx_database_related.details 
_pdbx_database_related.content_type 
PDB 3R4G . unspecified 
PDB 3R54 . unspecified 
PDB 3R56 . unspecified 
PDB 3R57 . unspecified 
PDB 3R59 . unspecified 
PDB 3RCF . unspecified 
PDB 3RCG . unspecified 
PDB 3RCI . unspecified 
PDB 3RCK . unspecified 
PDB 3RCL . unspecified 
PDB 3RD9 . unspecified 
PDB 3RDA . unspecified 
PDB 3RDB . unspecified 
PDB 3RDC . unspecified 
PDB 3RDD . unspecified 
# 
loop_
_audit_author.name 
_audit_author.pdbx_ordinal 
'Colliandre, L.'     1 
'Ahmed-Belkacem, H.' 2 
'Bessin, Y.'         3 
'Pawlotsky, J.M.'    4 
'Guichou, J.F.'      5 
# 
_citation.id                        primary 
_citation.title                     
'Fragment-based discovery of a new family of non-peptidic small-molecule cyclophilin inhibitors with potent antiviral activities.' 
_citation.journal_abbrev            'Nat Commun' 
_citation.journal_volume            7 
_citation.page_first                12777 
_citation.page_last                 12777 
_citation.year                      2016 
_citation.journal_id_ASTM           ? 
_citation.country                   UK 
_citation.journal_id_ISSN           2041-1723 
_citation.journal_id_CSD            ? 
_citation.book_publisher            ? 
_citation.pdbx_database_id_PubMed   27652979 
_citation.pdbx_database_id_DOI      10.1038/ncomms12777 
# 
loop_
_citation_author.citation_id 
_citation_author.name 
_citation_author.ordinal 
_citation_author.identifier_ORCID 
primary 'Ahmed-Belkacem, A.' 1  ? 
primary 'Colliandre, L.'     2  ? 
primary 'Ahnou, N.'          3  ? 
primary 'Nevers, Q.'         4  ? 
primary 'Gelin, M.'          5  ? 
primary 'Bessin, Y.'         6  ? 
primary 'Brillet, R.'        7  ? 
primary 'Cala, O.'           8  ? 
primary 'Douguet, D.'        9  ? 
primary 'Bourguet, W.'       10 ? 
primary 'Krimm, I.'          11 ? 
primary 'Pawlotsky, J.M.'    12 ? 
primary 'Guichou, J.F.'      13 ? 
# 
loop_
_entity.id 
_entity.type 
_entity.src_method 
_entity.pdbx_description 
_entity.formula_weight 
_entity.pdbx_number_of_molecules 
_entity.pdbx_ec 
_entity.pdbx_mutation 
_entity.pdbx_fragment 
_entity.details 
1 polymer     man 'Peptidyl-prolyl cis-trans isomerase F, mitochondrial' 17870.400 1   5.2.1.8 K175I 'UNP residues 43-207' ? 
2 non-polymer syn quinolin-8-amine                                       144.173   2   ?       ?     ?                     ? 
3 water       nat water                                                  18.015    262 ?       ?     ?                     ? 
# 
_entity_name_com.entity_id   1 
_entity_name_com.name        'Cyclophilin F, PPIase F, Rotamase F' 
# 
_entity_poly.entity_id                      1 
_entity_poly.type                           'polypeptide(L)' 
_entity_poly.nstd_linkage                   no 
_entity_poly.nstd_monomer                   no 
_entity_poly.pdbx_seq_one_letter_code       
;MSGNPLVYLDVDANGKPLGRVVLELKADVVPKTAENFRALCTGEKGFGYKGSTFHRVIPSFMCQAGDFTNHNGTGGKSIY
GSRFPDENFTLKHVGPGVLSMANAGPNTNGSQFFICTIKTDWLDGKHVVFGHVIEGMDVVKKIESFGSKSGRTSKKIVIT
DCGQLS
;
_entity_poly.pdbx_seq_one_letter_code_can   
;MSGNPLVYLDVDANGKPLGRVVLELKADVVPKTAENFRALCTGEKGFGYKGSTFHRVIPSFMCQAGDFTNHNGTGGKSIY
GSRFPDENFTLKHVGPGVLSMANAGPNTNGSQFFICTIKTDWLDGKHVVFGHVIEGMDVVKKIESFGSKSGRTSKKIVIT
DCGQLS
;
_entity_poly.pdbx_strand_id                 A 
_entity_poly.pdbx_target_identifier         ? 
# 
loop_
_pdbx_entity_nonpoly.entity_id 
_pdbx_entity_nonpoly.name 
_pdbx_entity_nonpoly.comp_id 
2 quinolin-8-amine Q8A 
3 water            HOH 
# 
loop_
_entity_poly_seq.entity_id 
_entity_poly_seq.num 
_entity_poly_seq.mon_id 
_entity_poly_seq.hetero 
1 1   MET n 
1 2   SER n 
1 3   GLY n 
1 4   ASN n 
1 5   PRO n 
1 6   LEU n 
1 7   VAL n 
1 8   TYR n 
1 9   LEU n 
1 10  ASP n 
1 11  VAL n 
1 12  ASP n 
1 13  ALA n 
1 14  ASN n 
1 15  GLY n 
1 16  LYS n 
1 17  PRO n 
1 18  LEU n 
1 19  GLY n 
1 20  ARG n 
1 21  VAL n 
1 22  VAL n 
1 23  LEU n 
1 24  GLU n 
1 25  LEU n 
1 26  LYS n 
1 27  ALA n 
1 28  ASP n 
1 29  VAL n 
1 30  VAL n 
1 31  PRO n 
1 32  LYS n 
1 33  THR n 
1 34  ALA n 
1 35  GLU n 
1 36  ASN n 
1 37  PHE n 
1 38  ARG n 
1 39  ALA n 
1 40  LEU n 
1 41  CYS n 
1 42  THR n 
1 43  GLY n 
1 44  GLU n 
1 45  LYS n 
1 46  GLY n 
1 47  PHE n 
1 48  GLY n 
1 49  TYR n 
1 50  LYS n 
1 51  GLY n 
1 52  SER n 
1 53  THR n 
1 54  PHE n 
1 55  HIS n 
1 56  ARG n 
1 57  VAL n 
1 58  ILE n 
1 59  PRO n 
1 60  SER n 
1 61  PHE n 
1 62  MET n 
1 63  CYS n 
1 64  GLN n 
1 65  ALA n 
1 66  GLY n 
1 67  ASP n 
1 68  PHE n 
1 69  THR n 
1 70  ASN n 
1 71  HIS n 
1 72  ASN n 
1 73  GLY n 
1 74  THR n 
1 75  GLY n 
1 76  GLY n 
1 77  LYS n 
1 78  SER n 
1 79  ILE n 
1 80  TYR n 
1 81  GLY n 
1 82  SER n 
1 83  ARG n 
1 84  PHE n 
1 85  PRO n 
1 86  ASP n 
1 87  GLU n 
1 88  ASN n 
1 89  PHE n 
1 90  THR n 
1 91  LEU n 
1 92  LYS n 
1 93  HIS n 
1 94  VAL n 
1 95  GLY n 
1 96  PRO n 
1 97  GLY n 
1 98  VAL n 
1 99  LEU n 
1 100 SER n 
1 101 MET n 
1 102 ALA n 
1 103 ASN n 
1 104 ALA n 
1 105 GLY n 
1 106 PRO n 
1 107 ASN n 
1 108 THR n 
1 109 ASN n 
1 110 GLY n 
1 111 SER n 
1 112 GLN n 
1 113 PHE n 
1 114 PHE n 
1 115 ILE n 
1 116 CYS n 
1 117 THR n 
1 118 ILE n 
1 119 LYS n 
1 120 THR n 
1 121 ASP n 
1 122 TRP n 
1 123 LEU n 
1 124 ASP n 
1 125 GLY n 
1 126 LYS n 
1 127 HIS n 
1 128 VAL n 
1 129 VAL n 
1 130 PHE n 
1 131 GLY n 
1 132 HIS n 
1 133 VAL n 
1 134 ILE n 
1 135 GLU n 
1 136 GLY n 
1 137 MET n 
1 138 ASP n 
1 139 VAL n 
1 140 VAL n 
1 141 LYS n 
1 142 LYS n 
1 143 ILE n 
1 144 GLU n 
1 145 SER n 
1 146 PHE n 
1 147 GLY n 
1 148 SER n 
1 149 LYS n 
1 150 SER n 
1 151 GLY n 
1 152 ARG n 
1 153 THR n 
1 154 SER n 
1 155 LYS n 
1 156 LYS n 
1 157 ILE n 
1 158 VAL n 
1 159 ILE n 
1 160 THR n 
1 161 ASP n 
1 162 CYS n 
1 163 GLY n 
1 164 GLN n 
1 165 LEU n 
1 166 SER n 
# 
_entity_src_gen.entity_id                          1 
_entity_src_gen.pdbx_src_id                        1 
_entity_src_gen.pdbx_alt_source_flag               sample 
_entity_src_gen.pdbx_seq_type                      ? 
_entity_src_gen.pdbx_beg_seq_num                   ? 
_entity_src_gen.pdbx_end_seq_num                   ? 
_entity_src_gen.gene_src_common_name               human 
_entity_src_gen.gene_src_genus                     ? 
_entity_src_gen.pdbx_gene_src_gene                 'PPIF, CYP3' 
_entity_src_gen.gene_src_species                   ? 
_entity_src_gen.gene_src_strain                    ? 
_entity_src_gen.gene_src_tissue                    ? 
_entity_src_gen.gene_src_tissue_fraction           ? 
_entity_src_gen.gene_src_details                   ? 
_entity_src_gen.pdbx_gene_src_fragment             ? 
_entity_src_gen.pdbx_gene_src_scientific_name      'Homo sapiens' 
_entity_src_gen.pdbx_gene_src_ncbi_taxonomy_id     9606 
_entity_src_gen.pdbx_gene_src_variant              ? 
_entity_src_gen.pdbx_gene_src_cell_line            ? 
_entity_src_gen.pdbx_gene_src_atcc                 ? 
_entity_src_gen.pdbx_gene_src_organ                ? 
_entity_src_gen.pdbx_gene_src_organelle            ? 
_entity_src_gen.pdbx_gene_src_cell                 ? 
_entity_src_gen.pdbx_gene_src_cellular_location    ? 
_entity_src_gen.host_org_common_name               ? 
_entity_src_gen.pdbx_host_org_scientific_name      'Escherichia coli' 
_entity_src_gen.pdbx_host_org_ncbi_taxonomy_id     562 
_entity_src_gen.host_org_genus                     ? 
_entity_src_gen.pdbx_host_org_gene                 ? 
_entity_src_gen.pdbx_host_org_organ                ? 
_entity_src_gen.host_org_species                   ? 
_entity_src_gen.pdbx_host_org_tissue               ? 
_entity_src_gen.pdbx_host_org_tissue_fraction      ? 
_entity_src_gen.pdbx_host_org_strain               ? 
_entity_src_gen.pdbx_host_org_variant              ? 
_entity_src_gen.pdbx_host_org_cell_line            ? 
_entity_src_gen.pdbx_host_org_atcc                 ? 
_entity_src_gen.pdbx_host_org_culture_collection   ? 
_entity_src_gen.pdbx_host_org_cell                 ? 
_entity_src_gen.pdbx_host_org_organelle            ? 
_entity_src_gen.pdbx_host_org_cellular_location    ? 
_entity_src_gen.pdbx_host_org_vector_type          ? 
_entity_src_gen.pdbx_host_org_vector               ? 
_entity_src_gen.host_org_details                   ? 
_entity_src_gen.expression_system_id               ? 
_entity_src_gen.plasmid_name                       ? 
_entity_src_gen.plasmid_details                    ? 
_entity_src_gen.pdbx_description                   ? 
# 
loop_
_chem_comp.id 
_chem_comp.type 
_chem_comp.mon_nstd_flag 
_chem_comp.name 
_chem_comp.pdbx_synonyms 
_chem_comp.formula 
_chem_comp.formula_weight 
ALA 'L-peptide linking' y ALANINE          ? 'C3 H7 N O2'     89.093  
ARG 'L-peptide linking' y ARGININE         ? 'C6 H15 N4 O2 1' 175.209 
ASN 'L-peptide linking' y ASPARAGINE       ? 'C4 H8 N2 O3'    132.118 
ASP 'L-peptide linking' y 'ASPARTIC ACID'  ? 'C4 H7 N O4'     133.103 
CYS 'L-peptide linking' y CYSTEINE         ? 'C3 H7 N O2 S'   121.158 
GLN 'L-peptide linking' y GLUTAMINE        ? 'C5 H10 N2 O3'   146.144 
GLU 'L-peptide linking' y 'GLUTAMIC ACID'  ? 'C5 H9 N O4'     147.129 
GLY 'peptide linking'   y GLYCINE          ? 'C2 H5 N O2'     75.067  
HIS 'L-peptide linking' y HISTIDINE        ? 'C6 H10 N3 O2 1' 156.162 
HOH non-polymer         . WATER            ? 'H2 O'           18.015  
ILE 'L-peptide linking' y ISOLEUCINE       ? 'C6 H13 N O2'    131.173 
LEU 'L-peptide linking' y LEUCINE          ? 'C6 H13 N O2'    131.173 
LYS 'L-peptide linking' y LYSINE           ? 'C6 H15 N2 O2 1' 147.195 
MET 'L-peptide linking' y METHIONINE       ? 'C5 H11 N O2 S'  149.211 
PHE 'L-peptide linking' y PHENYLALANINE    ? 'C9 H11 N O2'    165.189 
PRO 'L-peptide linking' y PROLINE          ? 'C5 H9 N O2'     115.130 
Q8A non-polymer         . quinolin-8-amine ? 'C9 H8 N2'       144.173 
SER 'L-peptide linking' y SERINE           ? 'C3 H7 N O3'     105.093 
THR 'L-peptide linking' y THREONINE        ? 'C4 H9 N O3'     119.119 
TRP 'L-peptide linking' y TRYPTOPHAN       ? 'C11 H12 N2 O2'  204.225 
TYR 'L-peptide linking' y TYROSINE         ? 'C9 H11 N O3'    181.189 
VAL 'L-peptide linking' y VALINE           ? 'C5 H11 N O2'    117.146 
# 
loop_
_pdbx_poly_seq_scheme.asym_id 
_pdbx_poly_seq_scheme.entity_id 
_pdbx_poly_seq_scheme.seq_id 
_pdbx_poly_seq_scheme.mon_id 
_pdbx_poly_seq_scheme.ndb_seq_num 
_pdbx_poly_seq_scheme.pdb_seq_num 
_pdbx_poly_seq_scheme.auth_seq_num 
_pdbx_poly_seq_scheme.pdb_mon_id 
_pdbx_poly_seq_scheme.auth_mon_id 
_pdbx_poly_seq_scheme.pdb_strand_id 
_pdbx_poly_seq_scheme.pdb_ins_code 
_pdbx_poly_seq_scheme.hetero 
A 1 1   MET 1   42  ?   ?   ?   A . n 
A 1 2   SER 2   43  ?   ?   ?   A . n 
A 1 3   GLY 3   44  44  GLY GLY A . n 
A 1 4   ASN 4   45  45  ASN ASN A . n 
A 1 5   PRO 5   46  46  PRO PRO A . n 
A 1 6   LEU 6   47  47  LEU LEU A . n 
A 1 7   VAL 7   48  48  VAL VAL A . n 
A 1 8   TYR 8   49  49  TYR TYR A . n 
A 1 9   LEU 9   50  50  LEU LEU A . n 
A 1 10  ASP 10  51  51  ASP ASP A . n 
A 1 11  VAL 11  52  52  VAL VAL A . n 
A 1 12  ASP 12  53  53  ASP ASP A . n 
A 1 13  ALA 13  54  54  ALA ALA A . n 
A 1 14  ASN 14  55  55  ASN ASN A . n 
A 1 15  GLY 15  56  56  GLY GLY A . n 
A 1 16  LYS 16  57  57  LYS LYS A . n 
A 1 17  PRO 17  58  58  PRO PRO A . n 
A 1 18  LEU 18  59  59  LEU LEU A . n 
A 1 19  GLY 19  60  60  GLY GLY A . n 
A 1 20  ARG 20  61  61  ARG ARG A . n 
A 1 21  VAL 21  62  62  VAL VAL A . n 
A 1 22  VAL 22  63  63  VAL VAL A . n 
A 1 23  LEU 23  64  64  LEU LEU A . n 
A 1 24  GLU 24  65  65  GLU GLU A . n 
A 1 25  LEU 25  66  66  LEU LEU A . n 
A 1 26  LYS 26  67  67  LYS LYS A . n 
A 1 27  ALA 27  68  68  ALA ALA A . n 
A 1 28  ASP 28  69  69  ASP ASP A . n 
A 1 29  VAL 29  70  70  VAL VAL A . n 
A 1 30  VAL 30  71  71  VAL VAL A . n 
A 1 31  PRO 31  72  72  PRO PRO A . n 
A 1 32  LYS 32  73  73  LYS LYS A . n 
A 1 33  THR 33  74  74  THR THR A . n 
A 1 34  ALA 34  75  75  ALA ALA A . n 
A 1 35  GLU 35  76  76  GLU GLU A . n 
A 1 36  ASN 36  77  77  ASN ASN A . n 
A 1 37  PHE 37  78  78  PHE PHE A . n 
A 1 38  ARG 38  79  79  ARG ARG A . n 
A 1 39  ALA 39  80  80  ALA ALA A . n 
A 1 40  LEU 40  81  81  LEU LEU A . n 
A 1 41  CYS 41  82  82  CYS CYS A . n 
A 1 42  THR 42  83  83  THR THR A . n 
A 1 43  GLY 43  84  84  GLY GLY A . n 
A 1 44  GLU 44  85  85  GLU GLU A . n 
A 1 45  LYS 45  86  86  LYS LYS A . n 
A 1 46  GLY 46  87  87  GLY GLY A . n 
A 1 47  PHE 47  88  88  PHE PHE A . n 
A 1 48  GLY 48  89  89  GLY GLY A . n 
A 1 49  TYR 49  90  90  TYR TYR A . n 
A 1 50  LYS 50  91  91  LYS LYS A . n 
A 1 51  GLY 51  92  92  GLY GLY A . n 
A 1 52  SER 52  93  93  SER SER A . n 
A 1 53  THR 53  94  94  THR THR A . n 
A 1 54  PHE 54  95  95  PHE PHE A . n 
A 1 55  HIS 55  96  96  HIS HIS A . n 
A 1 56  ARG 56  97  97  ARG ARG A . n 
A 1 57  VAL 57  98  98  VAL VAL A . n 
A 1 58  ILE 58  99  99  ILE ILE A . n 
A 1 59  PRO 59  100 100 PRO PRO A . n 
A 1 60  SER 60  101 101 SER SER A . n 
A 1 61  PHE 61  102 102 PHE PHE A . n 
A 1 62  MET 62  103 103 MET MET A . n 
A 1 63  CYS 63  104 104 CYS CYS A . n 
A 1 64  GLN 64  105 105 GLN GLN A . n 
A 1 65  ALA 65  106 106 ALA ALA A . n 
A 1 66  GLY 66  107 107 GLY GLY A . n 
A 1 67  ASP 67  108 108 ASP ASP A . n 
A 1 68  PHE 68  109 109 PHE PHE A . n 
A 1 69  THR 69  110 110 THR THR A . n 
A 1 70  ASN 70  111 111 ASN ASN A . n 
A 1 71  HIS 71  112 112 HIS HIS A . n 
A 1 72  ASN 72  113 113 ASN ASN A . n 
A 1 73  GLY 73  114 114 GLY GLY A . n 
A 1 74  THR 74  115 115 THR THR A . n 
A 1 75  GLY 75  116 116 GLY GLY A . n 
A 1 76  GLY 76  117 117 GLY GLY A . n 
A 1 77  LYS 77  118 118 LYS LYS A . n 
A 1 78  SER 78  119 119 SER SER A . n 
A 1 79  ILE 79  120 120 ILE ILE A . n 
A 1 80  TYR 80  121 121 TYR TYR A . n 
A 1 81  GLY 81  122 122 GLY GLY A . n 
A 1 82  SER 82  123 123 SER SER A . n 
A 1 83  ARG 83  124 124 ARG ARG A . n 
A 1 84  PHE 84  125 125 PHE PHE A . n 
A 1 85  PRO 85  126 126 PRO PRO A . n 
A 1 86  ASP 86  127 127 ASP ASP A . n 
A 1 87  GLU 87  128 128 GLU GLU A . n 
A 1 88  ASN 88  129 129 ASN ASN A . n 
A 1 89  PHE 89  130 130 PHE PHE A . n 
A 1 90  THR 90  131 131 THR THR A . n 
A 1 91  LEU 91  132 132 LEU LEU A . n 
A 1 92  LYS 92  133 133 LYS LYS A . n 
A 1 93  HIS 93  134 134 HIS HIS A . n 
A 1 94  VAL 94  135 135 VAL VAL A . n 
A 1 95  GLY 95  136 136 GLY GLY A . n 
A 1 96  PRO 96  137 137 PRO PRO A . n 
A 1 97  GLY 97  138 138 GLY GLY A . n 
A 1 98  VAL 98  139 139 VAL VAL A . n 
A 1 99  LEU 99  140 140 LEU LEU A . n 
A 1 100 SER 100 141 141 SER SER A . n 
A 1 101 MET 101 142 142 MET MET A . n 
A 1 102 ALA 102 143 143 ALA ALA A . n 
A 1 103 ASN 103 144 144 ASN ASN A . n 
A 1 104 ALA 104 145 145 ALA ALA A . n 
A 1 105 GLY 105 146 146 GLY GLY A . n 
A 1 106 PRO 106 147 147 PRO PRO A . n 
A 1 107 ASN 107 148 148 ASN ASN A . n 
A 1 108 THR 108 149 149 THR THR A . n 
A 1 109 ASN 109 150 150 ASN ASN A . n 
A 1 110 GLY 110 151 151 GLY GLY A . n 
A 1 111 SER 111 152 152 SER SER A . n 
A 1 112 GLN 112 153 153 GLN GLN A . n 
A 1 113 PHE 113 154 154 PHE PHE A . n 
A 1 114 PHE 114 155 155 PHE PHE A . n 
A 1 115 ILE 115 156 156 ILE ILE A . n 
A 1 116 CYS 116 157 157 CYS CYS A . n 
A 1 117 THR 117 158 158 THR THR A . n 
A 1 118 ILE 118 159 159 ILE ILE A . n 
A 1 119 LYS 119 160 160 LYS LYS A . n 
A 1 120 THR 120 161 161 THR THR A . n 
A 1 121 ASP 121 162 162 ASP ASP A . n 
A 1 122 TRP 122 163 163 TRP TRP A . n 
A 1 123 LEU 123 164 164 LEU LEU A . n 
A 1 124 ASP 124 165 165 ASP ASP A . n 
A 1 125 GLY 125 166 166 GLY GLY A . n 
A 1 126 LYS 126 167 167 LYS LYS A . n 
A 1 127 HIS 127 168 168 HIS HIS A . n 
A 1 128 VAL 128 169 169 VAL VAL A . n 
A 1 129 VAL 129 170 170 VAL VAL A . n 
A 1 130 PHE 130 171 171 PHE PHE A . n 
A 1 131 GLY 131 172 172 GLY GLY A . n 
A 1 132 HIS 132 173 173 HIS HIS A . n 
A 1 133 VAL 133 174 174 VAL VAL A . n 
A 1 134 ILE 134 175 175 ILE ILE A . n 
A 1 135 GLU 135 176 176 GLU GLU A . n 
A 1 136 GLY 136 177 177 GLY GLY A . n 
A 1 137 MET 137 178 178 MET MET A . n 
A 1 138 ASP 138 179 179 ASP ASP A . n 
A 1 139 VAL 139 180 180 VAL VAL A . n 
A 1 140 VAL 140 181 181 VAL VAL A . n 
A 1 141 LYS 141 182 182 LYS LYS A . n 
A 1 142 LYS 142 183 183 LYS LYS A . n 
A 1 143 ILE 143 184 184 ILE ILE A . n 
A 1 144 GLU 144 185 185 GLU GLU A . n 
A 1 145 SER 145 186 186 SER SER A . n 
A 1 146 PHE 146 187 187 PHE PHE A . n 
A 1 147 GLY 147 188 188 GLY GLY A . n 
A 1 148 SER 148 189 189 SER SER A . n 
A 1 149 LYS 149 190 190 LYS LYS A . n 
A 1 150 SER 150 191 191 SER SER A . n 
A 1 151 GLY 151 192 192 GLY GLY A . n 
A 1 152 ARG 152 193 193 ARG ARG A . n 
A 1 153 THR 153 194 194 THR THR A . n 
A 1 154 SER 154 195 195 SER SER A . n 
A 1 155 LYS 155 196 196 LYS LYS A . n 
A 1 156 LYS 156 197 197 LYS LYS A . n 
A 1 157 ILE 157 198 198 ILE ILE A . n 
A 1 158 VAL 158 199 199 VAL VAL A . n 
A 1 159 ILE 159 200 200 ILE ILE A . n 
A 1 160 THR 160 201 201 THR THR A . n 
A 1 161 ASP 161 202 202 ASP ASP A . n 
A 1 162 CYS 162 203 203 CYS CYS A . n 
A 1 163 GLY 163 204 204 GLY GLY A . n 
A 1 164 GLN 164 205 205 GLN GLN A . n 
A 1 165 LEU 165 206 206 LEU LEU A . n 
A 1 166 SER 166 207 207 SER SER A . n 
# 
loop_
_pdbx_nonpoly_scheme.asym_id 
_pdbx_nonpoly_scheme.entity_id 
_pdbx_nonpoly_scheme.mon_id 
_pdbx_nonpoly_scheme.ndb_seq_num 
_pdbx_nonpoly_scheme.pdb_seq_num 
_pdbx_nonpoly_scheme.auth_seq_num 
_pdbx_nonpoly_scheme.pdb_mon_id 
_pdbx_nonpoly_scheme.auth_mon_id 
_pdbx_nonpoly_scheme.pdb_strand_id 
_pdbx_nonpoly_scheme.pdb_ins_code 
B 2 Q8A 1   301 1   Q8A Q8A A . 
C 2 Q8A 1   302 1   Q8A Q8A A . 
D 3 HOH 1   401 2   HOH HOH A . 
D 3 HOH 2   402 3   HOH HOH A . 
D 3 HOH 3   403 9   HOH HOH A . 
D 3 HOH 4   404 10  HOH HOH A . 
D 3 HOH 5   405 15  HOH HOH A . 
D 3 HOH 6   406 19  HOH HOH A . 
D 3 HOH 7   407 20  HOH HOH A . 
D 3 HOH 8   408 22  HOH HOH A . 
D 3 HOH 9   409 23  HOH HOH A . 
D 3 HOH 10  410 25  HOH HOH A . 
D 3 HOH 11  411 27  HOH HOH A . 
D 3 HOH 12  412 30  HOH HOH A . 
D 3 HOH 13  413 32  HOH HOH A . 
D 3 HOH 14  414 33  HOH HOH A . 
D 3 HOH 15  415 37  HOH HOH A . 
D 3 HOH 16  416 41  HOH HOH A . 
D 3 HOH 17  417 42  HOH HOH A . 
D 3 HOH 18  418 209 HOH HOH A . 
D 3 HOH 19  419 45  HOH HOH A . 
D 3 HOH 20  420 46  HOH HOH A . 
D 3 HOH 21  421 212 HOH HOH A . 
D 3 HOH 22  422 213 HOH HOH A . 
D 3 HOH 23  423 48  HOH HOH A . 
D 3 HOH 24  424 49  HOH HOH A . 
D 3 HOH 25  425 50  HOH HOH A . 
D 3 HOH 26  426 217 HOH HOH A . 
D 3 HOH 27  427 54  HOH HOH A . 
D 3 HOH 28  428 56  HOH HOH A . 
D 3 HOH 29  429 220 HOH HOH A . 
D 3 HOH 30  430 58  HOH HOH A . 
D 3 HOH 31  431 222 HOH HOH A . 
D 3 HOH 32  432 61  HOH HOH A . 
D 3 HOH 33  433 65  HOH HOH A . 
D 3 HOH 34  434 66  HOH HOH A . 
D 3 HOH 35  435 69  HOH HOH A . 
D 3 HOH 36  436 73  HOH HOH A . 
D 3 HOH 37  437 75  HOH HOH A . 
D 3 HOH 38  438 76  HOH HOH A . 
D 3 HOH 39  439 230 HOH HOH A . 
D 3 HOH 40  440 83  HOH HOH A . 
D 3 HOH 41  441 90  HOH HOH A . 
D 3 HOH 42  442 233 HOH HOH A . 
D 3 HOH 43  443 97  HOH HOH A . 
D 3 HOH 44  444 235 HOH HOH A . 
D 3 HOH 45  445 100 HOH HOH A . 
D 3 HOH 46  446 237 HOH HOH A . 
D 3 HOH 47  447 102 HOH HOH A . 
D 3 HOH 48  448 239 HOH HOH A . 
D 3 HOH 49  449 240 HOH HOH A . 
D 3 HOH 50  450 241 HOH HOH A . 
D 3 HOH 51  451 242 HOH HOH A . 
D 3 HOH 52  452 103 HOH HOH A . 
D 3 HOH 53  453 105 HOH HOH A . 
D 3 HOH 54  454 245 HOH HOH A . 
D 3 HOH 55  455 107 HOH HOH A . 
D 3 HOH 56  456 247 HOH HOH A . 
D 3 HOH 57  457 248 HOH HOH A . 
D 3 HOH 58  458 108 HOH HOH A . 
D 3 HOH 59  459 111 HOH HOH A . 
D 3 HOH 60  460 114 HOH HOH A . 
D 3 HOH 61  461 115 HOH HOH A . 
D 3 HOH 62  462 117 HOH HOH A . 
D 3 HOH 63  463 118 HOH HOH A . 
D 3 HOH 64  464 255 HOH HOH A . 
D 3 HOH 65  465 256 HOH HOH A . 
D 3 HOH 66  466 119 HOH HOH A . 
D 3 HOH 67  467 120 HOH HOH A . 
D 3 HOH 68  468 122 HOH HOH A . 
D 3 HOH 69  469 125 HOH HOH A . 
D 3 HOH 70  470 126 HOH HOH A . 
D 3 HOH 71  471 262 HOH HOH A . 
D 3 HOH 72  472 263 HOH HOH A . 
D 3 HOH 73  473 264 HOH HOH A . 
D 3 HOH 74  474 265 HOH HOH A . 
D 3 HOH 75  475 266 HOH HOH A . 
D 3 HOH 76  476 267 HOH HOH A . 
D 3 HOH 77  477 127 HOH HOH A . 
D 3 HOH 78  478 269 HOH HOH A . 
D 3 HOH 79  479 270 HOH HOH A . 
D 3 HOH 80  480 271 HOH HOH A . 
D 3 HOH 81  481 272 HOH HOH A . 
D 3 HOH 82  482 273 HOH HOH A . 
D 3 HOH 83  483 274 HOH HOH A . 
D 3 HOH 84  484 275 HOH HOH A . 
D 3 HOH 85  485 276 HOH HOH A . 
D 3 HOH 86  486 130 HOH HOH A . 
D 3 HOH 87  487 278 HOH HOH A . 
D 3 HOH 88  488 279 HOH HOH A . 
D 3 HOH 89  489 280 HOH HOH A . 
D 3 HOH 90  490 281 HOH HOH A . 
D 3 HOH 91  491 282 HOH HOH A . 
D 3 HOH 92  492 283 HOH HOH A . 
D 3 HOH 93  493 284 HOH HOH A . 
D 3 HOH 94  494 131 HOH HOH A . 
D 3 HOH 95  495 133 HOH HOH A . 
D 3 HOH 96  496 287 HOH HOH A . 
D 3 HOH 97  497 134 HOH HOH A . 
D 3 HOH 98  498 136 HOH HOH A . 
D 3 HOH 99  499 138 HOH HOH A . 
D 3 HOH 100 500 291 HOH HOH A . 
D 3 HOH 101 501 292 HOH HOH A . 
D 3 HOH 102 502 142 HOH HOH A . 
D 3 HOH 103 503 145 HOH HOH A . 
D 3 HOH 104 504 147 HOH HOH A . 
D 3 HOH 105 505 296 HOH HOH A . 
D 3 HOH 106 506 297 HOH HOH A . 
D 3 HOH 107 507 148 HOH HOH A . 
D 3 HOH 108 508 152 HOH HOH A . 
D 3 HOH 109 509 300 HOH HOH A . 
D 3 HOH 110 510 301 HOH HOH A . 
D 3 HOH 111 511 154 HOH HOH A . 
D 3 HOH 112 512 303 HOH HOH A . 
D 3 HOH 113 513 157 HOH HOH A . 
D 3 HOH 114 514 305 HOH HOH A . 
D 3 HOH 115 515 306 HOH HOH A . 
D 3 HOH 116 516 158 HOH HOH A . 
D 3 HOH 117 517 161 HOH HOH A . 
D 3 HOH 118 518 162 HOH HOH A . 
D 3 HOH 119 519 164 HOH HOH A . 
D 3 HOH 120 520 167 HOH HOH A . 
D 3 HOH 121 521 170 HOH HOH A . 
D 3 HOH 122 522 313 HOH HOH A . 
D 3 HOH 123 523 175 HOH HOH A . 
D 3 HOH 124 524 176 HOH HOH A . 
D 3 HOH 125 525 316 HOH HOH A . 
D 3 HOH 126 526 317 HOH HOH A . 
D 3 HOH 127 527 177 HOH HOH A . 
D 3 HOH 128 528 180 HOH HOH A . 
D 3 HOH 129 529 181 HOH HOH A . 
D 3 HOH 130 530 321 HOH HOH A . 
D 3 HOH 131 531 322 HOH HOH A . 
D 3 HOH 132 532 323 HOH HOH A . 
D 3 HOH 133 533 324 HOH HOH A . 
D 3 HOH 134 534 325 HOH HOH A . 
D 3 HOH 135 535 182 HOH HOH A . 
D 3 HOH 136 536 183 HOH HOH A . 
D 3 HOH 137 537 184 HOH HOH A . 
D 3 HOH 138 538 329 HOH HOH A . 
D 3 HOH 139 539 330 HOH HOH A . 
D 3 HOH 140 540 331 HOH HOH A . 
D 3 HOH 141 541 332 HOH HOH A . 
D 3 HOH 142 542 333 HOH HOH A . 
D 3 HOH 143 543 334 HOH HOH A . 
D 3 HOH 144 544 335 HOH HOH A . 
D 3 HOH 145 545 336 HOH HOH A . 
D 3 HOH 146 546 337 HOH HOH A . 
D 3 HOH 147 547 338 HOH HOH A . 
D 3 HOH 148 548 339 HOH HOH A . 
D 3 HOH 149 549 185 HOH HOH A . 
D 3 HOH 150 550 186 HOH HOH A . 
D 3 HOH 151 551 342 HOH HOH A . 
D 3 HOH 152 552 187 HOH HOH A . 
D 3 HOH 153 553 344 HOH HOH A . 
D 3 HOH 154 554 188 HOH HOH A . 
D 3 HOH 155 555 189 HOH HOH A . 
D 3 HOH 156 556 347 HOH HOH A . 
D 3 HOH 157 557 190 HOH HOH A . 
D 3 HOH 158 558 349 HOH HOH A . 
D 3 HOH 159 559 201 HOH HOH A . 
D 3 HOH 160 560 202 HOH HOH A . 
D 3 HOH 161 561 203 HOH HOH A . 
D 3 HOH 162 562 207 HOH HOH A . 
D 3 HOH 163 563 354 HOH HOH A . 
D 3 HOH 164 564 355 HOH HOH A . 
D 3 HOH 165 565 360 HOH HOH A . 
D 3 HOH 166 566 369 HOH HOH A . 
D 3 HOH 167 567 370 HOH HOH A . 
D 3 HOH 168 568 372 HOH HOH A . 
D 3 HOH 169 569 373 HOH HOH A . 
D 3 HOH 170 570 377 HOH HOH A . 
D 3 HOH 171 571 381 HOH HOH A . 
D 3 HOH 172 572 386 HOH HOH A . 
D 3 HOH 173 573 387 HOH HOH A . 
D 3 HOH 174 574 388 HOH HOH A . 
D 3 HOH 175 575 389 HOH HOH A . 
D 3 HOH 176 576 390 HOH HOH A . 
D 3 HOH 177 577 393 HOH HOH A . 
D 3 HOH 178 578 394 HOH HOH A . 
D 3 HOH 179 579 395 HOH HOH A . 
D 3 HOH 180 580 396 HOH HOH A . 
D 3 HOH 181 581 398 HOH HOH A . 
D 3 HOH 182 582 400 HOH HOH A . 
D 3 HOH 183 583 406 HOH HOH A . 
D 3 HOH 184 584 407 HOH HOH A . 
D 3 HOH 185 585 408 HOH HOH A . 
D 3 HOH 186 586 409 HOH HOH A . 
D 3 HOH 187 587 411 HOH HOH A . 
D 3 HOH 188 588 413 HOH HOH A . 
D 3 HOH 189 589 418 HOH HOH A . 
D 3 HOH 190 590 419 HOH HOH A . 
D 3 HOH 191 591 420 HOH HOH A . 
D 3 HOH 192 592 421 HOH HOH A . 
D 3 HOH 193 593 422 HOH HOH A . 
D 3 HOH 194 594 423 HOH HOH A . 
D 3 HOH 195 595 424 HOH HOH A . 
D 3 HOH 196 596 426 HOH HOH A . 
D 3 HOH 197 597 428 HOH HOH A . 
D 3 HOH 198 598 429 HOH HOH A . 
D 3 HOH 199 599 430 HOH HOH A . 
D 3 HOH 200 600 431 HOH HOH A . 
D 3 HOH 201 601 432 HOH HOH A . 
D 3 HOH 202 602 433 HOH HOH A . 
D 3 HOH 203 603 434 HOH HOH A . 
D 3 HOH 204 604 435 HOH HOH A . 
D 3 HOH 205 605 436 HOH HOH A . 
D 3 HOH 206 606 437 HOH HOH A . 
D 3 HOH 207 607 438 HOH HOH A . 
D 3 HOH 208 608 439 HOH HOH A . 
D 3 HOH 209 609 440 HOH HOH A . 
D 3 HOH 210 610 441 HOH HOH A . 
D 3 HOH 211 611 442 HOH HOH A . 
D 3 HOH 212 612 443 HOH HOH A . 
D 3 HOH 213 613 444 HOH HOH A . 
D 3 HOH 214 614 445 HOH HOH A . 
D 3 HOH 215 615 446 HOH HOH A . 
D 3 HOH 216 616 447 HOH HOH A . 
D 3 HOH 217 617 448 HOH HOH A . 
D 3 HOH 218 618 449 HOH HOH A . 
D 3 HOH 219 619 450 HOH HOH A . 
D 3 HOH 220 620 451 HOH HOH A . 
D 3 HOH 221 621 452 HOH HOH A . 
D 3 HOH 222 622 453 HOH HOH A . 
D 3 HOH 223 623 454 HOH HOH A . 
D 3 HOH 224 624 455 HOH HOH A . 
D 3 HOH 225 625 456 HOH HOH A . 
D 3 HOH 226 626 457 HOH HOH A . 
D 3 HOH 227 627 458 HOH HOH A . 
D 3 HOH 228 628 460 HOH HOH A . 
D 3 HOH 229 629 461 HOH HOH A . 
D 3 HOH 230 630 462 HOH HOH A . 
D 3 HOH 231 631 463 HOH HOH A . 
D 3 HOH 232 632 464 HOH HOH A . 
D 3 HOH 233 633 465 HOH HOH A . 
D 3 HOH 234 634 468 HOH HOH A . 
D 3 HOH 235 635 469 HOH HOH A . 
D 3 HOH 236 636 471 HOH HOH A . 
D 3 HOH 237 637 472 HOH HOH A . 
D 3 HOH 238 638 474 HOH HOH A . 
D 3 HOH 239 639 475 HOH HOH A . 
D 3 HOH 240 640 476 HOH HOH A . 
D 3 HOH 241 641 477 HOH HOH A . 
D 3 HOH 242 642 478 HOH HOH A . 
D 3 HOH 243 643 480 HOH HOH A . 
D 3 HOH 244 644 482 HOH HOH A . 
D 3 HOH 245 645 483 HOH HOH A . 
D 3 HOH 246 646 484 HOH HOH A . 
D 3 HOH 247 647 485 HOH HOH A . 
D 3 HOH 248 648 487 HOH HOH A . 
D 3 HOH 249 649 488 HOH HOH A . 
D 3 HOH 250 650 489 HOH HOH A . 
D 3 HOH 251 651 490 HOH HOH A . 
D 3 HOH 252 652 491 HOH HOH A . 
D 3 HOH 253 653 492 HOH HOH A . 
D 3 HOH 254 654 494 HOH HOH A . 
D 3 HOH 255 655 495 HOH HOH A . 
D 3 HOH 256 656 496 HOH HOH A . 
D 3 HOH 257 657 497 HOH HOH A . 
D 3 HOH 258 658 498 HOH HOH A . 
D 3 HOH 259 659 499 HOH HOH A . 
D 3 HOH 260 660 500 HOH HOH A . 
D 3 HOH 261 661 501 HOH HOH A . 
D 3 HOH 262 662 502 HOH HOH A . 
# 
loop_
_software.name 
_software.classification 
_software.version 
_software.citation_id 
_software.pdbx_ordinal 
DNA    'data collection' .        ? 1 
X-PLOR 'model building'  .        ? 2 
REFMAC refinement        5.4.0062 ? 3 
MOSFLM 'data reduction'  .        ? 4 
SCALA  'data scaling'    .        ? 5 
X-PLOR phasing           .        ? 6 
# 
_cell.entry_id           3R49 
_cell.length_a           56.628 
_cell.length_b           56.628 
_cell.length_c           86.795 
_cell.angle_alpha        90.00 
_cell.angle_beta         90.00 
_cell.angle_gamma        90.00 
_cell.Z_PDB              8 
_cell.pdbx_unique_axis   ? 
_cell.length_a_esd       ? 
_cell.length_b_esd       ? 
_cell.length_c_esd       ? 
_cell.angle_alpha_esd    ? 
_cell.angle_beta_esd     ? 
_cell.angle_gamma_esd    ? 
# 
_symmetry.entry_id                         3R49 
_symmetry.space_group_name_H-M             'P 41 21 2' 
_symmetry.pdbx_full_space_group_name_H-M   ? 
_symmetry.cell_setting                     ? 
_symmetry.Int_Tables_number                92 
_symmetry.space_group_name_Hall            ? 
# 
_exptl.entry_id          3R49 
_exptl.method            'X-RAY DIFFRACTION' 
_exptl.crystals_number   1 
# 
_exptl_crystal.id                    1 
_exptl_crystal.density_meas          ? 
_exptl_crystal.density_Matthews      1.96 
_exptl_crystal.density_percent_sol   37.28 
_exptl_crystal.description           ? 
_exptl_crystal.F_000                 ? 
_exptl_crystal.preparation           ? 
# 
_exptl_crystal_grow.crystal_id      1 
_exptl_crystal_grow.method          'VAPOR DIFFUSION, HANGING DROP' 
_exptl_crystal_grow.temp            291 
_exptl_crystal_grow.temp_details    ? 
_exptl_crystal_grow.pH              7.3 
_exptl_crystal_grow.pdbx_details    '30% PEG4000, pH 7.3, VAPOR DIFFUSION, HANGING DROP, temperature 291K' 
_exptl_crystal_grow.pdbx_pH_range   ? 
# 
_diffrn.id                     1 
_diffrn.ambient_temp           100 
_diffrn.ambient_temp_details   ? 
_diffrn.crystal_id             1 
# 
_diffrn_detector.diffrn_id              1 
_diffrn_detector.detector               CCD 
_diffrn_detector.type                   'ADSC QUANTUM 315r' 
_diffrn_detector.pdbx_collection_date   2008-04-18 
_diffrn_detector.details                ? 
# 
_diffrn_radiation.diffrn_id                        1 
_diffrn_radiation.wavelength_id                    1 
_diffrn_radiation.pdbx_monochromatic_or_laue_m_l   M 
_diffrn_radiation.monochromator                    'yale mirrors' 
_diffrn_radiation.pdbx_diffrn_protocol             'SINGLE WAVELENGTH' 
_diffrn_radiation.pdbx_scattering_type             x-ray 
# 
_diffrn_radiation_wavelength.id           1 
_diffrn_radiation_wavelength.wavelength   0.979682 
_diffrn_radiation_wavelength.wt           1.0 
# 
_diffrn_source.diffrn_id                   1 
_diffrn_source.source                      SYNCHROTRON 
_diffrn_source.type                        'ESRF BEAMLINE BM30A' 
_diffrn_source.pdbx_synchrotron_site       ESRF 
_diffrn_source.pdbx_synchrotron_beamline   BM30A 
_diffrn_source.pdbx_wavelength             0.979682 
_diffrn_source.pdbx_wavelength_list        ? 
# 
_reflns.entry_id                     3R49 
_reflns.observed_criterion_sigma_I   1.0 
_reflns.observed_criterion_sigma_F   9.0 
_reflns.d_resolution_low             29.4 
_reflns.d_resolution_high            1.77 
_reflns.number_obs                   13514 
_reflns.number_all                   14229 
_reflns.percent_possible_obs         99.4 
_reflns.pdbx_Rmerge_I_obs            ? 
_reflns.pdbx_Rsym_value              0.081 
_reflns.pdbx_netI_over_sigmaI        ? 
_reflns.B_iso_Wilson_estimate        ? 
_reflns.pdbx_redundancy              2.5 
_reflns.R_free_details               ? 
_reflns.limit_h_max                  ? 
_reflns.limit_h_min                  ? 
_reflns.limit_k_max                  ? 
_reflns.limit_k_min                  ? 
_reflns.limit_l_max                  ? 
_reflns.limit_l_min                  ? 
_reflns.observed_criterion_F_max     ? 
_reflns.observed_criterion_F_min     ? 
_reflns.pdbx_chi_squared             ? 
_reflns.pdbx_scaling_rejects         ? 
_reflns.pdbx_ordinal                 1 
_reflns.pdbx_diffrn_id               1 
# 
_reflns_shell.d_res_high             1.77 
_reflns_shell.d_res_low              1.816 
_reflns_shell.percent_possible_all   99.9 
_reflns_shell.Rmerge_I_obs           ? 
_reflns_shell.pdbx_Rsym_value        ? 
_reflns_shell.meanI_over_sigI_obs    ? 
_reflns_shell.pdbx_redundancy        ? 
_reflns_shell.percent_possible_obs   ? 
_reflns_shell.number_unique_all      ? 
_reflns_shell.number_measured_all    ? 
_reflns_shell.number_measured_obs    ? 
_reflns_shell.number_unique_obs      ? 
_reflns_shell.pdbx_chi_squared       ? 
_reflns_shell.pdbx_ordinal           1 
_reflns_shell.pdbx_diffrn_id         1 
# 
_refine.entry_id                                 3R49 
_refine.ls_number_reflns_obs                     13514 
_refine.ls_number_reflns_all                     14229 
_refine.pdbx_ls_sigma_I                          ? 
_refine.pdbx_ls_sigma_F                          ? 
_refine.pdbx_data_cutoff_high_absF               ? 
_refine.pdbx_data_cutoff_low_absF                ? 
_refine.pdbx_data_cutoff_high_rms_absF           ? 
_refine.ls_d_res_low                             26.92 
_refine.ls_d_res_high                            1.77 
_refine.ls_percent_reflns_obs                    98.99 
_refine.ls_R_factor_obs                          0.18823 
_refine.ls_R_factor_all                          ? 
_refine.ls_R_factor_R_work                       0.18580 
_refine.ls_R_factor_R_free                       0.23568 
_refine.ls_R_factor_R_free_error                 ? 
_refine.ls_R_factor_R_free_error_details         ? 
_refine.ls_percent_reflns_R_free                 4.9 
_refine.ls_number_reflns_R_free                  701 
_refine.ls_number_parameters                     ? 
_refine.ls_number_restraints                     ? 
_refine.occupancy_min                            ? 
_refine.occupancy_max                            ? 
_refine.correlation_coeff_Fo_to_Fc               0.952 
_refine.correlation_coeff_Fo_to_Fc_free          0.928 
_refine.B_iso_mean                               11.627 
_refine.aniso_B[1][1]                            -0.26 
_refine.aniso_B[2][2]                            -0.26 
_refine.aniso_B[3][3]                            0.51 
_refine.aniso_B[1][2]                            0.00 
_refine.aniso_B[1][3]                            0.00 
_refine.aniso_B[2][3]                            0.00 
_refine.solvent_model_details                    MASK 
_refine.solvent_model_param_ksol                 ? 
_refine.solvent_model_param_bsol                 ? 
_refine.pdbx_solvent_vdw_probe_radii             1.40 
_refine.pdbx_solvent_ion_probe_radii             0.80 
_refine.pdbx_solvent_shrinkage_radii             0.80 
_refine.pdbx_ls_cross_valid_method               THROUGHOUT 
_refine.details                                  'HYDROGENS HAVE BEEN ADDED IN THE RIDING POSITIONS' 
_refine.pdbx_starting_model                      ? 
_refine.pdbx_method_to_determine_struct          'MOLECULAR REPLACEMENT' 
_refine.pdbx_isotropic_thermal_model             ? 
_refine.pdbx_stereochemistry_target_values       'MAXIMUM LIKELIHOOD' 
_refine.pdbx_stereochem_target_val_spec_case     ? 
_refine.pdbx_R_Free_selection_details            RANDOM 
_refine.pdbx_overall_ESU_R_Free                  0.144 
_refine.overall_SU_ML                            0.102 
_refine.overall_SU_B                             3.246 
_refine.overall_SU_R_Cruickshank_DPI             ? 
_refine.ls_redundancy_reflns_obs                 ? 
_refine.B_iso_min                                ? 
_refine.B_iso_max                                ? 
_refine.overall_SU_R_free                        ? 
_refine.ls_wR_factor_R_free                      ? 
_refine.ls_wR_factor_R_work                      ? 
_refine.overall_FOM_free_R_set                   ? 
_refine.overall_FOM_work_R_set                   ? 
_refine.pdbx_overall_phase_error                 ? 
_refine.pdbx_refine_id                           'X-RAY DIFFRACTION' 
_refine.pdbx_overall_ESU_R                       0.154 
_refine.pdbx_diffrn_id                           1 
_refine.pdbx_TLS_residual_ADP_flag               ? 
_refine.pdbx_overall_SU_R_free_Cruickshank_DPI   ? 
_refine.pdbx_overall_SU_R_Blow_DPI               ? 
_refine.pdbx_overall_SU_R_free_Blow_DPI          ? 
# 
_refine_hist.pdbx_refine_id                   'X-RAY DIFFRACTION' 
_refine_hist.cycle_id                         LAST 
_refine_hist.pdbx_number_atoms_protein        1240 
_refine_hist.pdbx_number_atoms_nucleic_acid   0 
_refine_hist.pdbx_number_atoms_ligand         22 
_refine_hist.number_atoms_solvent             262 
_refine_hist.number_atoms_total               1524 
_refine_hist.d_res_high                       1.77 
_refine_hist.d_res_low                        26.92 
# 
loop_
_refine_ls_restr.type 
_refine_ls_restr.dev_ideal 
_refine_ls_restr.dev_ideal_target 
_refine_ls_restr.weight 
_refine_ls_restr.number 
_refine_ls_restr.pdbx_restraint_function 
_refine_ls_restr.pdbx_refine_id 
r_bond_refined_d       0.006  0.022  ? 1310 ? 'X-RAY DIFFRACTION' 
r_bond_other_d         0.002  0.020  ? 904  ? 'X-RAY DIFFRACTION' 
r_angle_refined_deg    0.978  1.971  ? 1765 ? 'X-RAY DIFFRACTION' 
r_angle_other_deg      0.806  3.005  ? 2191 ? 'X-RAY DIFFRACTION' 
r_dihedral_angle_1_deg 5.818  5.000  ? 165  ? 'X-RAY DIFFRACTION' 
r_dihedral_angle_2_deg 32.229 24.074 ? 54   ? 'X-RAY DIFFRACTION' 
r_dihedral_angle_3_deg 10.365 15.000 ? 223  ? 'X-RAY DIFFRACTION' 
r_dihedral_angle_4_deg 18.647 15.000 ? 6    ? 'X-RAY DIFFRACTION' 
r_chiral_restr         0.061  0.200  ? 188  ? 'X-RAY DIFFRACTION' 
r_gen_planes_refined   0.003  0.021  ? 1468 ? 'X-RAY DIFFRACTION' 
r_gen_planes_other     0.001  0.020  ? 267  ? 'X-RAY DIFFRACTION' 
r_mcbond_it            0.254  1.500  ? 809  ? 'X-RAY DIFFRACTION' 
r_mcbond_other         0.053  1.500  ? 343  ? 'X-RAY DIFFRACTION' 
r_mcangle_it           0.456  2.000  ? 1303 ? 'X-RAY DIFFRACTION' 
r_scbond_it            0.690  3.000  ? 501  ? 'X-RAY DIFFRACTION' 
r_scangle_it           1.113  4.500  ? 461  ? 'X-RAY DIFFRACTION' 
# 
_refine_ls_shell.pdbx_total_number_of_bins_used   20 
_refine_ls_shell.d_res_high                       1.770 
_refine_ls_shell.d_res_low                        1.816 
_refine_ls_shell.number_reflns_R_work             976 
_refine_ls_shell.R_factor_R_work                  0.341 
_refine_ls_shell.percent_reflns_obs               99.81 
_refine_ls_shell.R_factor_R_free                  0.340 
_refine_ls_shell.R_factor_R_free_error            ? 
_refine_ls_shell.percent_reflns_R_free            ? 
_refine_ls_shell.number_reflns_R_free             53 
_refine_ls_shell.number_reflns_all                ? 
_refine_ls_shell.R_factor_all                     ? 
_refine_ls_shell.number_reflns_obs                ? 
_refine_ls_shell.redundancy_reflns_obs            ? 
_refine_ls_shell.pdbx_refine_id                   'X-RAY DIFFRACTION' 
# 
_struct.entry_id                  3R49 
_struct.title                     'Human cyclophilin D complexed with quinolin-8-amine' 
_struct.pdbx_model_details        ? 
_struct.pdbx_CASP_flag            ? 
_struct.pdbx_model_type_details   ? 
# 
_struct_keywords.entry_id        3R49 
_struct_keywords.pdbx_keywords   'ISOMERASE/ISOMERASE INHIBITOR' 
_struct_keywords.text            
'beta barrel, prolyl cis/trans isomerase, mitochondria, inhibitor, ISOMERASE-ISOMERASE INHIBITOR complex' 
# 
loop_
_struct_asym.id 
_struct_asym.pdbx_blank_PDB_chainid_flag 
_struct_asym.pdbx_modified 
_struct_asym.entity_id 
_struct_asym.details 
A N N 1 ? 
B N N 2 ? 
C N N 2 ? 
D N N 3 ? 
# 
_struct_ref.id                         1 
_struct_ref.db_name                    UNP 
_struct_ref.db_code                    PPIF_HUMAN 
_struct_ref.pdbx_db_accession          P30405 
_struct_ref.entity_id                  1 
_struct_ref.pdbx_seq_one_letter_code   
;SGNPLVYLDVDANGKPLGRVVLELKADVVPKTAENFRALCTGEKGFGYKGSTFHRVIPSFMCQAGDFTNHNGTGGKSIYG
SRFPDENFTLKHVGPGVLSMANAGPNTNGSQFFICTIKTDWLDGKHVVFGHVKEGMDVVKKIESFGSKSGRTSKKIVITD
CGQLS
;
_struct_ref.pdbx_align_begin           43 
_struct_ref.pdbx_db_isoform            ? 
# 
_struct_ref_seq.align_id                      1 
_struct_ref_seq.ref_id                        1 
_struct_ref_seq.pdbx_PDB_id_code              3R49 
_struct_ref_seq.pdbx_strand_id                A 
_struct_ref_seq.seq_align_beg                 2 
_struct_ref_seq.pdbx_seq_align_beg_ins_code   ? 
_struct_ref_seq.seq_align_end                 166 
_struct_ref_seq.pdbx_seq_align_end_ins_code   ? 
_struct_ref_seq.pdbx_db_accession             P30405 
_struct_ref_seq.db_align_beg                  43 
_struct_ref_seq.pdbx_db_align_beg_ins_code    ? 
_struct_ref_seq.db_align_end                  207 
_struct_ref_seq.pdbx_db_align_end_ins_code    ? 
_struct_ref_seq.pdbx_auth_seq_align_beg       43 
_struct_ref_seq.pdbx_auth_seq_align_end       207 
# 
loop_
_struct_ref_seq_dif.align_id 
_struct_ref_seq_dif.pdbx_pdb_id_code 
_struct_ref_seq_dif.mon_id 
_struct_ref_seq_dif.pdbx_pdb_strand_id 
_struct_ref_seq_dif.seq_num 
_struct_ref_seq_dif.pdbx_pdb_ins_code 
_struct_ref_seq_dif.pdbx_seq_db_name 
_struct_ref_seq_dif.pdbx_seq_db_accession_code 
_struct_ref_seq_dif.db_mon_id 
_struct_ref_seq_dif.pdbx_seq_db_seq_num 
_struct_ref_seq_dif.details 
_struct_ref_seq_dif.pdbx_auth_seq_num 
_struct_ref_seq_dif.pdbx_ordinal 
1 3R49 MET A 1   ? UNP P30405 ?   ?   'initiating methionine' 42  1 
1 3R49 ILE A 134 ? UNP P30405 LYS 175 'engineered mutation'   175 2 
# 
_pdbx_struct_assembly.id                   1 
_pdbx_struct_assembly.details              author_and_software_defined_assembly 
_pdbx_struct_assembly.method_details       PISA 
_pdbx_struct_assembly.oligomeric_details   monomeric 
_pdbx_struct_assembly.oligomeric_count     1 
# 
_pdbx_struct_assembly_gen.assembly_id       1 
_pdbx_struct_assembly_gen.oper_expression   1 
_pdbx_struct_assembly_gen.asym_id_list      A,B,C,D 
# 
_pdbx_struct_oper_list.id                   1 
_pdbx_struct_oper_list.type                 'identity operation' 
_pdbx_struct_oper_list.name                 1_555 
_pdbx_struct_oper_list.symmetry_operation   x,y,z 
_pdbx_struct_oper_list.matrix[1][1]         1.0000000000 
_pdbx_struct_oper_list.matrix[1][2]         0.0000000000 
_pdbx_struct_oper_list.matrix[1][3]         0.0000000000 
_pdbx_struct_oper_list.vector[1]            0.0000000000 
_pdbx_struct_oper_list.matrix[2][1]         0.0000000000 
_pdbx_struct_oper_list.matrix[2][2]         1.0000000000 
_pdbx_struct_oper_list.matrix[2][3]         0.0000000000 
_pdbx_struct_oper_list.vector[2]            0.0000000000 
_pdbx_struct_oper_list.matrix[3][1]         0.0000000000 
_pdbx_struct_oper_list.matrix[3][2]         0.0000000000 
_pdbx_struct_oper_list.matrix[3][3]         1.0000000000 
_pdbx_struct_oper_list.vector[3]            0.0000000000 
# 
_struct_biol.id        1 
_struct_biol.details   ? 
# 
loop_
_struct_conf.conf_type_id 
_struct_conf.id 
_struct_conf.pdbx_PDB_helix_id 
_struct_conf.beg_label_comp_id 
_struct_conf.beg_label_asym_id 
_struct_conf.beg_label_seq_id 
_struct_conf.pdbx_beg_PDB_ins_code 
_struct_conf.end_label_comp_id 
_struct_conf.end_label_asym_id 
_struct_conf.end_label_seq_id 
_struct_conf.pdbx_end_PDB_ins_code 
_struct_conf.beg_auth_comp_id 
_struct_conf.beg_auth_asym_id 
_struct_conf.beg_auth_seq_id 
_struct_conf.end_auth_comp_id 
_struct_conf.end_auth_asym_id 
_struct_conf.end_auth_seq_id 
_struct_conf.pdbx_PDB_helix_class 
_struct_conf.details 
_struct_conf.pdbx_PDB_helix_length 
HELX_P HELX_P1 1 VAL A 30  ? GLY A 43  ? VAL A 71  GLY A 84  1 ? 14 
HELX_P HELX_P2 2 THR A 120 ? ASP A 124 ? THR A 161 ASP A 165 5 ? 5  
HELX_P HELX_P3 3 GLY A 136 ? PHE A 146 ? GLY A 177 PHE A 187 1 ? 11 
# 
_struct_conf_type.id          HELX_P 
_struct_conf_type.criteria    ? 
_struct_conf_type.reference   ? 
# 
_struct_sheet.id               A 
_struct_sheet.type             ? 
_struct_sheet.number_strands   8 
_struct_sheet.details          ? 
# 
loop_
_struct_sheet_order.sheet_id 
_struct_sheet_order.range_id_1 
_struct_sheet_order.range_id_2 
_struct_sheet_order.offset 
_struct_sheet_order.sense 
A 1 2 ? anti-parallel 
A 2 3 ? anti-parallel 
A 3 4 ? anti-parallel 
A 4 5 ? anti-parallel 
A 5 6 ? anti-parallel 
A 6 7 ? anti-parallel 
A 7 8 ? anti-parallel 
# 
loop_
_struct_sheet_range.sheet_id 
_struct_sheet_range.id 
_struct_sheet_range.beg_label_comp_id 
_struct_sheet_range.beg_label_asym_id 
_struct_sheet_range.beg_label_seq_id 
_struct_sheet_range.pdbx_beg_PDB_ins_code 
_struct_sheet_range.end_label_comp_id 
_struct_sheet_range.end_label_asym_id 
_struct_sheet_range.end_label_seq_id 
_struct_sheet_range.pdbx_end_PDB_ins_code 
_struct_sheet_range.beg_auth_comp_id 
_struct_sheet_range.beg_auth_asym_id 
_struct_sheet_range.beg_auth_seq_id 
_struct_sheet_range.end_auth_comp_id 
_struct_sheet_range.end_auth_asym_id 
_struct_sheet_range.end_auth_seq_id 
A 1 PHE A 54  ? ILE A 58  ? PHE A 95  ILE A 99  
A 2 MET A 62  ? ALA A 65  ? MET A 103 ALA A 106 
A 3 PHE A 113 ? CYS A 116 ? PHE A 154 CYS A 157 
A 4 VAL A 98  ? MET A 101 ? VAL A 139 MET A 142 
A 5 VAL A 129 ? GLU A 135 ? VAL A 170 GLU A 176 
A 6 LYS A 16  ? LEU A 25  ? LYS A 57  LEU A 66  
A 7 LEU A 6   ? ALA A 13  ? LEU A 47  ALA A 54  
A 8 ILE A 157 ? GLN A 164 ? ILE A 198 GLN A 205 
# 
loop_
_pdbx_struct_sheet_hbond.sheet_id 
_pdbx_struct_sheet_hbond.range_id_1 
_pdbx_struct_sheet_hbond.range_id_2 
_pdbx_struct_sheet_hbond.range_1_label_atom_id 
_pdbx_struct_sheet_hbond.range_1_label_comp_id 
_pdbx_struct_sheet_hbond.range_1_label_asym_id 
_pdbx_struct_sheet_hbond.range_1_label_seq_id 
_pdbx_struct_sheet_hbond.range_1_PDB_ins_code 
_pdbx_struct_sheet_hbond.range_1_auth_atom_id 
_pdbx_struct_sheet_hbond.range_1_auth_comp_id 
_pdbx_struct_sheet_hbond.range_1_auth_asym_id 
_pdbx_struct_sheet_hbond.range_1_auth_seq_id 
_pdbx_struct_sheet_hbond.range_2_label_atom_id 
_pdbx_struct_sheet_hbond.range_2_label_comp_id 
_pdbx_struct_sheet_hbond.range_2_label_asym_id 
_pdbx_struct_sheet_hbond.range_2_label_seq_id 
_pdbx_struct_sheet_hbond.range_2_PDB_ins_code 
_pdbx_struct_sheet_hbond.range_2_auth_atom_id 
_pdbx_struct_sheet_hbond.range_2_auth_comp_id 
_pdbx_struct_sheet_hbond.range_2_auth_asym_id 
_pdbx_struct_sheet_hbond.range_2_auth_seq_id 
A 1 2 N ARG A 56  ? N ARG A 97  O GLN A 64  ? O GLN A 105 
A 2 3 N ALA A 65  ? N ALA A 106 O PHE A 113 ? O PHE A 154 
A 3 4 O CYS A 116 ? O CYS A 157 N VAL A 98  ? N VAL A 139 
A 4 5 N LEU A 99  ? N LEU A 140 O GLY A 131 ? O GLY A 172 
A 5 6 O GLU A 135 ? O GLU A 176 N VAL A 22  ? N VAL A 63  
A 6 7 O LEU A 18  ? O LEU A 59  N VAL A 11  ? N VAL A 52  
A 7 8 N ASP A 10  ? N ASP A 51  O ASP A 161 ? O ASP A 202 
# 
loop_
_struct_site.id 
_struct_site.pdbx_evidence_code 
_struct_site.pdbx_auth_asym_id 
_struct_site.pdbx_auth_comp_id 
_struct_site.pdbx_auth_seq_id 
_struct_site.pdbx_auth_ins_code 
_struct_site.pdbx_num_residues 
_struct_site.details 
AC1 Software A Q8A 301 ? 8 'BINDING SITE FOR RESIDUE Q8A A 301' 
AC2 Software A Q8A 302 ? 5 'BINDING SITE FOR RESIDUE Q8A A 302' 
# 
loop_
_struct_site_gen.id 
_struct_site_gen.site_id 
_struct_site_gen.pdbx_num_res 
_struct_site_gen.label_comp_id 
_struct_site_gen.label_asym_id 
_struct_site_gen.label_seq_id 
_struct_site_gen.pdbx_auth_ins_code 
_struct_site_gen.auth_comp_id 
_struct_site_gen.auth_asym_id 
_struct_site_gen.auth_seq_id 
_struct_site_gen.label_atom_id 
_struct_site_gen.label_alt_id 
_struct_site_gen.symmetry 
_struct_site_gen.details 
1  AC1 8 GLY A 73  ? GLY A 114 . ? 1_555 ? 
2  AC1 8 THR A 74  ? THR A 115 . ? 1_555 ? 
3  AC1 8 ARG A 83  ? ARG A 124 . ? 1_555 ? 
4  AC1 8 ALA A 102 ? ALA A 143 . ? 1_555 ? 
5  AC1 8 ASN A 103 ? ASN A 144 . ? 1_555 ? 
6  AC1 8 THR A 108 ? THR A 149 . ? 1_555 ? 
7  AC1 8 HOH D .   ? HOH A 456 . ? 1_555 ? 
8  AC1 8 HOH D .   ? HOH A 483 . ? 4_454 ? 
9  AC2 5 TYR A 80  ? TYR A 121 . ? 6_555 ? 
10 AC2 5 VAL A 94  ? VAL A 135 . ? 1_555 ? 
11 AC2 5 HIS A 132 ? HIS A 173 . ? 1_555 ? 
12 AC2 5 HOH D .   ? HOH A 538 . ? 1_555 ? 
13 AC2 5 HOH D .   ? HOH A 587 . ? 1_555 ? 
# 
loop_
_pdbx_validate_torsion.id 
_pdbx_validate_torsion.PDB_model_num 
_pdbx_validate_torsion.auth_comp_id 
_pdbx_validate_torsion.auth_asym_id 
_pdbx_validate_torsion.auth_seq_id 
_pdbx_validate_torsion.PDB_ins_code 
_pdbx_validate_torsion.label_alt_id 
_pdbx_validate_torsion.phi 
_pdbx_validate_torsion.psi 
1 1 PHE A 102 ? ? -141.52 -77.35 
2 1 ASN A 113 ? ? -147.89 -0.94  
3 1 THR A 161 ? ? -101.70 60.98  
# 
loop_
_pdbx_struct_special_symmetry.id 
_pdbx_struct_special_symmetry.PDB_model_num 
_pdbx_struct_special_symmetry.auth_asym_id 
_pdbx_struct_special_symmetry.auth_comp_id 
_pdbx_struct_special_symmetry.auth_seq_id 
_pdbx_struct_special_symmetry.PDB_ins_code 
_pdbx_struct_special_symmetry.label_asym_id 
_pdbx_struct_special_symmetry.label_comp_id 
_pdbx_struct_special_symmetry.label_seq_id 
1 1 A HOH 634 ? D HOH . 
2 1 A HOH 660 ? D HOH . 
# 
loop_
_pdbx_unobs_or_zero_occ_residues.id 
_pdbx_unobs_or_zero_occ_residues.PDB_model_num 
_pdbx_unobs_or_zero_occ_residues.polymer_flag 
_pdbx_unobs_or_zero_occ_residues.occupancy_flag 
_pdbx_unobs_or_zero_occ_residues.auth_asym_id 
_pdbx_unobs_or_zero_occ_residues.auth_comp_id 
_pdbx_unobs_or_zero_occ_residues.auth_seq_id 
_pdbx_unobs_or_zero_occ_residues.PDB_ins_code 
_pdbx_unobs_or_zero_occ_residues.label_asym_id 
_pdbx_unobs_or_zero_occ_residues.label_comp_id 
_pdbx_unobs_or_zero_occ_residues.label_seq_id 
1 1 Y 1 A MET 42 ? A MET 1 
2 1 Y 1 A SER 43 ? A SER 2 
# 
loop_
_chem_comp_atom.comp_id 
_chem_comp_atom.atom_id 
_chem_comp_atom.type_symbol 
_chem_comp_atom.pdbx_aromatic_flag 
_chem_comp_atom.pdbx_stereo_config 
_chem_comp_atom.pdbx_ordinal 
ALA N    N N N 1   
ALA CA   C N S 2   
ALA C    C N N 3   
ALA O    O N N 4   
ALA CB   C N N 5   
ALA OXT  O N N 6   
ALA H    H N N 7   
ALA H2   H N N 8   
ALA HA   H N N 9   
ALA HB1  H N N 10  
ALA HB2  H N N 11  
ALA HB3  H N N 12  
ALA HXT  H N N 13  
ARG N    N N N 14  
ARG CA   C N S 15  
ARG C    C N N 16  
ARG O    O N N 17  
ARG CB   C N N 18  
ARG CG   C N N 19  
ARG CD   C N N 20  
ARG NE   N N N 21  
ARG CZ   C N N 22  
ARG NH1  N N N 23  
ARG NH2  N N N 24  
ARG OXT  O N N 25  
ARG H    H N N 26  
ARG H2   H N N 27  
ARG HA   H N N 28  
ARG HB2  H N N 29  
ARG HB3  H N N 30  
ARG HG2  H N N 31  
ARG HG3  H N N 32  
ARG HD2  H N N 33  
ARG HD3  H N N 34  
ARG HE   H N N 35  
ARG HH11 H N N 36  
ARG HH12 H N N 37  
ARG HH21 H N N 38  
ARG HH22 H N N 39  
ARG HXT  H N N 40  
ASN N    N N N 41  
ASN CA   C N S 42  
ASN C    C N N 43  
ASN O    O N N 44  
ASN CB   C N N 45  
ASN CG   C N N 46  
ASN OD1  O N N 47  
ASN ND2  N N N 48  
ASN OXT  O N N 49  
ASN H    H N N 50  
ASN H2   H N N 51  
ASN HA   H N N 52  
ASN HB2  H N N 53  
ASN HB3  H N N 54  
ASN HD21 H N N 55  
ASN HD22 H N N 56  
ASN HXT  H N N 57  
ASP N    N N N 58  
ASP CA   C N S 59  
ASP C    C N N 60  
ASP O    O N N 61  
ASP CB   C N N 62  
ASP CG   C N N 63  
ASP OD1  O N N 64  
ASP OD2  O N N 65  
ASP OXT  O N N 66  
ASP H    H N N 67  
ASP H2   H N N 68  
ASP HA   H N N 69  
ASP HB2  H N N 70  
ASP HB3  H N N 71  
ASP HD2  H N N 72  
ASP HXT  H N N 73  
CYS N    N N N 74  
CYS CA   C N R 75  
CYS C    C N N 76  
CYS O    O N N 77  
CYS CB   C N N 78  
CYS SG   S N N 79  
CYS OXT  O N N 80  
CYS H    H N N 81  
CYS H2   H N N 82  
CYS HA   H N N 83  
CYS HB2  H N N 84  
CYS HB3  H N N 85  
CYS HG   H N N 86  
CYS HXT  H N N 87  
GLN N    N N N 88  
GLN CA   C N S 89  
GLN C    C N N 90  
GLN O    O N N 91  
GLN CB   C N N 92  
GLN CG   C N N 93  
GLN CD   C N N 94  
GLN OE1  O N N 95  
GLN NE2  N N N 96  
GLN OXT  O N N 97  
GLN H    H N N 98  
GLN H2   H N N 99  
GLN HA   H N N 100 
GLN HB2  H N N 101 
GLN HB3  H N N 102 
GLN HG2  H N N 103 
GLN HG3  H N N 104 
GLN HE21 H N N 105 
GLN HE22 H N N 106 
GLN HXT  H N N 107 
GLU N    N N N 108 
GLU CA   C N S 109 
GLU C    C N N 110 
GLU O    O N N 111 
GLU CB   C N N 112 
GLU CG   C N N 113 
GLU CD   C N N 114 
GLU OE1  O N N 115 
GLU OE2  O N N 116 
GLU OXT  O N N 117 
GLU H    H N N 118 
GLU H2   H N N 119 
GLU HA   H N N 120 
GLU HB2  H N N 121 
GLU HB3  H N N 122 
GLU HG2  H N N 123 
GLU HG3  H N N 124 
GLU HE2  H N N 125 
GLU HXT  H N N 126 
GLY N    N N N 127 
GLY CA   C N N 128 
GLY C    C N N 129 
GLY O    O N N 130 
GLY OXT  O N N 131 
GLY H    H N N 132 
GLY H2   H N N 133 
GLY HA2  H N N 134 
GLY HA3  H N N 135 
GLY HXT  H N N 136 
HIS N    N N N 137 
HIS CA   C N S 138 
HIS C    C N N 139 
HIS O    O N N 140 
HIS CB   C N N 141 
HIS CG   C Y N 142 
HIS ND1  N Y N 143 
HIS CD2  C Y N 144 
HIS CE1  C Y N 145 
HIS NE2  N Y N 146 
HIS OXT  O N N 147 
HIS H    H N N 148 
HIS H2   H N N 149 
HIS HA   H N N 150 
HIS HB2  H N N 151 
HIS HB3  H N N 152 
HIS HD1  H N N 153 
HIS HD2  H N N 154 
HIS HE1  H N N 155 
HIS HE2  H N N 156 
HIS HXT  H N N 157 
HOH O    O N N 158 
HOH H1   H N N 159 
HOH H2   H N N 160 
ILE N    N N N 161 
ILE CA   C N S 162 
ILE C    C N N 163 
ILE O    O N N 164 
ILE CB   C N S 165 
ILE CG1  C N N 166 
ILE CG2  C N N 167 
ILE CD1  C N N 168 
ILE OXT  O N N 169 
ILE H    H N N 170 
ILE H2   H N N 171 
ILE HA   H N N 172 
ILE HB   H N N 173 
ILE HG12 H N N 174 
ILE HG13 H N N 175 
ILE HG21 H N N 176 
ILE HG22 H N N 177 
ILE HG23 H N N 178 
ILE HD11 H N N 179 
ILE HD12 H N N 180 
ILE HD13 H N N 181 
ILE HXT  H N N 182 
LEU N    N N N 183 
LEU CA   C N S 184 
LEU C    C N N 185 
LEU O    O N N 186 
LEU CB   C N N 187 
LEU CG   C N N 188 
LEU CD1  C N N 189 
LEU CD2  C N N 190 
LEU OXT  O N N 191 
LEU H    H N N 192 
LEU H2   H N N 193 
LEU HA   H N N 194 
LEU HB2  H N N 195 
LEU HB3  H N N 196 
LEU HG   H N N 197 
LEU HD11 H N N 198 
LEU HD12 H N N 199 
LEU HD13 H N N 200 
LEU HD21 H N N 201 
LEU HD22 H N N 202 
LEU HD23 H N N 203 
LEU HXT  H N N 204 
LYS N    N N N 205 
LYS CA   C N S 206 
LYS C    C N N 207 
LYS O    O N N 208 
LYS CB   C N N 209 
LYS CG   C N N 210 
LYS CD   C N N 211 
LYS CE   C N N 212 
LYS NZ   N N N 213 
LYS OXT  O N N 214 
LYS H    H N N 215 
LYS H2   H N N 216 
LYS HA   H N N 217 
LYS HB2  H N N 218 
LYS HB3  H N N 219 
LYS HG2  H N N 220 
LYS HG3  H N N 221 
LYS HD2  H N N 222 
LYS HD3  H N N 223 
LYS HE2  H N N 224 
LYS HE3  H N N 225 
LYS HZ1  H N N 226 
LYS HZ2  H N N 227 
LYS HZ3  H N N 228 
LYS HXT  H N N 229 
MET N    N N N 230 
MET CA   C N S 231 
MET C    C N N 232 
MET O    O N N 233 
MET CB   C N N 234 
MET CG   C N N 235 
MET SD   S N N 236 
MET CE   C N N 237 
MET OXT  O N N 238 
MET H    H N N 239 
MET H2   H N N 240 
MET HA   H N N 241 
MET HB2  H N N 242 
MET HB3  H N N 243 
MET HG2  H N N 244 
MET HG3  H N N 245 
MET HE1  H N N 246 
MET HE2  H N N 247 
MET HE3  H N N 248 
MET HXT  H N N 249 
PHE N    N N N 250 
PHE CA   C N S 251 
PHE C    C N N 252 
PHE O    O N N 253 
PHE CB   C N N 254 
PHE CG   C Y N 255 
PHE CD1  C Y N 256 
PHE CD2  C Y N 257 
PHE CE1  C Y N 258 
PHE CE2  C Y N 259 
PHE CZ   C Y N 260 
PHE OXT  O N N 261 
PHE H    H N N 262 
PHE H2   H N N 263 
PHE HA   H N N 264 
PHE HB2  H N N 265 
PHE HB3  H N N 266 
PHE HD1  H N N 267 
PHE HD2  H N N 268 
PHE HE1  H N N 269 
PHE HE2  H N N 270 
PHE HZ   H N N 271 
PHE HXT  H N N 272 
PRO N    N N N 273 
PRO CA   C N S 274 
PRO C    C N N 275 
PRO O    O N N 276 
PRO CB   C N N 277 
PRO CG   C N N 278 
PRO CD   C N N 279 
PRO OXT  O N N 280 
PRO H    H N N 281 
PRO HA   H N N 282 
PRO HB2  H N N 283 
PRO HB3  H N N 284 
PRO HG2  H N N 285 
PRO HG3  H N N 286 
PRO HD2  H N N 287 
PRO HD3  H N N 288 
PRO HXT  H N N 289 
Q8A NAA  N N N 290 
Q8A CAB  C Y N 291 
Q8A CAC  C Y N 292 
Q8A CAD  C Y N 293 
Q8A CAE  C Y N 294 
Q8A CAF  C Y N 295 
Q8A CAG  C Y N 296 
Q8A NAH  N Y N 297 
Q8A CAI  C Y N 298 
Q8A CAJ  C Y N 299 
Q8A CAK  C Y N 300 
Q8A HNAA H N N 301 
Q8A HNAB H N N 302 
Q8A HAB  H N N 303 
Q8A HAC  H N N 304 
Q8A HAD  H N N 305 
Q8A HAE  H N N 306 
Q8A HAF  H N N 307 
Q8A HAG  H N N 308 
SER N    N N N 309 
SER CA   C N S 310 
SER C    C N N 311 
SER O    O N N 312 
SER CB   C N N 313 
SER OG   O N N 314 
SER OXT  O N N 315 
SER H    H N N 316 
SER H2   H N N 317 
SER HA   H N N 318 
SER HB2  H N N 319 
SER HB3  H N N 320 
SER HG   H N N 321 
SER HXT  H N N 322 
THR N    N N N 323 
THR CA   C N S 324 
THR C    C N N 325 
THR O    O N N 326 
THR CB   C N R 327 
THR OG1  O N N 328 
THR CG2  C N N 329 
THR OXT  O N N 330 
THR H    H N N 331 
THR H2   H N N 332 
THR HA   H N N 333 
THR HB   H N N 334 
THR HG1  H N N 335 
THR HG21 H N N 336 
THR HG22 H N N 337 
THR HG23 H N N 338 
THR HXT  H N N 339 
TRP N    N N N 340 
TRP CA   C N S 341 
TRP C    C N N 342 
TRP O    O N N 343 
TRP CB   C N N 344 
TRP CG   C Y N 345 
TRP CD1  C Y N 346 
TRP CD2  C Y N 347 
TRP NE1  N Y N 348 
TRP CE2  C Y N 349 
TRP CE3  C Y N 350 
TRP CZ2  C Y N 351 
TRP CZ3  C Y N 352 
TRP CH2  C Y N 353 
TRP OXT  O N N 354 
TRP H    H N N 355 
TRP H2   H N N 356 
TRP HA   H N N 357 
TRP HB2  H N N 358 
TRP HB3  H N N 359 
TRP HD1  H N N 360 
TRP HE1  H N N 361 
TRP HE3  H N N 362 
TRP HZ2  H N N 363 
TRP HZ3  H N N 364 
TRP HH2  H N N 365 
TRP HXT  H N N 366 
TYR N    N N N 367 
TYR CA   C N S 368 
TYR C    C N N 369 
TYR O    O N N 370 
TYR CB   C N N 371 
TYR CG   C Y N 372 
TYR CD1  C Y N 373 
TYR CD2  C Y N 374 
TYR CE1  C Y N 375 
TYR CE2  C Y N 376 
TYR CZ   C Y N 377 
TYR OH   O N N 378 
TYR OXT  O N N 379 
TYR H    H N N 380 
TYR H2   H N N 381 
TYR HA   H N N 382 
TYR HB2  H N N 383 
TYR HB3  H N N 384 
TYR HD1  H N N 385 
TYR HD2  H N N 386 
TYR HE1  H N N 387 
TYR HE2  H N N 388 
TYR HH   H N N 389 
TYR HXT  H N N 390 
VAL N    N N N 391 
VAL CA   C N S 392 
VAL C    C N N 393 
VAL O    O N N 394 
VAL CB   C N N 395 
VAL CG1  C N N 396 
VAL CG2  C N N 397 
VAL OXT  O N N 398 
VAL H    H N N 399 
VAL H2   H N N 400 
VAL HA   H N N 401 
VAL HB   H N N 402 
VAL HG11 H N N 403 
VAL HG12 H N N 404 
VAL HG13 H N N 405 
VAL HG21 H N N 406 
VAL HG22 H N N 407 
VAL HG23 H N N 408 
VAL HXT  H N N 409 
# 
loop_
_chem_comp_bond.comp_id 
_chem_comp_bond.atom_id_1 
_chem_comp_bond.atom_id_2 
_chem_comp_bond.value_order 
_chem_comp_bond.pdbx_aromatic_flag 
_chem_comp_bond.pdbx_stereo_config 
_chem_comp_bond.pdbx_ordinal 
ALA N   CA   sing N N 1   
ALA N   H    sing N N 2   
ALA N   H2   sing N N 3   
ALA CA  C    sing N N 4   
ALA CA  CB   sing N N 5   
ALA CA  HA   sing N N 6   
ALA C   O    doub N N 7   
ALA C   OXT  sing N N 8   
ALA CB  HB1  sing N N 9   
ALA CB  HB2  sing N N 10  
ALA CB  HB3  sing N N 11  
ALA OXT HXT  sing N N 12  
ARG N   CA   sing N N 13  
ARG N   H    sing N N 14  
ARG N   H2   sing N N 15  
ARG CA  C    sing N N 16  
ARG CA  CB   sing N N 17  
ARG CA  HA   sing N N 18  
ARG C   O    doub N N 19  
ARG C   OXT  sing N N 20  
ARG CB  CG   sing N N 21  
ARG CB  HB2  sing N N 22  
ARG CB  HB3  sing N N 23  
ARG CG  CD   sing N N 24  
ARG CG  HG2  sing N N 25  
ARG CG  HG3  sing N N 26  
ARG CD  NE   sing N N 27  
ARG CD  HD2  sing N N 28  
ARG CD  HD3  sing N N 29  
ARG NE  CZ   sing N N 30  
ARG NE  HE   sing N N 31  
ARG CZ  NH1  sing N N 32  
ARG CZ  NH2  doub N N 33  
ARG NH1 HH11 sing N N 34  
ARG NH1 HH12 sing N N 35  
ARG NH2 HH21 sing N N 36  
ARG NH2 HH22 sing N N 37  
ARG OXT HXT  sing N N 38  
ASN N   CA   sing N N 39  
ASN N   H    sing N N 40  
ASN N   H2   sing N N 41  
ASN CA  C    sing N N 42  
ASN CA  CB   sing N N 43  
ASN CA  HA   sing N N 44  
ASN C   O    doub N N 45  
ASN C   OXT  sing N N 46  
ASN CB  CG   sing N N 47  
ASN CB  HB2  sing N N 48  
ASN CB  HB3  sing N N 49  
ASN CG  OD1  doub N N 50  
ASN CG  ND2  sing N N 51  
ASN ND2 HD21 sing N N 52  
ASN ND2 HD22 sing N N 53  
ASN OXT HXT  sing N N 54  
ASP N   CA   sing N N 55  
ASP N   H    sing N N 56  
ASP N   H2   sing N N 57  
ASP CA  C    sing N N 58  
ASP CA  CB   sing N N 59  
ASP CA  HA   sing N N 60  
ASP C   O    doub N N 61  
ASP C   OXT  sing N N 62  
ASP CB  CG   sing N N 63  
ASP CB  HB2  sing N N 64  
ASP CB  HB3  sing N N 65  
ASP CG  OD1  doub N N 66  
ASP CG  OD2  sing N N 67  
ASP OD2 HD2  sing N N 68  
ASP OXT HXT  sing N N 69  
CYS N   CA   sing N N 70  
CYS N   H    sing N N 71  
CYS N   H2   sing N N 72  
CYS CA  C    sing N N 73  
CYS CA  CB   sing N N 74  
CYS CA  HA   sing N N 75  
CYS C   O    doub N N 76  
CYS C   OXT  sing N N 77  
CYS CB  SG   sing N N 78  
CYS CB  HB2  sing N N 79  
CYS CB  HB3  sing N N 80  
CYS SG  HG   sing N N 81  
CYS OXT HXT  sing N N 82  
GLN N   CA   sing N N 83  
GLN N   H    sing N N 84  
GLN N   H2   sing N N 85  
GLN CA  C    sing N N 86  
GLN CA  CB   sing N N 87  
GLN CA  HA   sing N N 88  
GLN C   O    doub N N 89  
GLN C   OXT  sing N N 90  
GLN CB  CG   sing N N 91  
GLN CB  HB2  sing N N 92  
GLN CB  HB3  sing N N 93  
GLN CG  CD   sing N N 94  
GLN CG  HG2  sing N N 95  
GLN CG  HG3  sing N N 96  
GLN CD  OE1  doub N N 97  
GLN CD  NE2  sing N N 98  
GLN NE2 HE21 sing N N 99  
GLN NE2 HE22 sing N N 100 
GLN OXT HXT  sing N N 101 
GLU N   CA   sing N N 102 
GLU N   H    sing N N 103 
GLU N   H2   sing N N 104 
GLU CA  C    sing N N 105 
GLU CA  CB   sing N N 106 
GLU CA  HA   sing N N 107 
GLU C   O    doub N N 108 
GLU C   OXT  sing N N 109 
GLU CB  CG   sing N N 110 
GLU CB  HB2  sing N N 111 
GLU CB  HB3  sing N N 112 
GLU CG  CD   sing N N 113 
GLU CG  HG2  sing N N 114 
GLU CG  HG3  sing N N 115 
GLU CD  OE1  doub N N 116 
GLU CD  OE2  sing N N 117 
GLU OE2 HE2  sing N N 118 
GLU OXT HXT  sing N N 119 
GLY N   CA   sing N N 120 
GLY N   H    sing N N 121 
GLY N   H2   sing N N 122 
GLY CA  C    sing N N 123 
GLY CA  HA2  sing N N 124 
GLY CA  HA3  sing N N 125 
GLY C   O    doub N N 126 
GLY C   OXT  sing N N 127 
GLY OXT HXT  sing N N 128 
HIS N   CA   sing N N 129 
HIS N   H    sing N N 130 
HIS N   H2   sing N N 131 
HIS CA  C    sing N N 132 
HIS CA  CB   sing N N 133 
HIS CA  HA   sing N N 134 
HIS C   O    doub N N 135 
HIS C   OXT  sing N N 136 
HIS CB  CG   sing N N 137 
HIS CB  HB2  sing N N 138 
HIS CB  HB3  sing N N 139 
HIS CG  ND1  sing Y N 140 
HIS CG  CD2  doub Y N 141 
HIS ND1 CE1  doub Y N 142 
HIS ND1 HD1  sing N N 143 
HIS CD2 NE2  sing Y N 144 
HIS CD2 HD2  sing N N 145 
HIS CE1 NE2  sing Y N 146 
HIS CE1 HE1  sing N N 147 
HIS NE2 HE2  sing N N 148 
HIS OXT HXT  sing N N 149 
HOH O   H1   sing N N 150 
HOH O   H2   sing N N 151 
ILE N   CA   sing N N 152 
ILE N   H    sing N N 153 
ILE N   H2   sing N N 154 
ILE CA  C    sing N N 155 
ILE CA  CB   sing N N 156 
ILE CA  HA   sing N N 157 
ILE C   O    doub N N 158 
ILE C   OXT  sing N N 159 
ILE CB  CG1  sing N N 160 
ILE CB  CG2  sing N N 161 
ILE CB  HB   sing N N 162 
ILE CG1 CD1  sing N N 163 
ILE CG1 HG12 sing N N 164 
ILE CG1 HG13 sing N N 165 
ILE CG2 HG21 sing N N 166 
ILE CG2 HG22 sing N N 167 
ILE CG2 HG23 sing N N 168 
ILE CD1 HD11 sing N N 169 
ILE CD1 HD12 sing N N 170 
ILE CD1 HD13 sing N N 171 
ILE OXT HXT  sing N N 172 
LEU N   CA   sing N N 173 
LEU N   H    sing N N 174 
LEU N   H2   sing N N 175 
LEU CA  C    sing N N 176 
LEU CA  CB   sing N N 177 
LEU CA  HA   sing N N 178 
LEU C   O    doub N N 179 
LEU C   OXT  sing N N 180 
LEU CB  CG   sing N N 181 
LEU CB  HB2  sing N N 182 
LEU CB  HB3  sing N N 183 
LEU CG  CD1  sing N N 184 
LEU CG  CD2  sing N N 185 
LEU CG  HG   sing N N 186 
LEU CD1 HD11 sing N N 187 
LEU CD1 HD12 sing N N 188 
LEU CD1 HD13 sing N N 189 
LEU CD2 HD21 sing N N 190 
LEU CD2 HD22 sing N N 191 
LEU CD2 HD23 sing N N 192 
LEU OXT HXT  sing N N 193 
LYS N   CA   sing N N 194 
LYS N   H    sing N N 195 
LYS N   H2   sing N N 196 
LYS CA  C    sing N N 197 
LYS CA  CB   sing N N 198 
LYS CA  HA   sing N N 199 
LYS C   O    doub N N 200 
LYS C   OXT  sing N N 201 
LYS CB  CG   sing N N 202 
LYS CB  HB2  sing N N 203 
LYS CB  HB3  sing N N 204 
LYS CG  CD   sing N N 205 
LYS CG  HG2  sing N N 206 
LYS CG  HG3  sing N N 207 
LYS CD  CE   sing N N 208 
LYS CD  HD2  sing N N 209 
LYS CD  HD3  sing N N 210 
LYS CE  NZ   sing N N 211 
LYS CE  HE2  sing N N 212 
LYS CE  HE3  sing N N 213 
LYS NZ  HZ1  sing N N 214 
LYS NZ  HZ2  sing N N 215 
LYS NZ  HZ3  sing N N 216 
LYS OXT HXT  sing N N 217 
MET N   CA   sing N N 218 
MET N   H    sing N N 219 
MET N   H2   sing N N 220 
MET CA  C    sing N N 221 
MET CA  CB   sing N N 222 
MET CA  HA   sing N N 223 
MET C   O    doub N N 224 
MET C   OXT  sing N N 225 
MET CB  CG   sing N N 226 
MET CB  HB2  sing N N 227 
MET CB  HB3  sing N N 228 
MET CG  SD   sing N N 229 
MET CG  HG2  sing N N 230 
MET CG  HG3  sing N N 231 
MET SD  CE   sing N N 232 
MET CE  HE1  sing N N 233 
MET CE  HE2  sing N N 234 
MET CE  HE3  sing N N 235 
MET OXT HXT  sing N N 236 
PHE N   CA   sing N N 237 
PHE N   H    sing N N 238 
PHE N   H2   sing N N 239 
PHE CA  C    sing N N 240 
PHE CA  CB   sing N N 241 
PHE CA  HA   sing N N 242 
PHE C   O    doub N N 243 
PHE C   OXT  sing N N 244 
PHE CB  CG   sing N N 245 
PHE CB  HB2  sing N N 246 
PHE CB  HB3  sing N N 247 
PHE CG  CD1  doub Y N 248 
PHE CG  CD2  sing Y N 249 
PHE CD1 CE1  sing Y N 250 
PHE CD1 HD1  sing N N 251 
PHE CD2 CE2  doub Y N 252 
PHE CD2 HD2  sing N N 253 
PHE CE1 CZ   doub Y N 254 
PHE CE1 HE1  sing N N 255 
PHE CE2 CZ   sing Y N 256 
PHE CE2 HE2  sing N N 257 
PHE CZ  HZ   sing N N 258 
PHE OXT HXT  sing N N 259 
PRO N   CA   sing N N 260 
PRO N   CD   sing N N 261 
PRO N   H    sing N N 262 
PRO CA  C    sing N N 263 
PRO CA  CB   sing N N 264 
PRO CA  HA   sing N N 265 
PRO C   O    doub N N 266 
PRO C   OXT  sing N N 267 
PRO CB  CG   sing N N 268 
PRO CB  HB2  sing N N 269 
PRO CB  HB3  sing N N 270 
PRO CG  CD   sing N N 271 
PRO CG  HG2  sing N N 272 
PRO CG  HG3  sing N N 273 
PRO CD  HD2  sing N N 274 
PRO CD  HD3  sing N N 275 
PRO OXT HXT  sing N N 276 
Q8A NAA CAI  sing N N 277 
Q8A CAB CAD  doub Y N 278 
Q8A CAB CAF  sing Y N 279 
Q8A CAC CAE  sing Y N 280 
Q8A CAC CAG  doub Y N 281 
Q8A CAD NAH  sing Y N 282 
Q8A CAE CAI  doub Y N 283 
Q8A CAF CAJ  doub Y N 284 
Q8A CAG CAJ  sing Y N 285 
Q8A NAH CAK  doub Y N 286 
Q8A CAI CAK  sing Y N 287 
Q8A CAJ CAK  sing Y N 288 
Q8A NAA HNAA sing N N 289 
Q8A NAA HNAB sing N N 290 
Q8A CAB HAB  sing N N 291 
Q8A CAC HAC  sing N N 292 
Q8A CAD HAD  sing N N 293 
Q8A CAE HAE  sing N N 294 
Q8A CAF HAF  sing N N 295 
Q8A CAG HAG  sing N N 296 
SER N   CA   sing N N 297 
SER N   H    sing N N 298 
SER N   H2   sing N N 299 
SER CA  C    sing N N 300 
SER CA  CB   sing N N 301 
SER CA  HA   sing N N 302 
SER C   O    doub N N 303 
SER C   OXT  sing N N 304 
SER CB  OG   sing N N 305 
SER CB  HB2  sing N N 306 
SER CB  HB3  sing N N 307 
SER OG  HG   sing N N 308 
SER OXT HXT  sing N N 309 
THR N   CA   sing N N 310 
THR N   H    sing N N 311 
THR N   H2   sing N N 312 
THR CA  C    sing N N 313 
THR CA  CB   sing N N 314 
THR CA  HA   sing N N 315 
THR C   O    doub N N 316 
THR C   OXT  sing N N 317 
THR CB  OG1  sing N N 318 
THR CB  CG2  sing N N 319 
THR CB  HB   sing N N 320 
THR OG1 HG1  sing N N 321 
THR CG2 HG21 sing N N 322 
THR CG2 HG22 sing N N 323 
THR CG2 HG23 sing N N 324 
THR OXT HXT  sing N N 325 
TRP N   CA   sing N N 326 
TRP N   H    sing N N 327 
TRP N   H2   sing N N 328 
TRP CA  C    sing N N 329 
TRP CA  CB   sing N N 330 
TRP CA  HA   sing N N 331 
TRP C   O    doub N N 332 
TRP C   OXT  sing N N 333 
TRP CB  CG   sing N N 334 
TRP CB  HB2  sing N N 335 
TRP CB  HB3  sing N N 336 
TRP CG  CD1  doub Y N 337 
TRP CG  CD2  sing Y N 338 
TRP CD1 NE1  sing Y N 339 
TRP CD1 HD1  sing N N 340 
TRP CD2 CE2  doub Y N 341 
TRP CD2 CE3  sing Y N 342 
TRP NE1 CE2  sing Y N 343 
TRP NE1 HE1  sing N N 344 
TRP CE2 CZ2  sing Y N 345 
TRP CE3 CZ3  doub Y N 346 
TRP CE3 HE3  sing N N 347 
TRP CZ2 CH2  doub Y N 348 
TRP CZ2 HZ2  sing N N 349 
TRP CZ3 CH2  sing Y N 350 
TRP CZ3 HZ3  sing N N 351 
TRP CH2 HH2  sing N N 352 
TRP OXT HXT  sing N N 353 
TYR N   CA   sing N N 354 
TYR N   H    sing N N 355 
TYR N   H2   sing N N 356 
TYR CA  C    sing N N 357 
TYR CA  CB   sing N N 358 
TYR CA  HA   sing N N 359 
TYR C   O    doub N N 360 
TYR C   OXT  sing N N 361 
TYR CB  CG   sing N N 362 
TYR CB  HB2  sing N N 363 
TYR CB  HB3  sing N N 364 
TYR CG  CD1  doub Y N 365 
TYR CG  CD2  sing Y N 366 
TYR CD1 CE1  sing Y N 367 
TYR CD1 HD1  sing N N 368 
TYR CD2 CE2  doub Y N 369 
TYR CD2 HD2  sing N N 370 
TYR CE1 CZ   doub Y N 371 
TYR CE1 HE1  sing N N 372 
TYR CE2 CZ   sing Y N 373 
TYR CE2 HE2  sing N N 374 
TYR CZ  OH   sing N N 375 
TYR OH  HH   sing N N 376 
TYR OXT HXT  sing N N 377 
VAL N   CA   sing N N 378 
VAL N   H    sing N N 379 
VAL N   H2   sing N N 380 
VAL CA  C    sing N N 381 
VAL CA  CB   sing N N 382 
VAL CA  HA   sing N N 383 
VAL C   O    doub N N 384 
VAL C   OXT  sing N N 385 
VAL CB  CG1  sing N N 386 
VAL CB  CG2  sing N N 387 
VAL CB  HB   sing N N 388 
VAL CG1 HG11 sing N N 389 
VAL CG1 HG12 sing N N 390 
VAL CG1 HG13 sing N N 391 
VAL CG2 HG21 sing N N 392 
VAL CG2 HG22 sing N N 393 
VAL CG2 HG23 sing N N 394 
VAL OXT HXT  sing N N 395 
# 
_atom_sites.entry_id                    3R49 
_atom_sites.fract_transf_matrix[1][1]   0.00105325 
_atom_sites.fract_transf_matrix[1][2]   -0.01196032 
_atom_sites.fract_transf_matrix[1][3]   0.01294919 
_atom_sites.fract_transf_matrix[2][1]   0.00193616 
_atom_sites.fract_transf_matrix[2][2]   -0.01281531 
_atom_sites.fract_transf_matrix[2][3]   -0.01199414 
_atom_sites.fract_transf_matrix[3][1]   0.01143091 
_atom_sites.fract_transf_matrix[3][2]   0.00139300 
_atom_sites.fract_transf_matrix[3][3]   0.00035687 
_atom_sites.fract_transf_vector[1]      0.214027 
_atom_sites.fract_transf_vector[2]      0.240789 
_atom_sites.fract_transf_vector[3]      0.268560 
# 
loop_
_atom_type.symbol 
C 
N 
O 
S 
# 
loop_
_atom_site.group_PDB 
_atom_site.id 
_atom_site.type_symbol 
_atom_site.label_atom_id 
_atom_site.label_alt_id 
_atom_site.label_comp_id 
_atom_site.label_asym_id 
_atom_site.label_entity_id 
_atom_site.label_seq_id 
_atom_site.pdbx_PDB_ins_code 
_atom_site.Cartn_x 
_atom_site.Cartn_y 
_atom_site.Cartn_z 
_atom_site.occupancy 
_atom_site.B_iso_or_equiv 
_atom_site.pdbx_formal_charge 
_atom_site.auth_seq_id 
_atom_site.auth_comp_id 
_atom_site.auth_asym_id 
_atom_site.auth_atom_id 
_atom_site.pdbx_PDB_model_num 
ATOM   1    N N   . GLY A 1 3   ? 19.694  -2.615  7.535   1.00 14.20 ? 44  GLY A N   1 
ATOM   2    C CA  . GLY A 1 3   ? 18.926  -3.454  6.583   1.00 13.98 ? 44  GLY A CA  1 
ATOM   3    C C   . GLY A 1 3   ? 17.753  -2.720  5.965   1.00 13.80 ? 44  GLY A C   1 
ATOM   4    O O   . GLY A 1 3   ? 17.680  -1.488  6.002   1.00 13.83 ? 44  GLY A O   1 
ATOM   5    N N   . ASN A 1 4   ? 16.841  -3.491  5.384   1.00 13.45 ? 45  ASN A N   1 
ATOM   6    C CA  . ASN A 1 4   ? 15.630  -2.953  4.774   1.00 13.27 ? 45  ASN A CA  1 
ATOM   7    C C   . ASN A 1 4   ? 14.734  -2.283  5.808   1.00 12.93 ? 45  ASN A C   1 
ATOM   8    O O   . ASN A 1 4   ? 14.564  -2.818  6.904   1.00 12.93 ? 45  ASN A O   1 
ATOM   9    C CB  . ASN A 1 4   ? 14.833  -4.075  4.104   1.00 13.09 ? 45  ASN A CB  1 
ATOM   10   C CG  . ASN A 1 4   ? 15.387  -4.465  2.750   1.00 13.32 ? 45  ASN A CG  1 
ATOM   11   O OD1 . ASN A 1 4   ? 16.082  -3.686  2.096   1.00 11.99 ? 45  ASN A OD1 1 
ATOM   12   N ND2 . ASN A 1 4   ? 15.071  -5.678  2.316   1.00 12.88 ? 45  ASN A ND2 1 
ATOM   13   N N   . PRO A 1 5   ? 14.132  -1.131  5.456   1.00 12.77 ? 46  PRO A N   1 
ATOM   14   C CA  . PRO A 1 5   ? 13.220  -0.501  6.413   1.00 12.64 ? 46  PRO A CA  1 
ATOM   15   C C   . PRO A 1 5   ? 12.006  -1.371  6.768   1.00 12.55 ? 46  PRO A C   1 
ATOM   16   O O   . PRO A 1 5   ? 11.517  -2.138  5.931   1.00 12.53 ? 46  PRO A O   1 
ATOM   17   C CB  . PRO A 1 5   ? 12.766  0.788   5.704   1.00 12.75 ? 46  PRO A CB  1 
ATOM   18   C CG  . PRO A 1 5   ? 13.637  0.950   4.517   1.00 12.75 ? 46  PRO A CG  1 
ATOM   19   C CD  . PRO A 1 5   ? 14.233  -0.378  4.191   1.00 12.69 ? 46  PRO A CD  1 
ATOM   20   N N   . LEU A 1 6   ? 11.568  -1.263  8.018   1.00 12.32 ? 47  LEU A N   1 
ATOM   21   C CA  . LEU A 1 6   ? 10.279  -1.771  8.465   1.00 12.22 ? 47  LEU A CA  1 
ATOM   22   C C   . LEU A 1 6   ? 9.395   -0.554  8.736   1.00 11.89 ? 47  LEU A C   1 
ATOM   23   O O   . LEU A 1 6   ? 9.830   0.397   9.391   1.00 11.77 ? 47  LEU A O   1 
ATOM   24   C CB  . LEU A 1 6   ? 10.422  -2.601  9.743   1.00 12.47 ? 47  LEU A CB  1 
ATOM   25   C CG  . LEU A 1 6   ? 11.147  -3.949  9.647   1.00 12.81 ? 47  LEU A CG  1 
ATOM   26   C CD1 . LEU A 1 6   ? 10.981  -4.724  10.949  1.00 14.13 ? 47  LEU A CD1 1 
ATOM   27   C CD2 . LEU A 1 6   ? 10.646  -4.778  8.465   1.00 13.75 ? 47  LEU A CD2 1 
ATOM   28   N N   . VAL A 1 7   ? 8.180   -0.574  8.201   1.00 11.52 ? 48  VAL A N   1 
ATOM   29   C CA  . VAL A 1 7   ? 7.215   0.511   8.410   1.00 11.42 ? 48  VAL A CA  1 
ATOM   30   C C   . VAL A 1 7   ? 5.890   -0.078  8.888   1.00 11.55 ? 48  VAL A C   1 
ATOM   31   O O   . VAL A 1 7   ? 5.683   -1.290  8.817   1.00 11.32 ? 48  VAL A O   1 
ATOM   32   C CB  . VAL A 1 7   ? 7.011   1.365   7.130   1.00 11.55 ? 48  VAL A CB  1 
ATOM   33   C CG1 . VAL A 1 7   ? 8.310   2.096   6.768   1.00 11.39 ? 48  VAL A CG1 1 
ATOM   34   C CG2 . VAL A 1 7   ? 6.537   0.506   5.959   1.00 11.61 ? 48  VAL A CG2 1 
ATOM   35   N N   . TYR A 1 8   ? 5.007   0.771   9.404   1.00 11.69 ? 49  TYR A N   1 
ATOM   36   C CA  . TYR A 1 8   ? 3.721   0.297   9.909   1.00 12.24 ? 49  TYR A CA  1 
ATOM   37   C C   . TYR A 1 8   ? 2.560   1.179   9.472   1.00 12.41 ? 49  TYR A C   1 
ATOM   38   O O   . TYR A 1 8   ? 2.735   2.381   9.202   1.00 11.99 ? 49  TYR A O   1 
ATOM   39   C CB  . TYR A 1 8   ? 3.744   0.182   11.439  1.00 12.63 ? 49  TYR A CB  1 
ATOM   40   C CG  . TYR A 1 8   ? 3.767   1.512   12.150  1.00 13.84 ? 49  TYR A CG  1 
ATOM   41   C CD1 . TYR A 1 8   ? 2.582   2.128   12.556  1.00 15.23 ? 49  TYR A CD1 1 
ATOM   42   C CD2 . TYR A 1 8   ? 4.970   2.161   12.410  1.00 14.99 ? 49  TYR A CD2 1 
ATOM   43   C CE1 . TYR A 1 8   ? 2.601   3.361   13.205  1.00 15.57 ? 49  TYR A CE1 1 
ATOM   44   C CE2 . TYR A 1 8   ? 5.002   3.387   13.060  1.00 16.01 ? 49  TYR A CE2 1 
ATOM   45   C CZ  . TYR A 1 8   ? 3.817   3.984   13.452  1.00 15.85 ? 49  TYR A CZ  1 
ATOM   46   O OH  . TYR A 1 8   ? 3.855   5.199   14.092  1.00 16.67 ? 49  TYR A OH  1 
ATOM   47   N N   . LEU A 1 9   ? 1.388   0.545   9.405   1.00 12.44 ? 50  LEU A N   1 
ATOM   48   C CA  . LEU A 1 9   ? 0.107   1.203   9.186   1.00 12.82 ? 50  LEU A CA  1 
ATOM   49   C C   . LEU A 1 9   ? -0.837  0.740   10.285  1.00 13.02 ? 50  LEU A C   1 
ATOM   50   O O   . LEU A 1 9   ? -1.103  -0.459  10.405  1.00 13.20 ? 50  LEU A O   1 
ATOM   51   C CB  . LEU A 1 9   ? -0.483  0.803   7.828   1.00 12.66 ? 50  LEU A CB  1 
ATOM   52   C CG  . LEU A 1 9   ? 0.415   0.935   6.597   1.00 12.47 ? 50  LEU A CG  1 
ATOM   53   C CD1 . LEU A 1 9   ? -0.292  0.368   5.376   1.00 12.46 ? 50  LEU A CD1 1 
ATOM   54   C CD2 . LEU A 1 9   ? 0.816   2.390   6.381   1.00 12.03 ? 50  LEU A CD2 1 
ATOM   55   N N   . ASP A 1 10  ? -1.308  1.677   11.104  1.00 13.33 ? 51  ASP A N   1 
ATOM   56   C CA  . ASP A 1 10  ? -2.382  1.406   12.065  1.00 13.87 ? 51  ASP A CA  1 
ATOM   57   C C   . ASP A 1 10  ? -3.703  1.725   11.394  1.00 14.08 ? 51  ASP A C   1 
ATOM   58   O O   . ASP A 1 10  ? -3.903  2.844   10.925  1.00 13.92 ? 51  ASP A O   1 
ATOM   59   C CB  . ASP A 1 10  ? -2.225  2.260   13.322  1.00 14.09 ? 51  ASP A CB  1 
ATOM   60   C CG  . ASP A 1 10  ? -1.058  1.829   14.171  1.00 14.63 ? 51  ASP A CG  1 
ATOM   61   O OD1 . ASP A 1 10  ? -0.724  0.627   14.147  1.00 16.52 ? 51  ASP A OD1 1 
ATOM   62   O OD2 . ASP A 1 10  ? -0.477  2.683   14.865  1.00 15.13 ? 51  ASP A OD2 1 
ATOM   63   N N   . VAL A 1 11  ? -4.597  0.740   11.345  1.00 14.43 ? 52  VAL A N   1 
ATOM   64   C CA  . VAL A 1 11  ? -5.822  0.864   10.572  1.00 14.65 ? 52  VAL A CA  1 
ATOM   65   C C   . VAL A 1 11  ? -7.065  0.771   11.456  1.00 15.23 ? 52  VAL A C   1 
ATOM   66   O O   . VAL A 1 11  ? -7.175  -0.122  12.300  1.00 15.08 ? 52  VAL A O   1 
ATOM   67   C CB  . VAL A 1 11  ? -5.876  -0.193  9.441   1.00 14.59 ? 52  VAL A CB  1 
ATOM   68   C CG1 . VAL A 1 11  ? -7.093  0.031   8.544   1.00 14.56 ? 52  VAL A CG1 1 
ATOM   69   C CG2 . VAL A 1 11  ? -4.591  -0.152  8.615   1.00 13.79 ? 52  VAL A CG2 1 
ATOM   70   N N   . ASP A 1 12  ? -7.965  1.738   11.269  1.00 15.72 ? 53  ASP A N   1 
ATOM   71   C CA  . ASP A 1 12  ? -9.309  1.731   11.842  1.00 16.42 ? 53  ASP A CA  1 
ATOM   72   C C   . ASP A 1 12  ? -10.325 1.299   10.787  1.00 16.68 ? 53  ASP A C   1 
ATOM   73   O O   . ASP A 1 12  ? -10.142 1.569   9.602   1.00 16.80 ? 53  ASP A O   1 
ATOM   74   C CB  . ASP A 1 12  ? -9.716  3.144   12.287  1.00 16.70 ? 53  ASP A CB  1 
ATOM   75   C CG  . ASP A 1 12  ? -9.339  3.465   13.724  1.00 17.42 ? 53  ASP A CG  1 
ATOM   76   O OD1 . ASP A 1 12  ? -9.907  4.441   14.252  0.80 19.62 ? 53  ASP A OD1 1 
ATOM   77   O OD2 . ASP A 1 12  ? -8.488  2.781   14.325  1.00 19.12 ? 53  ASP A OD2 1 
ATOM   78   N N   . ALA A 1 13  ? -11.404 0.655   11.230  1.00 16.79 ? 54  ALA A N   1 
ATOM   79   C CA  . ALA A 1 13  ? -12.590 0.434   10.396  1.00 16.98 ? 54  ALA A CA  1 
ATOM   80   C C   . ALA A 1 13  ? -13.808 0.948   11.158  1.00 17.14 ? 54  ALA A C   1 
ATOM   81   O O   . ALA A 1 13  ? -14.132 0.436   12.231  1.00 16.91 ? 54  ALA A O   1 
ATOM   82   C CB  . ALA A 1 13  ? -12.754 -1.039  10.062  1.00 16.86 ? 54  ALA A CB  1 
ATOM   83   N N   . ASN A 1 14  ? -14.465 1.967   10.607  1.00 17.39 ? 55  ASN A N   1 
ATOM   84   C CA  . ASN A 1 14  ? -15.610 2.607   11.266  1.00 17.83 ? 55  ASN A CA  1 
ATOM   85   C C   . ASN A 1 14  ? -15.274 3.104   12.677  1.00 18.27 ? 55  ASN A C   1 
ATOM   86   O O   . ASN A 1 14  ? -16.049 2.924   13.620  1.00 18.37 ? 55  ASN A O   1 
ATOM   87   C CB  . ASN A 1 14  ? -16.818 1.662   11.279  1.00 17.78 ? 55  ASN A CB  1 
ATOM   88   C CG  . ASN A 1 14  ? -17.441 1.491   9.900   1.00 17.47 ? 55  ASN A CG  1 
ATOM   89   O OD1 . ASN A 1 14  ? -17.196 2.286   8.995   1.00 17.83 ? 55  ASN A OD1 1 
ATOM   90   N ND2 . ASN A 1 14  ? -18.258 0.456   9.743   1.00 16.77 ? 55  ASN A ND2 1 
ATOM   91   N N   . GLY A 1 15  ? -14.102 3.726   12.802  1.00 18.84 ? 56  GLY A N   1 
ATOM   92   C CA  . GLY A 1 15  ? -13.662 4.346   14.051  1.00 19.11 ? 56  GLY A CA  1 
ATOM   93   C C   . GLY A 1 15  ? -13.144 3.396   15.119  1.00 19.28 ? 56  GLY A C   1 
ATOM   94   O O   . GLY A 1 15  ? -12.847 3.826   16.237  1.00 19.74 ? 56  GLY A O   1 
ATOM   95   N N   . LYS A 1 16  ? -13.038 2.112   14.783  1.00 19.31 ? 57  LYS A N   1 
ATOM   96   C CA  . LYS A 1 16  ? -12.579 1.082   15.713  1.00 19.24 ? 57  LYS A CA  1 
ATOM   97   C C   . LYS A 1 16  ? -11.250 0.514   15.212  1.00 18.70 ? 57  LYS A C   1 
ATOM   98   O O   . LYS A 1 16  ? -11.138 0.178   14.034  1.00 18.69 ? 57  LYS A O   1 
ATOM   99   C CB  . LYS A 1 16  ? -13.609 -0.042  15.812  1.00 19.49 ? 57  LYS A CB  1 
ATOM   100  C CG  . LYS A 1 16  ? -14.907 0.332   16.522  0.80 20.25 ? 57  LYS A CG  1 
ATOM   101  C CD  . LYS A 1 16  ? -14.776 0.221   18.031  0.80 21.24 ? 57  LYS A CD  1 
ATOM   102  C CE  . LYS A 1 16  ? -16.045 0.676   18.744  0.50 21.50 ? 57  LYS A CE  1 
ATOM   103  N NZ  . LYS A 1 16  ? -17.238 -0.136  18.373  0.50 22.14 ? 57  LYS A NZ  1 
ATOM   104  N N   . PRO A 1 17  ? -10.241 0.397   16.101  1.00 18.01 ? 58  PRO A N   1 
ATOM   105  C CA  . PRO A 1 17  ? -8.937  -0.124  15.668  1.00 17.55 ? 58  PRO A CA  1 
ATOM   106  C C   . PRO A 1 17  ? -8.972  -1.593  15.250  1.00 17.01 ? 58  PRO A C   1 
ATOM   107  O O   . PRO A 1 17  ? -9.528  -2.423  15.966  1.00 16.79 ? 58  PRO A O   1 
ATOM   108  C CB  . PRO A 1 17  ? -8.044  0.055   16.909  1.00 17.65 ? 58  PRO A CB  1 
ATOM   109  C CG  . PRO A 1 17  ? -8.799  0.926   17.842  1.00 17.83 ? 58  PRO A CG  1 
ATOM   110  C CD  . PRO A 1 17  ? -10.241 0.738   17.535  1.00 17.98 ? 58  PRO A CD  1 
ATOM   111  N N   . LEU A 1 18  ? -8.395  -1.895  14.087  1.00 16.24 ? 59  LEU A N   1 
ATOM   112  C CA  . LEU A 1 18  ? -8.232  -3.279  13.630  1.00 15.87 ? 59  LEU A CA  1 
ATOM   113  C C   . LEU A 1 18  ? -6.888  -3.857  14.066  1.00 15.50 ? 59  LEU A C   1 
ATOM   114  O O   . LEU A 1 18  ? -6.737  -5.075  14.188  1.00 15.25 ? 59  LEU A O   1 
ATOM   115  C CB  . LEU A 1 18  ? -8.332  -3.350  12.103  1.00 15.66 ? 59  LEU A CB  1 
ATOM   116  C CG  . LEU A 1 18  ? -9.633  -2.831  11.492  1.00 15.77 ? 59  LEU A CG  1 
ATOM   117  C CD1 . LEU A 1 18  ? -9.564  -2.893  9.977   1.00 14.94 ? 59  LEU A CD1 1 
ATOM   118  C CD2 . LEU A 1 18  ? -10.833 -3.621  12.025  1.00 15.87 ? 59  LEU A CD2 1 
ATOM   119  N N   . GLY A 1 19  ? -5.913  -2.978  14.286  1.00 15.07 ? 60  GLY A N   1 
ATOM   120  C CA  . GLY A 1 19  ? -4.552  -3.381  14.609  1.00 14.93 ? 60  GLY A CA  1 
ATOM   121  C C   . GLY A 1 19  ? -3.539  -2.766  13.658  1.00 14.71 ? 60  GLY A C   1 
ATOM   122  O O   . GLY A 1 19  ? -3.836  -1.798  12.950  1.00 15.03 ? 60  GLY A O   1 
ATOM   123  N N   . ARG A 1 20  ? -2.339  -3.340  13.648  1.00 14.40 ? 61  ARG A N   1 
ATOM   124  C CA  . ARG A 1 20  ? -1.207  -2.789  12.912  1.00 14.15 ? 61  ARG A CA  1 
ATOM   125  C C   . ARG A 1 20  ? -0.739  -3.731  11.808  1.00 13.74 ? 61  ARG A C   1 
ATOM   126  O O   . ARG A 1 20  ? -0.612  -4.936  12.028  1.00 13.66 ? 61  ARG A O   1 
ATOM   127  C CB  . ARG A 1 20  ? -0.051  -2.523  13.883  1.00 14.36 ? 61  ARG A CB  1 
ATOM   128  C CG  . ARG A 1 20  ? 1.259   -2.144  13.218  1.00 14.72 ? 61  ARG A CG  1 
ATOM   129  C CD  . ARG A 1 20  ? 2.273   -1.641  14.234  1.00 14.95 ? 61  ARG A CD  1 
ATOM   130  N NE  . ARG A 1 20  ? 1.877   -0.348  14.787  1.00 15.46 ? 61  ARG A NE  1 
ATOM   131  C CZ  . ARG A 1 20  ? 2.599   0.372   15.643  1.00 15.56 ? 61  ARG A CZ  1 
ATOM   132  N NH1 . ARG A 1 20  ? 3.774   -0.069  16.074  1.00 16.07 ? 61  ARG A NH1 1 
ATOM   133  N NH2 . ARG A 1 20  ? 2.144   1.539   16.075  1.00 16.29 ? 61  ARG A NH2 1 
ATOM   134  N N   . VAL A 1 21  ? -0.476  -3.176  10.625  1.00 13.22 ? 62  VAL A N   1 
ATOM   135  C CA  . VAL A 1 21  ? 0.182   -3.915  9.555   1.00 12.76 ? 62  VAL A CA  1 
ATOM   136  C C   . VAL A 1 21  ? 1.623   -3.428  9.500   1.00 12.62 ? 62  VAL A C   1 
ATOM   137  O O   . VAL A 1 21  ? 1.872   -2.235  9.328   1.00 12.16 ? 62  VAL A O   1 
ATOM   138  C CB  . VAL A 1 21  ? -0.494  -3.694  8.182   1.00 12.78 ? 62  VAL A CB  1 
ATOM   139  C CG1 . VAL A 1 21  ? 0.208   -4.507  7.098   1.00 12.26 ? 62  VAL A CG1 1 
ATOM   140  C CG2 . VAL A 1 21  ? -1.974  -4.053  8.244   1.00 13.04 ? 62  VAL A CG2 1 
ATOM   141  N N   . VAL A 1 22  ? 2.561   -4.353  9.689   1.00 12.56 ? 63  VAL A N   1 
ATOM   142  C CA  . VAL A 1 22  ? 3.979   -4.058  9.553   1.00 12.70 ? 63  VAL A CA  1 
ATOM   143  C C   . VAL A 1 22  ? 4.459   -4.575  8.197   1.00 12.87 ? 63  VAL A C   1 
ATOM   144  O O   . VAL A 1 22  ? 4.170   -5.717  7.812   1.00 12.58 ? 63  VAL A O   1 
ATOM   145  C CB  . VAL A 1 22  ? 4.805   -4.687  10.701  1.00 12.72 ? 63  VAL A CB  1 
ATOM   146  C CG1 . VAL A 1 22  ? 6.293   -4.429  10.504  1.00 11.74 ? 63  VAL A CG1 1 
ATOM   147  C CG2 . VAL A 1 22  ? 4.336   -4.145  12.054  1.00 12.50 ? 63  VAL A CG2 1 
ATOM   148  N N   . LEU A 1 23  ? 5.190   -3.721  7.483   1.00 12.88 ? 64  LEU A N   1 
ATOM   149  C CA  . LEU A 1 23  ? 5.649   -4.006  6.127   1.00 12.98 ? 64  LEU A CA  1 
ATOM   150  C C   . LEU A 1 23  ? 7.168   -3.909  6.040   1.00 12.76 ? 64  LEU A C   1 
ATOM   151  O O   . LEU A 1 23  ? 7.769   -2.957  6.553   1.00 12.99 ? 64  LEU A O   1 
ATOM   152  C CB  . LEU A 1 23  ? 5.008   -3.024  5.133   1.00 12.98 ? 64  LEU A CB  1 
ATOM   153  C CG  . LEU A 1 23  ? 3.475   -3.020  5.072   1.00 13.77 ? 64  LEU A CG  1 
ATOM   154  C CD1 . LEU A 1 23  ? 2.933   -1.742  4.427   1.00 13.56 ? 64  LEU A CD1 1 
ATOM   155  C CD2 . LEU A 1 23  ? 2.972   -4.247  4.334   1.00 14.47 ? 64  LEU A CD2 1 
ATOM   156  N N   . GLU A 1 24  ? 7.791   -4.901  5.406   1.00 12.66 ? 65  GLU A N   1 
ATOM   157  C CA  . GLU A 1 24  ? 9.205   -4.803  5.043   1.00 12.50 ? 65  GLU A CA  1 
ATOM   158  C C   . GLU A 1 24  ? 9.283   -4.181  3.660   1.00 12.24 ? 65  GLU A C   1 
ATOM   159  O O   . GLU A 1 24  ? 8.629   -4.653  2.733   1.00 11.47 ? 65  GLU A O   1 
ATOM   160  C CB  . GLU A 1 24  ? 9.904   -6.167  5.026   1.00 12.80 ? 65  GLU A CB  1 
ATOM   161  C CG  . GLU A 1 24  ? 11.390  -6.070  4.648   1.00 12.64 ? 65  GLU A CG  1 
ATOM   162  C CD  . GLU A 1 24  ? 12.097  -7.409  4.501   1.00 13.47 ? 65  GLU A CD  1 
ATOM   163  O OE1 . GLU A 1 24  ? 11.533  -8.457  4.880   1.00 12.27 ? 65  GLU A OE1 1 
ATOM   164  O OE2 . GLU A 1 24  ? 13.240  -7.405  3.999   1.00 13.49 ? 65  GLU A OE2 1 
ATOM   165  N N   . LEU A 1 25  ? 10.072  -3.118  3.530   1.00 11.88 ? 66  LEU A N   1 
ATOM   166  C CA  . LEU A 1 25  ? 10.299  -2.483  2.237   1.00 11.98 ? 66  LEU A CA  1 
ATOM   167  C C   . LEU A 1 25  ? 11.628  -2.965  1.660   1.00 11.92 ? 66  LEU A C   1 
ATOM   168  O O   . LEU A 1 25  ? 12.680  -2.746  2.254   1.00 11.99 ? 66  LEU A O   1 
ATOM   169  C CB  . LEU A 1 25  ? 10.298  -0.958  2.379   1.00 12.03 ? 66  LEU A CB  1 
ATOM   170  C CG  . LEU A 1 25  ? 9.099   -0.357  3.116   1.00 11.92 ? 66  LEU A CG  1 
ATOM   171  C CD1 . LEU A 1 25  ? 9.236   1.156   3.153   1.00 12.46 ? 66  LEU A CD1 1 
ATOM   172  C CD2 . LEU A 1 25  ? 7.781   -0.780  2.467   1.00 11.77 ? 66  LEU A CD2 1 
ATOM   173  N N   . LYS A 1 26  ? 11.572  -3.608  0.497   1.00 11.92 ? 67  LYS A N   1 
ATOM   174  C CA  . LYS A 1 26  ? 12.750  -4.237  -0.105  1.00 11.60 ? 67  LYS A CA  1 
ATOM   175  C C   . LYS A 1 26  ? 13.628  -3.219  -0.834  1.00 11.46 ? 67  LYS A C   1 
ATOM   176  O O   . LYS A 1 26  ? 13.730  -3.219  -2.065  1.00 10.87 ? 67  LYS A O   1 
ATOM   177  C CB  . LYS A 1 26  ? 12.328  -5.371  -1.043  1.00 11.90 ? 67  LYS A CB  1 
ATOM   178  C CG  . LYS A 1 26  ? 11.701  -6.574  -0.328  1.00 12.46 ? 67  LYS A CG  1 
ATOM   179  C CD  . LYS A 1 26  ? 12.755  -7.322  0.484   0.80 13.69 ? 67  LYS A CD  1 
ATOM   180  C CE  . LYS A 1 26  ? 12.237  -8.606  1.092   0.80 14.93 ? 67  LYS A CE  1 
ATOM   181  N NZ  . LYS A 1 26  ? 13.306  -9.278  1.897   0.80 14.51 ? 67  LYS A NZ  1 
ATOM   182  N N   . ALA A 1 27  ? 14.275  -2.367  -0.043  1.00 11.34 ? 68  ALA A N   1 
ATOM   183  C CA  . ALA A 1 27  ? 15.139  -1.304  -0.556  1.00 11.58 ? 68  ALA A CA  1 
ATOM   184  C C   . ALA A 1 27  ? 16.358  -1.880  -1.268  1.00 11.72 ? 68  ALA A C   1 
ATOM   185  O O   . ALA A 1 27  ? 16.933  -1.234  -2.143  1.00 11.79 ? 68  ALA A O   1 
ATOM   186  C CB  . ALA A 1 27  ? 15.577  -0.387  0.583   1.00 11.29 ? 68  ALA A CB  1 
ATOM   187  N N   . ASP A 1 28  ? 16.751  -3.091  -0.878  1.00 12.18 ? 69  ASP A N   1 
ATOM   188  C CA  . ASP A 1 28  ? 17.845  -3.806  -1.538  1.00 12.51 ? 69  ASP A CA  1 
ATOM   189  C C   . ASP A 1 28  ? 17.573  -4.064  -3.031  1.00 12.53 ? 69  ASP A C   1 
ATOM   190  O O   . ASP A 1 28  ? 18.503  -4.053  -3.837  1.00 13.12 ? 69  ASP A O   1 
ATOM   191  C CB  . ASP A 1 28  ? 18.173  -5.124  -0.806  1.00 12.64 ? 69  ASP A CB  1 
ATOM   192  C CG  . ASP A 1 28  ? 16.963  -6.053  -0.655  1.00 13.33 ? 69  ASP A CG  1 
ATOM   193  O OD1 . ASP A 1 28  ? 15.807  -5.577  -0.646  1.00 12.72 ? 69  ASP A OD1 1 
ATOM   194  O OD2 . ASP A 1 28  ? 17.181  -7.274  -0.526  1.00 17.14 ? 69  ASP A OD2 1 
ATOM   195  N N   . VAL A 1 29  ? 16.304  -4.266  -3.386  1.00 12.45 ? 70  VAL A N   1 
ATOM   196  C CA  . VAL A 1 29  ? 15.883  -4.552  -4.765  1.00 12.20 ? 70  VAL A CA  1 
ATOM   197  C C   . VAL A 1 29  ? 15.329  -3.313  -5.479  1.00 11.99 ? 70  VAL A C   1 
ATOM   198  O O   . VAL A 1 29  ? 15.650  -3.061  -6.641  1.00 11.94 ? 70  VAL A O   1 
ATOM   199  C CB  . VAL A 1 29  ? 14.779  -5.631  -4.784  1.00 12.35 ? 70  VAL A CB  1 
ATOM   200  C CG1 . VAL A 1 29  ? 14.399  -5.999  -6.216  1.00 12.01 ? 70  VAL A CG1 1 
ATOM   201  C CG2 . VAL A 1 29  ? 15.214  -6.863  -3.998  1.00 12.17 ? 70  VAL A CG2 1 
ATOM   202  N N   . VAL A 1 30  ? 14.471  -2.573  -4.780  1.00 11.85 ? 71  VAL A N   1 
ATOM   203  C CA  . VAL A 1 30  ? 13.820  -1.375  -5.322  1.00 11.34 ? 71  VAL A CA  1 
ATOM   204  C C   . VAL A 1 30  ? 13.997  -0.196  -4.353  1.00 11.28 ? 71  VAL A C   1 
ATOM   205  O O   . VAL A 1 30  ? 13.046  0.201   -3.681  1.00 11.18 ? 71  VAL A O   1 
ATOM   206  C CB  . VAL A 1 30  ? 12.310  -1.623  -5.619  1.00 11.53 ? 71  VAL A CB  1 
ATOM   207  C CG1 . VAL A 1 30  ? 12.137  -2.421  -6.905  1.00 10.20 ? 71  VAL A CG1 1 
ATOM   208  C CG2 . VAL A 1 30  ? 11.608  -2.314  -4.450  1.00 10.22 ? 71  VAL A CG2 1 
ATOM   209  N N   . PRO A 1 31  ? 15.224  0.359   -4.279  1.00 11.16 ? 72  PRO A N   1 
ATOM   210  C CA  . PRO A 1 31  ? 15.539  1.416   -3.310  1.00 10.95 ? 72  PRO A CA  1 
ATOM   211  C C   . PRO A 1 31  ? 14.709  2.695   -3.476  1.00 10.95 ? 72  PRO A C   1 
ATOM   212  O O   . PRO A 1 31  ? 14.258  3.257   -2.488  1.00 10.64 ? 72  PRO A O   1 
ATOM   213  C CB  . PRO A 1 31  ? 17.022  1.705   -3.568  1.00 11.14 ? 72  PRO A CB  1 
ATOM   214  C CG  . PRO A 1 31  ? 17.293  1.195   -4.934  1.00 10.95 ? 72  PRO A CG  1 
ATOM   215  C CD  . PRO A 1 31  ? 16.413  -0.008  -5.076  1.00 11.16 ? 72  PRO A CD  1 
ATOM   216  N N   . LYS A 1 32  ? 14.514  3.131   -4.718  1.00 10.82 ? 73  LYS A N   1 
ATOM   217  C CA  . LYS A 1 32  ? 13.726  4.338   -5.007  1.00 10.83 ? 73  LYS A CA  1 
ATOM   218  C C   . LYS A 1 32  ? 12.256  4.171   -4.596  1.00 10.67 ? 73  LYS A C   1 
ATOM   219  O O   . LYS A 1 32  ? 11.661  5.070   -3.991  1.00 10.51 ? 73  LYS A O   1 
ATOM   220  C CB  . LYS A 1 32  ? 13.825  4.698   -6.493  1.00 11.01 ? 73  LYS A CB  1 
ATOM   221  C CG  . LYS A 1 32  ? 15.239  5.031   -6.950  1.00 11.76 ? 73  LYS A CG  1 
ATOM   222  C CD  . LYS A 1 32  ? 15.337  5.182   -8.466  1.00 12.26 ? 73  LYS A CD  1 
ATOM   223  C CE  . LYS A 1 32  ? 16.767  5.490   -8.908  1.00 12.12 ? 73  LYS A CE  1 
ATOM   224  N NZ  . LYS A 1 32  ? 17.770  4.467   -8.469  1.00 11.98 ? 73  LYS A NZ  1 
ATOM   225  N N   . THR A 1 33  ? 11.691  3.005   -4.902  1.00 10.34 ? 74  THR A N   1 
ATOM   226  C CA  . THR A 1 33  ? 10.303  2.697   -4.571  1.00 10.24 ? 74  THR A CA  1 
ATOM   227  C C   . THR A 1 33  ? 10.143  2.534   -3.051  1.00 10.11 ? 74  THR A C   1 
ATOM   228  O O   . THR A 1 33  ? 9.214   3.081   -2.456  1.00 9.60  ? 74  THR A O   1 
ATOM   229  C CB  . THR A 1 33  ? 9.819   1.434   -5.332  1.00 10.06 ? 74  THR A CB  1 
ATOM   230  O OG1 . THR A 1 33  ? 10.053  1.604   -6.740  1.00 9.39  ? 74  THR A OG1 1 
ATOM   231  C CG2 . THR A 1 33  ? 8.337   1.176   -5.101  1.00 10.66 ? 74  THR A CG2 1 
ATOM   232  N N   . ALA A 1 34  ? 11.066  1.804   -2.429  1.00 10.32 ? 75  ALA A N   1 
ATOM   233  C CA  . ALA A 1 34  ? 11.071  1.641   -0.970  1.00 10.54 ? 75  ALA A CA  1 
ATOM   234  C C   . ALA A 1 34  ? 11.145  2.995   -0.256  1.00 10.87 ? 75  ALA A C   1 
ATOM   235  O O   . ALA A 1 34  ? 10.381  3.257   0.680   1.00 10.81 ? 75  ALA A O   1 
ATOM   236  C CB  . ALA A 1 34  ? 12.242  0.762   -0.540  1.00 10.61 ? 75  ALA A CB  1 
ATOM   237  N N   . GLU A 1 35  ? 12.078  3.838   -0.701  1.00 11.07 ? 76  GLU A N   1 
ATOM   238  C CA  . GLU A 1 35  ? 12.297  5.169   -0.101  1.00 11.48 ? 76  GLU A CA  1 
ATOM   239  C C   . GLU A 1 35  ? 11.053  6.050   -0.161  1.00 11.22 ? 76  GLU A C   1 
ATOM   240  O O   . GLU A 1 35  ? 10.732  6.734   0.809   1.00 11.47 ? 76  GLU A O   1 
ATOM   241  C CB  . GLU A 1 35  ? 13.475  5.879   -0.781  1.00 11.60 ? 76  GLU A CB  1 
ATOM   242  C CG  . GLU A 1 35  ? 13.745  7.324   -0.323  1.00 12.52 ? 76  GLU A CG  1 
ATOM   243  C CD  . GLU A 1 35  ? 14.045  7.458   1.166   1.00 13.77 ? 76  GLU A CD  1 
ATOM   244  O OE1 . GLU A 1 35  ? 14.343  6.444   1.835   1.00 14.89 ? 76  GLU A OE1 1 
ATOM   245  O OE2 . GLU A 1 35  ? 13.998  8.595   1.670   1.00 14.72 ? 76  GLU A OE2 1 
ATOM   246  N N   . ASN A 1 36  ? 10.360  6.033   -1.295  1.00 11.16 ? 77  ASN A N   1 
ATOM   247  C CA  . ASN A 1 36  ? 9.117   6.784   -1.439  1.00 11.05 ? 77  ASN A CA  1 
ATOM   248  C C   . ASN A 1 36  ? 8.090   6.370   -0.385  1.00 11.00 ? 77  ASN A C   1 
ATOM   249  O O   . ASN A 1 36  ? 7.534   7.213   0.309   1.00 10.41 ? 77  ASN A O   1 
ATOM   250  C CB  . ASN A 1 36  ? 8.536   6.599   -2.840  1.00 11.15 ? 77  ASN A CB  1 
ATOM   251  C CG  . ASN A 1 36  ? 7.220   7.329   -3.030  1.00 11.07 ? 77  ASN A CG  1 
ATOM   252  O OD1 . ASN A 1 36  ? 7.154   8.550   -2.891  1.00 10.00 ? 77  ASN A OD1 1 
ATOM   253  N ND2 . ASN A 1 36  ? 6.157   6.578   -3.330  1.00 11.41 ? 77  ASN A ND2 1 
ATOM   254  N N   . PHE A 1 37  ? 7.851   5.066   -0.269  1.00 11.01 ? 78  PHE A N   1 
ATOM   255  C CA  . PHE A 1 37  ? 6.860   4.552   0.676   1.00 11.20 ? 78  PHE A CA  1 
ATOM   256  C C   . PHE A 1 37  ? 7.252   4.839   2.126   1.00 11.46 ? 78  PHE A C   1 
ATOM   257  O O   . PHE A 1 37  ? 6.387   5.119   2.964   1.00 11.61 ? 78  PHE A O   1 
ATOM   258  C CB  . PHE A 1 37  ? 6.673   3.044   0.483   1.00 11.16 ? 78  PHE A CB  1 
ATOM   259  C CG  . PHE A 1 37  ? 5.451   2.491   1.162   1.00 11.31 ? 78  PHE A CG  1 
ATOM   260  C CD1 . PHE A 1 37  ? 4.256   2.364   0.467   1.00 11.34 ? 78  PHE A CD1 1 
ATOM   261  C CD2 . PHE A 1 37  ? 5.496   2.085   2.490   1.00 10.83 ? 78  PHE A CD2 1 
ATOM   262  C CE1 . PHE A 1 37  ? 3.130   1.856   1.085   1.00 11.73 ? 78  PHE A CE1 1 
ATOM   263  C CE2 . PHE A 1 37  ? 4.364   1.570   3.111   1.00 11.54 ? 78  PHE A CE2 1 
ATOM   264  C CZ  . PHE A 1 37  ? 3.182   1.461   2.407   1.00 11.62 ? 78  PHE A CZ  1 
ATOM   265  N N   . ARG A 1 38  ? 8.549   4.744   2.414   1.00 11.55 ? 79  ARG A N   1 
ATOM   266  C CA  . ARG A 1 38  ? 9.079   4.975   3.758   1.00 11.86 ? 79  ARG A CA  1 
ATOM   267  C C   . ARG A 1 38  ? 8.788   6.410   4.195   1.00 12.08 ? 79  ARG A C   1 
ATOM   268  O O   . ARG A 1 38  ? 8.207   6.644   5.257   1.00 12.14 ? 79  ARG A O   1 
ATOM   269  C CB  . ARG A 1 38  ? 10.588  4.707   3.781   1.00 11.53 ? 79  ARG A CB  1 
ATOM   270  C CG  . ARG A 1 38  ? 11.256  4.796   5.167   1.00 12.03 ? 79  ARG A CG  1 
ATOM   271  C CD  . ARG A 1 38  ? 12.754  5.088   5.063   1.00 12.16 ? 79  ARG A CD  1 
ATOM   272  N NE  . ARG A 1 38  ? 12.992  6.381   4.428   1.00 12.18 ? 79  ARG A NE  1 
ATOM   273  C CZ  . ARG A 1 38  ? 12.859  7.560   5.033   1.00 12.73 ? 79  ARG A CZ  1 
ATOM   274  N NH1 . ARG A 1 38  ? 12.495  7.651   6.308   1.00 12.77 ? 79  ARG A NH1 1 
ATOM   275  N NH2 . ARG A 1 38  ? 13.082  8.671   4.348   1.00 13.89 ? 79  ARG A NH2 1 
ATOM   276  N N   . ALA A 1 39  ? 9.190   7.366   3.360   1.00 12.60 ? 80  ALA A N   1 
ATOM   277  C CA  . ALA A 1 39  ? 8.998   8.790   3.657   1.00 12.96 ? 80  ALA A CA  1 
ATOM   278  C C   . ALA A 1 39  ? 7.520   9.207   3.719   1.00 13.36 ? 80  ALA A C   1 
ATOM   279  O O   . ALA A 1 39  ? 7.168   10.124  4.466   1.00 13.67 ? 80  ALA A O   1 
ATOM   280  C CB  . ALA A 1 39  ? 9.759   9.650   2.652   1.00 12.84 ? 80  ALA A CB  1 
ATOM   281  N N   . LEU A 1 40  ? 6.665   8.539   2.942   1.00 13.55 ? 81  LEU A N   1 
ATOM   282  C CA  . LEU A 1 40  ? 5.214   8.775   2.991   1.00 13.50 ? 81  LEU A CA  1 
ATOM   283  C C   . LEU A 1 40  ? 4.581   8.212   4.268   1.00 13.39 ? 81  LEU A C   1 
ATOM   284  O O   . LEU A 1 40  ? 3.559   8.714   4.723   1.00 12.96 ? 81  LEU A O   1 
ATOM   285  C CB  . LEU A 1 40  ? 4.522   8.195   1.755   1.00 13.61 ? 81  LEU A CB  1 
ATOM   286  C CG  . LEU A 1 40  ? 4.829   8.905   0.435   1.00 13.97 ? 81  LEU A CG  1 
ATOM   287  C CD1 . LEU A 1 40  ? 4.204   8.138   -0.732  1.00 14.28 ? 81  LEU A CD1 1 
ATOM   288  C CD2 . LEU A 1 40  ? 4.356   10.357  0.449   1.00 14.58 ? 81  LEU A CD2 1 
ATOM   289  N N   . CYS A 1 41  ? 5.199   7.183   4.848   1.00 13.20 ? 82  CYS A N   1 
ATOM   290  C CA  . CYS A 1 41  ? 4.768   6.654   6.146   1.00 13.16 ? 82  CYS A CA  1 
ATOM   291  C C   . CYS A 1 41  ? 5.164   7.585   7.302   1.00 13.15 ? 82  CYS A C   1 
ATOM   292  O O   . CYS A 1 41  ? 4.367   7.805   8.215   1.00 13.00 ? 82  CYS A O   1 
ATOM   293  C CB  . CYS A 1 41  ? 5.338   5.248   6.389   1.00 13.13 ? 82  CYS A CB  1 
ATOM   294  S SG  . CYS A 1 41  ? 4.541   3.935   5.437   1.00 12.73 ? 82  CYS A SG  1 
ATOM   295  N N   . THR A 1 42  ? 6.389   8.112   7.266   1.00 13.23 ? 83  THR A N   1 
ATOM   296  C CA  . THR A 1 42  ? 6.866   9.036   8.308   1.00 13.30 ? 83  THR A CA  1 
ATOM   297  C C   . THR A 1 42  ? 6.223   10.419  8.180   1.00 13.75 ? 83  THR A C   1 
ATOM   298  O O   . THR A 1 42  ? 6.077   11.137  9.175   1.00 13.65 ? 83  THR A O   1 
ATOM   299  C CB  . THR A 1 42  ? 8.401   9.232   8.270   1.00 13.25 ? 83  THR A CB  1 
ATOM   300  O OG1 . THR A 1 42  ? 8.766   9.955   7.089   1.00 11.65 ? 83  THR A OG1 1 
ATOM   301  C CG2 . THR A 1 42  ? 9.139   7.892   8.316   1.00 13.12 ? 83  THR A CG2 1 
ATOM   302  N N   . GLY A 1 43  ? 5.852   10.784  6.954   1.00 14.24 ? 84  GLY A N   1 
ATOM   303  C CA  . GLY A 1 43  ? 5.280   12.094  6.657   1.00 14.86 ? 84  GLY A CA  1 
ATOM   304  C C   . GLY A 1 43  ? 6.312   13.208  6.679   1.00 15.55 ? 84  GLY A C   1 
ATOM   305  O O   . GLY A 1 43  ? 5.958   14.382  6.771   1.00 16.00 ? 84  GLY A O   1 
ATOM   306  N N   . GLU A 1 44  ? 7.589   12.847  6.568   1.00 15.99 ? 85  GLU A N   1 
ATOM   307  C CA  . GLU A 1 44  ? 8.689   13.797  6.795   1.00 16.21 ? 85  GLU A CA  1 
ATOM   308  C C   . GLU A 1 44  ? 8.854   14.868  5.703   1.00 16.55 ? 85  GLU A C   1 
ATOM   309  O O   . GLU A 1 44  ? 9.573   15.842  5.912   1.00 16.62 ? 85  GLU A O   1 
ATOM   310  C CB  . GLU A 1 44  ? 10.001  13.040  6.998   1.00 16.18 ? 85  GLU A CB  1 
ATOM   311  C CG  . GLU A 1 44  ? 10.545  12.382  5.745   1.00 15.58 ? 85  GLU A CG  1 
ATOM   312  C CD  . GLU A 1 44  ? 11.592  11.332  6.039   1.00 15.72 ? 85  GLU A CD  1 
ATOM   313  O OE1 . GLU A 1 44  ? 11.310  10.385  6.807   1.00 14.80 ? 85  GLU A OE1 1 
ATOM   314  O OE2 . GLU A 1 44  ? 12.704  11.459  5.497   1.00 15.84 ? 85  GLU A OE2 1 
ATOM   315  N N   . LYS A 1 45  ? 8.193   14.691  4.557   1.00 17.06 ? 86  LYS A N   1 
ATOM   316  C CA  . LYS A 1 45  ? 8.202   15.705  3.493   1.00 17.31 ? 86  LYS A CA  1 
ATOM   317  C C   . LYS A 1 45  ? 7.007   16.672  3.562   1.00 17.39 ? 86  LYS A C   1 
ATOM   318  O O   . LYS A 1 45  ? 6.811   17.470  2.644   1.00 17.83 ? 86  LYS A O   1 
ATOM   319  C CB  . LYS A 1 45  ? 8.234   15.041  2.111   1.00 17.44 ? 86  LYS A CB  1 
ATOM   320  C CG  . LYS A 1 45  ? 9.271   13.938  1.939   1.00 17.77 ? 86  LYS A CG  1 
ATOM   321  C CD  . LYS A 1 45  ? 10.686  14.436  2.144   1.00 18.32 ? 86  LYS A CD  1 
ATOM   322  C CE  . LYS A 1 45  ? 11.688  13.310  1.920   0.70 18.47 ? 86  LYS A CE  1 
ATOM   323  N NZ  . LYS A 1 45  ? 13.089  13.805  1.882   0.70 18.73 ? 86  LYS A NZ  1 
ATOM   324  N N   . GLY A 1 46  ? 6.222   16.609  4.637   1.00 17.46 ? 87  GLY A N   1 
ATOM   325  C CA  . GLY A 1 46  ? 5.049   17.477  4.807   1.00 17.36 ? 87  GLY A CA  1 
ATOM   326  C C   . GLY A 1 46  ? 3.743   16.878  4.301   1.00 17.12 ? 87  GLY A C   1 
ATOM   327  O O   . GLY A 1 46  ? 2.707   17.544  4.298   1.00 17.37 ? 87  GLY A O   1 
ATOM   328  N N   . PHE A 1 47  ? 3.790   15.621  3.872   1.00 16.81 ? 88  PHE A N   1 
ATOM   329  C CA  . PHE A 1 47  ? 2.603   14.906  3.403   1.00 16.50 ? 88  PHE A CA  1 
ATOM   330  C C   . PHE A 1 47  ? 2.862   13.405  3.441   1.00 16.15 ? 88  PHE A C   1 
ATOM   331  O O   . PHE A 1 47  ? 4.016   12.966  3.485   1.00 15.86 ? 88  PHE A O   1 
ATOM   332  C CB  . PHE A 1 47  ? 2.221   15.338  1.982   1.00 16.61 ? 88  PHE A CB  1 
ATOM   333  C CG  . PHE A 1 47  ? 3.335   15.194  0.980   1.00 17.02 ? 88  PHE A CG  1 
ATOM   334  C CD1 . PHE A 1 47  ? 3.543   13.989  0.316   1.00 17.28 ? 88  PHE A CD1 1 
ATOM   335  C CD2 . PHE A 1 47  ? 4.176   16.261  0.700   1.00 17.69 ? 88  PHE A CD2 1 
ATOM   336  C CE1 . PHE A 1 47  ? 4.565   13.850  -0.613  1.00 17.84 ? 88  PHE A CE1 1 
ATOM   337  C CE2 . PHE A 1 47  ? 5.208   16.131  -0.225  1.00 17.60 ? 88  PHE A CE2 1 
ATOM   338  C CZ  . PHE A 1 47  ? 5.402   14.919  -0.882  1.00 18.12 ? 88  PHE A CZ  1 
ATOM   339  N N   . GLY A 1 48  ? 1.784   12.627  3.423   1.00 15.88 ? 89  GLY A N   1 
ATOM   340  C CA  . GLY A 1 48  ? 1.892   11.175  3.447   1.00 15.56 ? 89  GLY A CA  1 
ATOM   341  C C   . GLY A 1 48  ? 0.581   10.476  3.751   1.00 15.21 ? 89  GLY A C   1 
ATOM   342  O O   . GLY A 1 48  ? -0.499  11.056  3.611   1.00 15.00 ? 89  GLY A O   1 
ATOM   343  N N   . TYR A 1 49  ? 0.691   9.227   4.192   1.00 14.85 ? 90  TYR A N   1 
ATOM   344  C CA  . TYR A 1 49  ? -0.462  8.339   4.321   1.00 14.63 ? 90  TYR A CA  1 
ATOM   345  C C   . TYR A 1 49  ? -1.353  8.601   5.537   1.00 14.79 ? 90  TYR A C   1 
ATOM   346  O O   . TYR A 1 49  ? -2.523  8.216   5.525   1.00 14.64 ? 90  TYR A O   1 
ATOM   347  C CB  . TYR A 1 49  ? 0.001   6.873   4.338   1.00 14.52 ? 90  TYR A CB  1 
ATOM   348  C CG  . TYR A 1 49  ? 0.684   6.412   3.058   1.00 13.65 ? 90  TYR A CG  1 
ATOM   349  C CD1 . TYR A 1 49  ? 0.087   6.608   1.815   1.00 12.91 ? 90  TYR A CD1 1 
ATOM   350  C CD2 . TYR A 1 49  ? 1.912   5.758   3.097   1.00 13.12 ? 90  TYR A CD2 1 
ATOM   351  C CE1 . TYR A 1 49  ? 0.705   6.181   0.643   1.00 13.08 ? 90  TYR A CE1 1 
ATOM   352  C CE2 . TYR A 1 49  ? 2.537   5.327   1.933   1.00 12.77 ? 90  TYR A CE2 1 
ATOM   353  C CZ  . TYR A 1 49  ? 1.928   5.539   0.707   1.00 13.28 ? 90  TYR A CZ  1 
ATOM   354  O OH  . TYR A 1 49  ? 2.546   5.114   -0.452  1.00 13.83 ? 90  TYR A OH  1 
ATOM   355  N N   . LYS A 1 50  ? -0.820  9.244   6.577   1.00 14.94 ? 91  LYS A N   1 
ATOM   356  C CA  . LYS A 1 50  ? -1.564  9.403   7.823   1.00 15.26 ? 91  LYS A CA  1 
ATOM   357  C C   . LYS A 1 50  ? -2.891  10.106  7.568   1.00 15.38 ? 91  LYS A C   1 
ATOM   358  O O   . LYS A 1 50  ? -2.918  11.199  7.003   1.00 15.01 ? 91  LYS A O   1 
ATOM   359  C CB  . LYS A 1 50  ? -0.755  10.178  8.864   1.00 15.46 ? 91  LYS A CB  1 
ATOM   360  C CG  . LYS A 1 50  ? -1.466  10.324  10.207  1.00 16.29 ? 91  LYS A CG  1 
ATOM   361  C CD  . LYS A 1 50  ? -0.513  10.813  11.289  1.00 17.23 ? 91  LYS A CD  1 
ATOM   362  C CE  . LYS A 1 50  ? -1.232  11.088  12.607  0.80 17.56 ? 91  LYS A CE  1 
ATOM   363  N NZ  . LYS A 1 50  ? -1.243  9.901   13.494  0.70 17.61 ? 91  LYS A NZ  1 
ATOM   364  N N   . GLY A 1 51  ? -3.980  9.454   7.967   1.00 15.62 ? 92  GLY A N   1 
ATOM   365  C CA  . GLY A 1 51  ? -5.327  10.013  7.846   1.00 15.84 ? 92  GLY A CA  1 
ATOM   366  C C   . GLY A 1 51  ? -6.027  9.669   6.542   1.00 16.04 ? 92  GLY A C   1 
ATOM   367  O O   . GLY A 1 51  ? -7.190  10.043  6.354   1.00 16.32 ? 92  GLY A O   1 
ATOM   368  N N   . SER A 1 52  ? -5.332  8.969   5.643   1.00 16.08 ? 93  SER A N   1 
ATOM   369  C CA  . SER A 1 52  ? -5.912  8.537   4.362   1.00 15.88 ? 93  SER A CA  1 
ATOM   370  C C   . SER A 1 52  ? -6.524  7.131   4.489   1.00 16.07 ? 93  SER A C   1 
ATOM   371  O O   . SER A 1 52  ? -6.404  6.493   5.540   1.00 16.18 ? 93  SER A O   1 
ATOM   372  C CB  . SER A 1 52  ? -4.870  8.610   3.232   1.00 15.87 ? 93  SER A CB  1 
ATOM   373  O OG  . SER A 1 52  ? -3.819  7.666   3.385   1.00 15.61 ? 93  SER A OG  1 
ATOM   374  N N   . THR A 1 53  ? -7.175  6.663   3.423   1.00 15.62 ? 94  THR A N   1 
ATOM   375  C CA  . THR A 1 53  ? -8.053  5.490   3.487   1.00 15.57 ? 94  THR A CA  1 
ATOM   376  C C   . THR A 1 53  ? -7.654  4.341   2.559   1.00 15.26 ? 94  THR A C   1 
ATOM   377  O O   . THR A 1 53  ? -6.873  4.526   1.623   1.00 15.06 ? 94  THR A O   1 
ATOM   378  C CB  . THR A 1 53  ? -9.512  5.884   3.124   1.00 15.56 ? 94  THR A CB  1 
ATOM   379  O OG1 . THR A 1 53  ? -9.600  6.218   1.726   1.00 15.65 ? 94  THR A OG1 1 
ATOM   380  C CG2 . THR A 1 53  ? -9.988  7.065   3.971   1.00 15.38 ? 94  THR A CG2 1 
ATOM   381  N N   . PHE A 1 54  ? -8.187  3.152   2.850   1.00 15.05 ? 95  PHE A N   1 
ATOM   382  C CA  . PHE A 1 54  ? -8.285  2.073   1.867   1.00 15.09 ? 95  PHE A CA  1 
ATOM   383  C C   . PHE A 1 54  ? -9.603  2.291   1.127   1.00 15.30 ? 95  PHE A C   1 
ATOM   384  O O   . PHE A 1 54  ? -10.684 2.052   1.680   1.00 15.44 ? 95  PHE A O   1 
ATOM   385  C CB  . PHE A 1 54  ? -8.277  0.684   2.516   1.00 15.27 ? 95  PHE A CB  1 
ATOM   386  C CG  . PHE A 1 54  ? -6.917  0.219   2.946   1.00 14.73 ? 95  PHE A CG  1 
ATOM   387  C CD1 . PHE A 1 54  ? -6.345  0.701   4.119   1.00 14.61 ? 95  PHE A CD1 1 
ATOM   388  C CD2 . PHE A 1 54  ? -6.210  -0.704  2.183   1.00 15.19 ? 95  PHE A CD2 1 
ATOM   389  C CE1 . PHE A 1 54  ? -5.089  0.276   4.522   1.00 14.50 ? 95  PHE A CE1 1 
ATOM   390  C CE2 . PHE A 1 54  ? -4.952  -1.143  2.581   1.00 14.91 ? 95  PHE A CE2 1 
ATOM   391  C CZ  . PHE A 1 54  ? -4.389  -0.652  3.751   1.00 14.40 ? 95  PHE A CZ  1 
ATOM   392  N N   . HIS A 1 55  ? -9.497  2.750   -0.116  1.00 15.18 ? 96  HIS A N   1 
ATOM   393  C CA  . HIS A 1 55  ? -10.657 3.191   -0.905  1.00 15.30 ? 96  HIS A CA  1 
ATOM   394  C C   . HIS A 1 55  ? -11.208 2.125   -1.850  1.00 15.30 ? 96  HIS A C   1 
ATOM   395  O O   . HIS A 1 55  ? -12.343 2.230   -2.312  1.00 15.15 ? 96  HIS A O   1 
ATOM   396  C CB  . HIS A 1 55  ? -10.281 4.432   -1.720  1.00 15.32 ? 96  HIS A CB  1 
ATOM   397  C CG  . HIS A 1 55  ? -9.249  4.174   -2.776  1.00 15.28 ? 96  HIS A CG  1 
ATOM   398  N ND1 . HIS A 1 55  ? -7.896  4.241   -2.526  1.00 15.53 ? 96  HIS A ND1 1 
ATOM   399  C CD2 . HIS A 1 55  ? -9.375  3.840   -4.083  1.00 15.79 ? 96  HIS A CD2 1 
ATOM   400  C CE1 . HIS A 1 55  ? -7.232  3.959   -3.633  1.00 15.43 ? 96  HIS A CE1 1 
ATOM   401  N NE2 . HIS A 1 55  ? -8.106  3.720   -4.595  1.00 14.27 ? 96  HIS A NE2 1 
ATOM   402  N N   . ARG A 1 56  ? -10.393 1.119   -2.157  1.00 15.30 ? 97  ARG A N   1 
ATOM   403  C CA  . ARG A 1 56  ? -10.771 0.069   -3.091  1.00 15.58 ? 97  ARG A CA  1 
ATOM   404  C C   . ARG A 1 56  ? -10.280 -1.271  -2.558  1.00 15.56 ? 97  ARG A C   1 
ATOM   405  O O   . ARG A 1 56  ? -9.074  -1.492  -2.455  1.00 15.45 ? 97  ARG A O   1 
ATOM   406  C CB  . ARG A 1 56  ? -10.183 0.362   -4.474  1.00 15.61 ? 97  ARG A CB  1 
ATOM   407  C CG  . ARG A 1 56  ? -10.281 -0.779  -5.480  1.00 16.52 ? 97  ARG A CG  1 
ATOM   408  C CD  A ARG A 1 56  ? -9.686  -0.446  -6.849  0.50 17.45 ? 97  ARG A CD  1 
ATOM   409  C CD  B ARG A 1 56  ? -9.804  -0.292  -6.839  0.50 17.19 ? 97  ARG A CD  1 
ATOM   410  N NE  A ARG A 1 56  ? -9.914  -1.557  -7.772  0.50 18.33 ? 97  ARG A NE  1 
ATOM   411  N NE  B ARG A 1 56  ? -9.328  -1.360  -7.708  0.50 17.91 ? 97  ARG A NE  1 
ATOM   412  C CZ  A ARG A 1 56  ? -9.032  -2.022  -8.653  0.50 19.21 ? 97  ARG A CZ  1 
ATOM   413  C CZ  B ARG A 1 56  ? -10.097 -2.052  -8.542  0.50 18.38 ? 97  ARG A CZ  1 
ATOM   414  N NH1 A ARG A 1 56  ? -7.820  -1.491  -8.757  0.50 19.13 ? 97  ARG A NH1 1 
ATOM   415  N NH1 B ARG A 1 56  ? -11.398 -1.809  -8.618  0.50 18.32 ? 97  ARG A NH1 1 
ATOM   416  N NH2 A ARG A 1 56  ? -9.366  -3.044  -9.431  0.50 20.01 ? 97  ARG A NH2 1 
ATOM   417  N NH2 B ARG A 1 56  ? -9.558  -2.999  -9.296  0.50 19.27 ? 97  ARG A NH2 1 
ATOM   418  N N   . VAL A 1 57  ? -11.225 -2.141  -2.202  1.00 15.62 ? 98  VAL A N   1 
ATOM   419  C CA  . VAL A 1 57  ? -10.929 -3.459  -1.643  1.00 15.72 ? 98  VAL A CA  1 
ATOM   420  C C   . VAL A 1 57  ? -11.793 -4.520  -2.327  1.00 15.75 ? 98  VAL A C   1 
ATOM   421  O O   . VAL A 1 57  ? -13.022 -4.417  -2.341  1.00 15.97 ? 98  VAL A O   1 
ATOM   422  C CB  . VAL A 1 57  ? -11.184 -3.490  -0.115  1.00 15.48 ? 98  VAL A CB  1 
ATOM   423  C CG1 . VAL A 1 57  ? -10.959 -4.886  0.437   1.00 15.94 ? 98  VAL A CG1 1 
ATOM   424  C CG2 . VAL A 1 57  ? -10.289 -2.479  0.595   1.00 16.05 ? 98  VAL A CG2 1 
ATOM   425  N N   . ILE A 1 58  ? -11.140 -5.534  -2.896  1.00 15.78 ? 99  ILE A N   1 
ATOM   426  C CA  . ILE A 1 58  ? -11.831 -6.597  -3.622  1.00 16.01 ? 99  ILE A CA  1 
ATOM   427  C C   . ILE A 1 58  ? -11.504 -7.946  -2.983  1.00 16.12 ? 99  ILE A C   1 
ATOM   428  O O   . ILE A 1 58  ? -10.344 -8.369  -3.010  1.00 15.68 ? 99  ILE A O   1 
ATOM   429  C CB  . ILE A 1 58  ? -11.424 -6.615  -5.117  1.00 15.87 ? 99  ILE A CB  1 
ATOM   430  C CG1 . ILE A 1 58  ? -11.796 -5.286  -5.787  1.00 16.03 ? 99  ILE A CG1 1 
ATOM   431  C CG2 . ILE A 1 58  ? -12.102 -7.767  -5.842  1.00 15.82 ? 99  ILE A CG2 1 
ATOM   432  C CD1 . ILE A 1 58  ? -11.212 -5.116  -7.170  1.00 16.26 ? 99  ILE A CD1 1 
ATOM   433  N N   . PRO A 1 59  ? -12.519 -8.622  -2.396  1.00 16.46 ? 100 PRO A N   1 
ATOM   434  C CA  . PRO A 1 59  ? -12.267 -9.919  -1.763  1.00 16.65 ? 100 PRO A CA  1 
ATOM   435  C C   . PRO A 1 59  ? -11.645 -10.936 -2.715  1.00 16.74 ? 100 PRO A C   1 
ATOM   436  O O   . PRO A 1 59  ? -12.020 -10.993 -3.893  1.00 16.64 ? 100 PRO A O   1 
ATOM   437  C CB  . PRO A 1 59  ? -13.660 -10.380 -1.320  1.00 16.63 ? 100 PRO A CB  1 
ATOM   438  C CG  . PRO A 1 59  ? -14.445 -9.147  -1.186  1.00 16.93 ? 100 PRO A CG  1 
ATOM   439  C CD  . PRO A 1 59  ? -13.926 -8.213  -2.243  1.00 16.76 ? 100 PRO A CD  1 
ATOM   440  N N   . SER A 1 60  ? -10.703 -11.718 -2.191  1.00 16.59 ? 101 SER A N   1 
ATOM   441  C CA  . SER A 1 60  ? -9.955  -12.723 -2.958  1.00 17.08 ? 101 SER A CA  1 
ATOM   442  C C   . SER A 1 60  ? -9.057  -12.100 -4.023  1.00 16.88 ? 101 SER A C   1 
ATOM   443  O O   . SER A 1 60  ? -8.703  -12.761 -4.998  1.00 17.12 ? 101 SER A O   1 
ATOM   444  C CB  . SER A 1 60  ? -10.894 -13.770 -3.589  1.00 16.96 ? 101 SER A CB  1 
ATOM   445  O OG  . SER A 1 60  ? -11.651 -14.439 -2.600  1.00 18.45 ? 101 SER A OG  1 
ATOM   446  N N   . PHE A 1 61  ? -8.680  -10.835 -3.831  1.00 16.93 ? 102 PHE A N   1 
ATOM   447  C CA  . PHE A 1 61  ? -7.781  -10.150 -4.761  1.00 16.97 ? 102 PHE A CA  1 
ATOM   448  C C   . PHE A 1 61  ? -6.794  -9.246  -4.004  1.00 16.65 ? 102 PHE A C   1 
ATOM   449  O O   . PHE A 1 61  ? -5.634  -9.622  -3.825  1.00 16.41 ? 102 PHE A O   1 
ATOM   450  C CB  . PHE A 1 61  ? -8.594  -9.390  -5.828  1.00 17.22 ? 102 PHE A CB  1 
ATOM   451  C CG  . PHE A 1 61  ? -7.758  -8.626  -6.841  1.00 18.19 ? 102 PHE A CG  1 
ATOM   452  C CD1 . PHE A 1 61  ? -8.331  -7.583  -7.558  1.00 19.18 ? 102 PHE A CD1 1 
ATOM   453  C CD2 . PHE A 1 61  ? -6.417  -8.934  -7.079  1.00 18.89 ? 102 PHE A CD2 1 
ATOM   454  C CE1 . PHE A 1 61  ? -7.594  -6.862  -8.493  1.00 19.40 ? 102 PHE A CE1 1 
ATOM   455  C CE2 . PHE A 1 61  ? -5.674  -8.210  -8.010  1.00 19.56 ? 102 PHE A CE2 1 
ATOM   456  C CZ  . PHE A 1 61  ? -6.265  -7.176  -8.717  1.00 18.98 ? 102 PHE A CZ  1 
ATOM   457  N N   . MET A 1 62  ? -7.241  -8.078  -3.547  1.00 16.47 ? 103 MET A N   1 
ATOM   458  C CA  . MET A 1 62  ? -6.317  -7.112  -2.928  1.00 16.43 ? 103 MET A CA  1 
ATOM   459  C C   . MET A 1 62  ? -7.006  -5.969  -2.182  1.00 15.71 ? 103 MET A C   1 
ATOM   460  O O   . MET A 1 62  ? -8.199  -5.728  -2.354  1.00 15.56 ? 103 MET A O   1 
ATOM   461  C CB  . MET A 1 62  ? -5.358  -6.537  -3.986  1.00 16.87 ? 103 MET A CB  1 
ATOM   462  C CG  . MET A 1 62  ? -6.034  -5.872  -5.178  1.00 18.23 ? 103 MET A CG  1 
ATOM   463  S SD  . MET A 1 62  ? -6.342  -4.123  -4.913  1.00 22.27 ? 103 MET A SD  1 
ATOM   464  C CE  . MET A 1 62  ? -7.606  -3.827  -6.150  1.00 21.58 ? 103 MET A CE  1 
ATOM   465  N N   . CYS A 1 63  ? -6.224  -5.285  -1.345  1.00 14.91 ? 104 CYS A N   1 
ATOM   466  C CA  . CYS A 1 63  ? -6.661  -4.095  -0.618  1.00 14.53 ? 104 CYS A CA  1 
ATOM   467  C C   . CYS A 1 63  ? -5.794  -2.918  -1.055  1.00 14.09 ? 104 CYS A C   1 
ATOM   468  O O   . CYS A 1 63  ? -4.572  -2.956  -0.883  1.00 13.49 ? 104 CYS A O   1 
ATOM   469  C CB  . CYS A 1 63  ? -6.522  -4.300  0.898   1.00 14.81 ? 104 CYS A CB  1 
ATOM   470  S SG  . CYS A 1 63  ? -7.254  -5.836  1.523   1.00 15.12 ? 104 CYS A SG  1 
ATOM   471  N N   . GLN A 1 64  ? -6.432  -1.876  -1.594  1.00 13.67 ? 105 GLN A N   1 
ATOM   472  C CA  . GLN A 1 64  ? -5.727  -0.726  -2.164  1.00 13.38 ? 105 GLN A CA  1 
ATOM   473  C C   . GLN A 1 64  ? -5.954  0.563   -1.372  1.00 13.33 ? 105 GLN A C   1 
ATOM   474  O O   . GLN A 1 64  ? -7.064  0.835   -0.904  1.00 13.06 ? 105 GLN A O   1 
ATOM   475  C CB  . GLN A 1 64  ? -6.160  -0.521  -3.616  1.00 13.61 ? 105 GLN A CB  1 
ATOM   476  C CG  . GLN A 1 64  ? -5.343  0.511   -4.380  1.00 13.11 ? 105 GLN A CG  1 
ATOM   477  C CD  . GLN A 1 64  ? -5.687  0.552   -5.856  1.00 13.36 ? 105 GLN A CD  1 
ATOM   478  O OE1 . GLN A 1 64  ? -6.091  -0.457  -6.441  1.00 13.22 ? 105 GLN A OE1 1 
ATOM   479  N NE2 . GLN A 1 64  ? -5.517  1.714   -6.468  1.00 13.24 ? 105 GLN A NE2 1 
ATOM   480  N N   . ALA A 1 65  ? -4.893  1.364   -1.270  1.00 13.24 ? 106 ALA A N   1 
ATOM   481  C CA  . ALA A 1 65  ? -4.870  2.575   -0.456  1.00 13.29 ? 106 ALA A CA  1 
ATOM   482  C C   . ALA A 1 65  ? -3.827  3.545   -1.011  1.00 13.46 ? 106 ALA A C   1 
ATOM   483  O O   . ALA A 1 65  ? -3.231  3.280   -2.051  1.00 13.41 ? 106 ALA A O   1 
ATOM   484  C CB  . ALA A 1 65  ? -4.549  2.220   0.993   1.00 13.00 ? 106 ALA A CB  1 
ATOM   485  N N   . GLY A 1 66  ? -3.625  4.672   -0.331  1.00 13.91 ? 107 GLY A N   1 
ATOM   486  C CA  . GLY A 1 66  ? -2.533  5.597   -0.652  1.00 14.17 ? 107 GLY A CA  1 
ATOM   487  C C   . GLY A 1 66  ? -2.884  6.866   -1.412  1.00 14.46 ? 107 GLY A C   1 
ATOM   488  O O   . GLY A 1 66  ? -1.998  7.667   -1.716  1.00 14.75 ? 107 GLY A O   1 
ATOM   489  N N   . ASP A 1 67  ? -4.163  7.063   -1.728  1.00 14.68 ? 108 ASP A N   1 
ATOM   490  C CA  . ASP A 1 67  ? -4.609  8.313   -2.341  1.00 14.93 ? 108 ASP A CA  1 
ATOM   491  C C   . ASP A 1 67  ? -4.896  9.351   -1.248  1.00 15.26 ? 108 ASP A C   1 
ATOM   492  O O   . ASP A 1 67  ? -6.037  9.509   -0.808  1.00 15.08 ? 108 ASP A O   1 
ATOM   493  C CB  . ASP A 1 67  ? -5.843  8.085   -3.225  1.00 14.90 ? 108 ASP A CB  1 
ATOM   494  C CG  . ASP A 1 67  ? -6.258  9.333   -3.990  1.00 14.29 ? 108 ASP A CG  1 
ATOM   495  O OD1 . ASP A 1 67  ? -5.686  10.419  -3.745  1.00 14.54 ? 108 ASP A OD1 1 
ATOM   496  O OD2 . ASP A 1 67  ? -7.159  9.227   -4.839  1.00 13.70 ? 108 ASP A OD2 1 
ATOM   497  N N   . PHE A 1 68  ? -3.849  10.055  -0.819  1.00 15.72 ? 109 PHE A N   1 
ATOM   498  C CA  . PHE A 1 68  ? -3.967  11.035  0.268   1.00 16.21 ? 109 PHE A CA  1 
ATOM   499  C C   . PHE A 1 68  ? -4.291  12.452  -0.220  1.00 16.98 ? 109 PHE A C   1 
ATOM   500  O O   . PHE A 1 68  ? -4.356  13.385  0.586   1.00 17.26 ? 109 PHE A O   1 
ATOM   501  C CB  . PHE A 1 68  ? -2.707  11.047  1.153   1.00 16.05 ? 109 PHE A CB  1 
ATOM   502  C CG  . PHE A 1 68  ? -1.428  11.349  0.415   1.00 15.43 ? 109 PHE A CG  1 
ATOM   503  C CD1 . PHE A 1 68  ? -1.093  12.656  0.068   1.00 14.97 ? 109 PHE A CD1 1 
ATOM   504  C CD2 . PHE A 1 68  ? -0.539  10.330  0.101   1.00 15.02 ? 109 PHE A CD2 1 
ATOM   505  C CE1 . PHE A 1 68  ? 0.090   12.931  -0.602  1.00 14.77 ? 109 PHE A CE1 1 
ATOM   506  C CE2 . PHE A 1 68  ? 0.648   10.603  -0.565  1.00 14.83 ? 109 PHE A CE2 1 
ATOM   507  C CZ  . PHE A 1 68  ? 0.961   11.901  -0.914  1.00 14.79 ? 109 PHE A CZ  1 
ATOM   508  N N   . THR A 1 69  ? -4.486  12.618  -1.528  1.00 17.50 ? 110 THR A N   1 
ATOM   509  C CA  . THR A 1 69  ? -4.831  13.929  -2.085  1.00 18.08 ? 110 THR A CA  1 
ATOM   510  C C   . THR A 1 69  ? -6.303  13.998  -2.489  0.80 18.40 ? 110 THR A C   1 
ATOM   511  O O   . THR A 1 69  ? -6.994  14.952  -2.142  0.80 18.26 ? 110 THR A O   1 
ATOM   512  C CB  . THR A 1 69  ? -3.942  14.290  -3.294  1.00 18.18 ? 110 THR A CB  1 
ATOM   513  O OG1 . THR A 1 69  ? -4.141  13.344  -4.350  1.00 18.68 ? 110 THR A OG1 1 
ATOM   514  C CG2 . THR A 1 69  ? -2.470  14.308  -2.892  1.00 18.62 ? 110 THR A CG2 1 
ATOM   515  N N   . ASN A 1 70  ? -6.772  12.979  -3.213  1.00 18.83 ? 111 ASN A N   1 
ATOM   516  C CA  . ASN A 1 70  ? -8.144  12.937  -3.726  1.00 19.21 ? 111 ASN A CA  1 
ATOM   517  C C   . ASN A 1 70  ? -9.059  11.947  -2.993  0.90 19.34 ? 111 ASN A C   1 
ATOM   518  O O   . ASN A 1 70  ? -10.276 12.023  -3.129  0.80 19.40 ? 111 ASN A O   1 
ATOM   519  C CB  . ASN A 1 70  ? -8.134  12.619  -5.226  1.00 19.26 ? 111 ASN A CB  1 
ATOM   520  C CG  . ASN A 1 70  ? -7.463  13.709  -6.058  1.00 19.11 ? 111 ASN A CG  1 
ATOM   521  O OD1 . ASN A 1 70  ? -7.088  14.763  -5.547  1.00 19.49 ? 111 ASN A OD1 1 
ATOM   522  N ND2 . ASN A 1 70  ? -7.319  13.454  -7.351  1.00 18.84 ? 111 ASN A ND2 1 
ATOM   523  N N   . HIS A 1 71  ? -8.470  11.020  -2.237  0.90 19.51 ? 112 HIS A N   1 
ATOM   524  C CA  . HIS A 1 71  ? -9.217  10.045  -1.429  0.90 19.58 ? 112 HIS A CA  1 
ATOM   525  C C   . HIS A 1 71  ? -10.235 9.207   -2.215  0.90 19.43 ? 112 HIS A C   1 
ATOM   526  O O   . HIS A 1 71  ? -11.270 8.811   -1.676  0.90 19.40 ? 112 HIS A O   1 
ATOM   527  C CB  . HIS A 1 71  ? -9.901  10.750  -0.251  0.90 19.85 ? 112 HIS A CB  1 
ATOM   528  C CG  . HIS A 1 71  ? -8.953  11.504  0.625   0.90 20.36 ? 112 HIS A CG  1 
ATOM   529  N ND1 . HIS A 1 71  ? -8.165  10.884  1.570   0.90 21.12 ? 112 HIS A ND1 1 
ATOM   530  C CD2 . HIS A 1 71  ? -8.641  12.821  0.679   0.90 21.16 ? 112 HIS A CD2 1 
ATOM   531  C CE1 . HIS A 1 71  ? -7.417  11.789  2.177   0.90 21.25 ? 112 HIS A CE1 1 
ATOM   532  N NE2 . HIS A 1 71  ? -7.687  12.972  1.655   0.90 21.39 ? 112 HIS A NE2 1 
ATOM   533  N N   . ASN A 1 72  ? -9.936  8.925   -3.478  0.90 19.03 ? 113 ASN A N   1 
ATOM   534  C CA  . ASN A 1 72  ? -10.867 8.165   -4.321  1.00 18.97 ? 113 ASN A CA  1 
ATOM   535  C C   . ASN A 1 72  ? -10.240 7.261   -5.389  0.95 18.81 ? 113 ASN A C   1 
ATOM   536  O O   . ASN A 1 72  ? -10.966 6.578   -6.111  0.95 19.17 ? 113 ASN A O   1 
ATOM   537  C CB  . ASN A 1 72  ? -11.888 9.122   -4.961  1.00 18.79 ? 113 ASN A CB  1 
ATOM   538  C CG  . ASN A 1 72  ? -11.245 10.149  -5.885  1.00 18.40 ? 113 ASN A CG  1 
ATOM   539  O OD1 . ASN A 1 72  ? -10.127 9.968   -6.371  1.00 16.71 ? 113 ASN A OD1 1 
ATOM   540  N ND2 . ASN A 1 72  ? -11.962 11.236  -6.133  1.00 18.00 ? 113 ASN A ND2 1 
ATOM   541  N N   . GLY A 1 73  ? -8.909  7.246   -5.485  1.00 18.49 ? 114 GLY A N   1 
ATOM   542  C CA  . GLY A 1 73  ? -8.204  6.372   -6.427  1.00 18.19 ? 114 GLY A CA  1 
ATOM   543  C C   . GLY A 1 73  ? -7.671  7.061   -7.672  1.00 17.89 ? 114 GLY A C   1 
ATOM   544  O O   . GLY A 1 73  ? -7.086  6.412   -8.542  0.95 18.10 ? 114 GLY A O   1 
ATOM   545  N N   . THR A 1 74  ? -7.875  8.374   -7.765  1.00 17.55 ? 115 THR A N   1 
ATOM   546  C CA  . THR A 1 74  ? -7.394  9.159   -8.897  1.00 17.28 ? 115 THR A CA  1 
ATOM   547  C C   . THR A 1 74  ? -6.147  9.961   -8.546  1.00 17.23 ? 115 THR A C   1 
ATOM   548  O O   . THR A 1 74  ? -5.482  10.486  -9.434  1.00 17.33 ? 115 THR A O   1 
ATOM   549  C CB  . THR A 1 74  ? -8.468  10.151  -9.375  1.00 17.30 ? 115 THR A CB  1 
ATOM   550  O OG1 . THR A 1 74  ? -8.767  11.079  -8.320  1.00 17.30 ? 115 THR A OG1 1 
ATOM   551  C CG2 . THR A 1 74  ? -9.741  9.405   -9.792  1.00 16.54 ? 115 THR A CG2 1 
ATOM   552  N N   . GLY A 1 75  ? -5.834  10.051  -7.254  1.00 17.12 ? 116 GLY A N   1 
ATOM   553  C CA  . GLY A 1 75  ? -4.823  10.986  -6.771  1.00 17.20 ? 116 GLY A CA  1 
ATOM   554  C C   . GLY A 1 75  ? -3.593  10.354  -6.153  1.00 17.22 ? 116 GLY A C   1 
ATOM   555  O O   . GLY A 1 75  ? -3.188  9.242   -6.515  1.00 17.33 ? 116 GLY A O   1 
ATOM   556  N N   . GLY A 1 76  ? -3.004  11.084  -5.208  1.00 17.22 ? 117 GLY A N   1 
ATOM   557  C CA  . GLY A 1 76  ? -1.740  10.707  -4.596  1.00 17.21 ? 117 GLY A CA  1 
ATOM   558  C C   . GLY A 1 76  ? -0.579  11.359  -5.328  1.00 17.01 ? 117 GLY A C   1 
ATOM   559  O O   . GLY A 1 76  ? -0.732  11.831  -6.454  1.00 17.34 ? 117 GLY A O   1 
ATOM   560  N N   . LYS A 1 77  ? 0.576   11.403  -4.671  1.00 16.76 ? 118 LYS A N   1 
ATOM   561  C CA  . LYS A 1 77  ? 1.816   11.889  -5.279  1.00 16.29 ? 118 LYS A CA  1 
ATOM   562  C C   . LYS A 1 77  ? 3.022   11.273  -4.570  1.00 15.72 ? 118 LYS A C   1 
ATOM   563  O O   . LYS A 1 77  ? 2.924   10.857  -3.419  1.00 15.46 ? 118 LYS A O   1 
ATOM   564  C CB  . LYS A 1 77  ? 1.897   13.419  -5.225  1.00 16.60 ? 118 LYS A CB  1 
ATOM   565  C CG  . LYS A 1 77  ? 2.010   14.014  -3.835  1.00 17.62 ? 118 LYS A CG  1 
ATOM   566  C CD  . LYS A 1 77  ? 2.033   15.535  -3.889  1.00 18.62 ? 118 LYS A CD  1 
ATOM   567  C CE  . LYS A 1 77  ? 1.884   16.138  -2.505  1.00 19.63 ? 118 LYS A CE  1 
ATOM   568  N NZ  . LYS A 1 77  ? 2.038   17.622  -2.529  1.00 20.62 ? 118 LYS A NZ  1 
ATOM   569  N N   . SER A 1 78  ? 4.154   11.215  -5.264  1.00 14.91 ? 119 SER A N   1 
ATOM   570  C CA  . SER A 1 78  ? 5.373   10.656  -4.684  1.00 14.46 ? 119 SER A CA  1 
ATOM   571  C C   . SER A 1 78  ? 6.229   11.755  -4.052  1.00 14.21 ? 119 SER A C   1 
ATOM   572  O O   . SER A 1 78  ? 5.945   12.953  -4.194  1.00 13.93 ? 119 SER A O   1 
ATOM   573  C CB  . SER A 1 78  ? 6.171   9.892   -5.744  1.00 14.31 ? 119 SER A CB  1 
ATOM   574  O OG  . SER A 1 78  ? 6.984   10.750  -6.522  1.00 14.14 ? 119 SER A OG  1 
ATOM   575  N N   . ILE A 1 79  ? 7.291   11.337  -3.366  1.00 13.93 ? 120 ILE A N   1 
ATOM   576  C CA  . ILE A 1 79  ? 8.240   12.284  -2.778  1.00 13.86 ? 120 ILE A CA  1 
ATOM   577  C C   . ILE A 1 79  ? 9.129   12.942  -3.843  1.00 13.87 ? 120 ILE A C   1 
ATOM   578  O O   . ILE A 1 79  ? 9.780   13.951  -3.571  1.00 14.29 ? 120 ILE A O   1 
ATOM   579  C CB  . ILE A 1 79  ? 9.122   11.632  -1.672  1.00 13.62 ? 120 ILE A CB  1 
ATOM   580  C CG1 . ILE A 1 79  ? 10.058  10.564  -2.246  1.00 13.44 ? 120 ILE A CG1 1 
ATOM   581  C CG2 . ILE A 1 79  ? 8.243   11.060  -0.554  1.00 13.61 ? 120 ILE A CG2 1 
ATOM   582  C CD1 . ILE A 1 79  ? 11.031  9.995   -1.223  1.00 12.80 ? 120 ILE A CD1 1 
ATOM   583  N N   . TYR A 1 80  ? 9.134   12.371  -5.047  1.00 13.96 ? 121 TYR A N   1 
ATOM   584  C CA  . TYR A 1 80  ? 9.980   12.838  -6.152  1.00 14.02 ? 121 TYR A CA  1 
ATOM   585  C C   . TYR A 1 80  ? 9.272   13.837  -7.067  1.00 14.14 ? 121 TYR A C   1 
ATOM   586  O O   . TYR A 1 80  ? 9.917   14.553  -7.829  1.00 13.99 ? 121 TYR A O   1 
ATOM   587  C CB  . TYR A 1 80  ? 10.426  11.636  -6.989  1.00 14.09 ? 121 TYR A CB  1 
ATOM   588  C CG  . TYR A 1 80  ? 11.063  10.534  -6.172  1.00 13.90 ? 121 TYR A CG  1 
ATOM   589  C CD1 . TYR A 1 80  ? 12.230  10.768  -5.452  1.00 13.97 ? 121 TYR A CD1 1 
ATOM   590  C CD2 . TYR A 1 80  ? 10.499  9.260   -6.111  1.00 13.97 ? 121 TYR A CD2 1 
ATOM   591  C CE1 . TYR A 1 80  ? 12.820  9.772   -4.692  1.00 13.74 ? 121 TYR A CE1 1 
ATOM   592  C CE2 . TYR A 1 80  ? 11.087  8.249   -5.357  1.00 14.13 ? 121 TYR A CE2 1 
ATOM   593  C CZ  . TYR A 1 80  ? 12.246  8.516   -4.642  1.00 14.51 ? 121 TYR A CZ  1 
ATOM   594  O OH  . TYR A 1 80  ? 12.847  7.534   -3.887  1.00 14.68 ? 121 TYR A OH  1 
ATOM   595  N N   . GLY A 1 81  ? 7.947   13.870  -6.980  1.00 13.87 ? 122 GLY A N   1 
ATOM   596  C CA  . GLY A 1 81  ? 7.099   14.584  -7.937  1.00 14.01 ? 122 GLY A CA  1 
ATOM   597  C C   . GLY A 1 81  ? 5.786   13.837  -8.033  1.00 13.95 ? 122 GLY A C   1 
ATOM   598  O O   . GLY A 1 81  ? 5.548   12.913  -7.259  1.00 14.34 ? 122 GLY A O   1 
ATOM   599  N N   . SER A 1 82  ? 4.929   14.215  -8.978  1.00 13.90 ? 123 SER A N   1 
ATOM   600  C CA  . SER A 1 82  ? 3.605   13.603  -9.067  1.00 13.74 ? 123 SER A CA  1 
ATOM   601  C C   . SER A 1 82  ? 3.687   12.106  -9.360  1.00 13.66 ? 123 SER A C   1 
ATOM   602  O O   . SER A 1 82  ? 2.963   11.323  -8.753  1.00 13.55 ? 123 SER A O   1 
ATOM   603  C CB  . SER A 1 82  ? 2.723   14.321  -10.098 0.90 13.60 ? 123 SER A CB  1 
ATOM   604  O OG  . SER A 1 82  ? 3.226   14.170  -11.410 0.80 13.14 ? 123 SER A OG  1 
ATOM   605  N N   . ARG A 1 83  ? 4.579   11.718  -10.273 1.00 13.83 ? 124 ARG A N   1 
ATOM   606  C CA  . ARG A 1 83  ? 4.734   10.319  -10.681 1.00 14.04 ? 124 ARG A CA  1 
ATOM   607  C C   . ARG A 1 83  ? 6.210   9.943   -10.857 1.00 13.75 ? 124 ARG A C   1 
ATOM   608  O O   . ARG A 1 83  ? 7.063   10.814  -11.065 1.00 13.68 ? 124 ARG A O   1 
ATOM   609  C CB  . ARG A 1 83  ? 3.969   10.068  -11.990 1.00 14.25 ? 124 ARG A CB  1 
ATOM   610  C CG  . ARG A 1 83  ? 2.457   10.350  -11.930 1.00 16.10 ? 124 ARG A CG  1 
ATOM   611  C CD  . ARG A 1 83  ? 1.703   9.268   -11.171 1.00 18.36 ? 124 ARG A CD  1 
ATOM   612  N NE  . ARG A 1 83  ? 0.266   9.542   -11.053 1.00 21.12 ? 124 ARG A NE  1 
ATOM   613  C CZ  . ARG A 1 83  ? -0.319  10.165  -10.027 1.00 22.64 ? 124 ARG A CZ  1 
ATOM   614  N NH1 . ARG A 1 83  ? 0.383   10.603  -8.997  1.00 23.32 ? 124 ARG A NH1 1 
ATOM   615  N NH2 . ARG A 1 83  ? -1.634  10.352  -10.032 1.00 23.67 ? 124 ARG A NH2 1 
ATOM   616  N N   . PHE A 1 84  ? 6.519   8.651   -10.762 1.00 13.57 ? 125 PHE A N   1 
ATOM   617  C CA  . PHE A 1 84  ? 7.881   8.174   -11.046 1.00 13.50 ? 125 PHE A CA  1 
ATOM   618  C C   . PHE A 1 84  ? 7.884   6.807   -11.744 1.00 13.43 ? 125 PHE A C   1 
ATOM   619  O O   . PHE A 1 84  ? 6.902   6.065   -11.654 1.00 13.50 ? 125 PHE A O   1 
ATOM   620  C CB  . PHE A 1 84  ? 8.751   8.176   -9.771  1.00 13.37 ? 125 PHE A CB  1 
ATOM   621  C CG  . PHE A 1 84  ? 8.314   7.196   -8.709  1.00 13.32 ? 125 PHE A CG  1 
ATOM   622  C CD1 . PHE A 1 84  ? 7.246   7.486   -7.870  1.00 12.99 ? 125 PHE A CD1 1 
ATOM   623  C CD2 . PHE A 1 84  ? 9.014   6.006   -8.513  1.00 13.15 ? 125 PHE A CD2 1 
ATOM   624  C CE1 . PHE A 1 84  ? 6.854   6.587   -6.869  1.00 13.02 ? 125 PHE A CE1 1 
ATOM   625  C CE2 . PHE A 1 84  ? 8.635   5.104   -7.519  1.00 13.27 ? 125 PHE A CE2 1 
ATOM   626  C CZ  . PHE A 1 84  ? 7.552   5.396   -6.697  1.00 13.17 ? 125 PHE A CZ  1 
ATOM   627  N N   . PRO A 1 85  ? 8.984   6.481   -12.457 1.00 13.38 ? 126 PRO A N   1 
ATOM   628  C CA  . PRO A 1 85  ? 9.036   5.261   -13.268 1.00 13.30 ? 126 PRO A CA  1 
ATOM   629  C C   . PRO A 1 85  ? 8.939   3.951   -12.498 1.00 12.74 ? 126 PRO A C   1 
ATOM   630  O O   . PRO A 1 85  ? 9.156   3.908   -11.279 1.00 12.40 ? 126 PRO A O   1 
ATOM   631  C CB  . PRO A 1 85  ? 10.419  5.336   -13.943 1.00 13.24 ? 126 PRO A CB  1 
ATOM   632  C CG  . PRO A 1 85  ? 10.832  6.734   -13.845 1.00 13.76 ? 126 PRO A CG  1 
ATOM   633  C CD  . PRO A 1 85  ? 10.223  7.266   -12.596 1.00 13.58 ? 126 PRO A CD  1 
ATOM   634  N N   . ASP A 1 86  ? 8.619   2.891   -13.236 1.00 12.31 ? 127 ASP A N   1 
ATOM   635  C CA  . ASP A 1 86  ? 8.718   1.528   -12.732 1.00 12.08 ? 127 ASP A CA  1 
ATOM   636  C C   . ASP A 1 86  ? 10.197  1.206   -12.547 1.00 11.83 ? 127 ASP A C   1 
ATOM   637  O O   . ASP A 1 86  ? 10.945  1.142   -13.512 1.00 11.54 ? 127 ASP A O   1 
ATOM   638  C CB  . ASP A 1 86  ? 8.084   0.540   -13.714 1.00 12.01 ? 127 ASP A CB  1 
ATOM   639  C CG  . ASP A 1 86  ? 6.614   0.820   -13.959 1.00 12.10 ? 127 ASP A CG  1 
ATOM   640  O OD1 . ASP A 1 86  ? 5.892   1.134   -12.987 1.00 12.62 ? 127 ASP A OD1 1 
ATOM   641  O OD2 . ASP A 1 86  ? 6.178   0.709   -15.127 1.00 10.41 ? 127 ASP A OD2 1 
ATOM   642  N N   . GLU A 1 87  ? 10.616  1.024   -11.298 1.00 11.65 ? 128 GLU A N   1 
ATOM   643  C CA  . GLU A 1 87  ? 12.023  0.793   -10.980 1.00 11.41 ? 128 GLU A CA  1 
ATOM   644  C C   . GLU A 1 87  ? 12.519  -0.520  -11.589 1.00 11.30 ? 128 GLU A C   1 
ATOM   645  O O   . GLU A 1 87  ? 13.530  -0.546  -12.282 1.00 11.67 ? 128 GLU A O   1 
ATOM   646  C CB  . GLU A 1 87  ? 12.220  0.813   -9.466  1.00 11.44 ? 128 GLU A CB  1 
ATOM   647  C CG  . GLU A 1 87  ? 13.666  0.875   -9.006  1.00 10.82 ? 128 GLU A CG  1 
ATOM   648  C CD  . GLU A 1 87  ? 13.795  1.323   -7.564  1.00 9.79  ? 128 GLU A CD  1 
ATOM   649  O OE1 . GLU A 1 87  ? 12.773  1.354   -6.847  1.00 9.10  ? 128 GLU A OE1 1 
ATOM   650  O OE2 . GLU A 1 87  ? 14.918  1.669   -7.145  1.00 11.25 ? 128 GLU A OE2 1 
ATOM   651  N N   . ASN A 1 88  ? 11.800  -1.601  -11.316 1.00 11.31 ? 129 ASN A N   1 
ATOM   652  C CA  . ASN A 1 88  ? 12.023  -2.888  -11.966 1.00 11.29 ? 129 ASN A CA  1 
ATOM   653  C C   . ASN A 1 88  ? 10.850  -3.809  -11.646 1.00 11.60 ? 129 ASN A C   1 
ATOM   654  O O   . ASN A 1 88  ? 9.991   -3.460  -10.832 1.00 11.58 ? 129 ASN A O   1 
ATOM   655  C CB  . ASN A 1 88  ? 13.367  -3.523  -11.549 1.00 11.16 ? 129 ASN A CB  1 
ATOM   656  C CG  . ASN A 1 88  ? 13.488  -3.740  -10.046 1.00 10.74 ? 129 ASN A CG  1 
ATOM   657  O OD1 . ASN A 1 88  ? 12.760  -4.542  -9.462  1.00 11.67 ? 129 ASN A OD1 1 
ATOM   658  N ND2 . ASN A 1 88  ? 14.434  -3.046  -9.422  1.00 10.52 ? 129 ASN A ND2 1 
ATOM   659  N N   . PHE A 1 89  ? 10.810  -4.974  -12.284 1.00 11.81 ? 130 PHE A N   1 
ATOM   660  C CA  . PHE A 1 89  ? 9.777   -5.972  -11.991 1.00 11.75 ? 130 PHE A CA  1 
ATOM   661  C C   . PHE A 1 89  ? 10.399  -7.248  -11.433 1.00 11.98 ? 130 PHE A C   1 
ATOM   662  O O   . PHE A 1 89  ? 9.891   -8.352  -11.651 1.00 11.92 ? 130 PHE A O   1 
ATOM   663  C CB  . PHE A 1 89  ? 8.937   -6.252  -13.237 1.00 12.02 ? 130 PHE A CB  1 
ATOM   664  C CG  . PHE A 1 89  ? 8.238   -5.037  -13.767 1.00 11.57 ? 130 PHE A CG  1 
ATOM   665  C CD1 . PHE A 1 89  ? 7.181   -4.479  -13.067 1.00 11.47 ? 130 PHE A CD1 1 
ATOM   666  C CD2 . PHE A 1 89  ? 8.641   -4.444  -14.962 1.00 11.64 ? 130 PHE A CD2 1 
ATOM   667  C CE1 . PHE A 1 89  ? 6.525   -3.349  -13.548 1.00 11.11 ? 130 PHE A CE1 1 
ATOM   668  C CE2 . PHE A 1 89  ? 7.997   -3.312  -15.446 1.00 11.44 ? 130 PHE A CE2 1 
ATOM   669  C CZ  . PHE A 1 89  ? 6.934   -2.769  -14.739 1.00 10.66 ? 130 PHE A CZ  1 
ATOM   670  N N   . THR A 1 90  ? 11.479  -7.078  -10.672 1.00 11.83 ? 131 THR A N   1 
ATOM   671  C CA  . THR A 1 90  ? 12.266  -8.203  -10.176 1.00 12.13 ? 131 THR A CA  1 
ATOM   672  C C   . THR A 1 90  ? 11.504  -9.030  -9.146  1.00 12.01 ? 131 THR A C   1 
ATOM   673  O O   . THR A 1 90  ? 11.504  -10.250 -9.228  1.00 11.81 ? 131 THR A O   1 
ATOM   674  C CB  . THR A 1 90  ? 13.608  -7.729  -9.596  1.00 12.29 ? 131 THR A CB  1 
ATOM   675  O OG1 . THR A 1 90  ? 14.313  -6.999  -10.609 1.00 12.92 ? 131 THR A OG1 1 
ATOM   676  C CG2 . THR A 1 90  ? 14.455  -8.922  -9.137  1.00 12.23 ? 131 THR A CG2 1 
ATOM   677  N N   . LEU A 1 91  ? 10.854  -8.368  -8.192  1.00 11.93 ? 132 LEU A N   1 
ATOM   678  C CA  . LEU A 1 91  ? 9.987   -9.065  -7.232  1.00 12.34 ? 132 LEU A CA  1 
ATOM   679  C C   . LEU A 1 91  ? 8.660   -9.452  -7.894  1.00 12.43 ? 132 LEU A C   1 
ATOM   680  O O   . LEU A 1 91  ? 8.117   -8.702  -8.707  1.00 12.90 ? 132 LEU A O   1 
ATOM   681  C CB  . LEU A 1 91  ? 9.746   -8.204  -5.989  1.00 12.16 ? 132 LEU A CB  1 
ATOM   682  C CG  . LEU A 1 91  ? 10.943  -8.088  -5.041  1.00 12.26 ? 132 LEU A CG  1 
ATOM   683  C CD1 . LEU A 1 91  ? 10.843  -6.851  -4.135  1.00 12.82 ? 132 LEU A CD1 1 
ATOM   684  C CD2 . LEU A 1 91  ? 11.090  -9.346  -4.215  1.00 11.81 ? 132 LEU A CD2 1 
ATOM   685  N N   . LYS A 1 92  ? 8.146   -10.625 -7.538  1.00 12.68 ? 133 LYS A N   1 
ATOM   686  C CA  . LYS A 1 92  ? 6.954   -11.177 -8.170  1.00 12.87 ? 133 LYS A CA  1 
ATOM   687  C C   . LYS A 1 92  ? 5.770   -11.219 -7.209  1.00 12.78 ? 133 LYS A C   1 
ATOM   688  O O   . LYS A 1 92  ? 5.931   -11.174 -5.985  1.00 12.70 ? 133 LYS A O   1 
ATOM   689  C CB  . LYS A 1 92  ? 7.251   -12.569 -8.728  1.00 13.25 ? 133 LYS A CB  1 
ATOM   690  C CG  . LYS A 1 92  ? 8.479   -12.619 -9.651  1.00 13.91 ? 133 LYS A CG  1 
ATOM   691  C CD  . LYS A 1 92  ? 8.307   -11.746 -10.890 1.00 15.48 ? 133 LYS A CD  1 
ATOM   692  C CE  . LYS A 1 92  ? 9.605   -11.626 -11.669 1.00 16.05 ? 133 LYS A CE  1 
ATOM   693  N NZ  . LYS A 1 92  ? 9.476   -10.690 -12.818 1.00 16.82 ? 133 LYS A NZ  1 
ATOM   694  N N   . HIS A 1 93  ? 4.575   -11.278 -7.785  1.00 12.87 ? 134 HIS A N   1 
ATOM   695  C CA  . HIS A 1 93  ? 3.348   -11.331 -7.008  1.00 12.88 ? 134 HIS A CA  1 
ATOM   696  C C   . HIS A 1 93  ? 3.116   -12.788 -6.580  1.00 13.06 ? 134 HIS A C   1 
ATOM   697  O O   . HIS A 1 93  ? 2.288   -13.499 -7.147  1.00 12.91 ? 134 HIS A O   1 
ATOM   698  C CB  . HIS A 1 93  ? 2.189   -10.762 -7.834  1.00 12.72 ? 134 HIS A CB  1 
ATOM   699  C CG  . HIS A 1 93  ? 2.327   -9.294  -8.133  1.00 12.41 ? 134 HIS A CG  1 
ATOM   700  N ND1 . HIS A 1 93  ? 3.097   -8.812  -9.170  1.00 11.75 ? 134 HIS A ND1 1 
ATOM   701  C CD2 . HIS A 1 93  ? 1.798   -8.206  -7.522  1.00 11.78 ? 134 HIS A CD2 1 
ATOM   702  C CE1 . HIS A 1 93  ? 3.028   -7.493  -9.193  1.00 11.23 ? 134 HIS A CE1 1 
ATOM   703  N NE2 . HIS A 1 93  ? 2.245   -7.099  -8.204  1.00 11.63 ? 134 HIS A NE2 1 
ATOM   704  N N   . VAL A 1 94  ? 3.859   -13.204 -5.553  1.00 13.32 ? 135 VAL A N   1 
ATOM   705  C CA  . VAL A 1 94  ? 4.038   -14.622 -5.215  1.00 13.38 ? 135 VAL A CA  1 
ATOM   706  C C   . VAL A 1 94  ? 2.923   -15.244 -4.368  1.00 13.75 ? 135 VAL A C   1 
ATOM   707  O O   . VAL A 1 94  ? 2.845   -16.471 -4.260  1.00 14.24 ? 135 VAL A O   1 
ATOM   708  C CB  . VAL A 1 94  ? 5.397   -14.859 -4.491  1.00 13.36 ? 135 VAL A CB  1 
ATOM   709  C CG1 . VAL A 1 94  ? 6.570   -14.585 -5.436  1.00 12.94 ? 135 VAL A CG1 1 
ATOM   710  C CG2 . VAL A 1 94  ? 5.504   -14.009 -3.227  1.00 13.11 ? 135 VAL A CG2 1 
ATOM   711  N N   . GLY A 1 95  ? 2.085   -14.405 -3.760  1.00 13.77 ? 136 GLY A N   1 
ATOM   712  C CA  . GLY A 1 95  ? 1.021   -14.871 -2.869  1.00 13.96 ? 136 GLY A CA  1 
ATOM   713  C C   . GLY A 1 95  ? 0.476   -13.786 -1.956  1.00 13.86 ? 136 GLY A C   1 
ATOM   714  O O   . GLY A 1 95  ? 0.805   -12.603 -2.117  1.00 13.83 ? 136 GLY A O   1 
ATOM   715  N N   . PRO A 1 96  ? -0.367  -14.179 -0.981  1.00 13.59 ? 137 PRO A N   1 
ATOM   716  C CA  . PRO A 1 96  ? -0.889  -13.235 0.000   1.00 13.50 ? 137 PRO A CA  1 
ATOM   717  C C   . PRO A 1 96  ? 0.215   -12.489 0.753   1.00 13.23 ? 137 PRO A C   1 
ATOM   718  O O   . PRO A 1 96  ? 1.231   -13.086 1.112   1.00 13.14 ? 137 PRO A O   1 
ATOM   719  C CB  . PRO A 1 96  ? -1.678  -14.129 0.968   1.00 13.49 ? 137 PRO A CB  1 
ATOM   720  C CG  . PRO A 1 96  ? -2.038  -15.326 0.183   1.00 13.76 ? 137 PRO A CG  1 
ATOM   721  C CD  . PRO A 1 96  ? -0.895  -15.541 -0.770  1.00 13.89 ? 137 PRO A CD  1 
ATOM   722  N N   . GLY A 1 97  ? 0.015   -11.192 0.961   1.00 13.06 ? 138 GLY A N   1 
ATOM   723  C CA  . GLY A 1 97  ? 0.920   -10.381 1.770   1.00 12.92 ? 138 GLY A CA  1 
ATOM   724  C C   . GLY A 1 97  ? 1.885   -9.549  0.955   1.00 12.63 ? 138 GLY A C   1 
ATOM   725  O O   . GLY A 1 97  ? 2.617   -8.738  1.509   1.00 13.22 ? 138 GLY A O   1 
ATOM   726  N N   . VAL A 1 98  ? 1.887   -9.752  -0.362  1.00 12.28 ? 139 VAL A N   1 
ATOM   727  C CA  . VAL A 1 98  ? 2.723   -8.979  -1.271  1.00 11.67 ? 139 VAL A CA  1 
ATOM   728  C C   . VAL A 1 98  ? 2.266   -7.515  -1.337  1.00 11.35 ? 139 VAL A C   1 
ATOM   729  O O   . VAL A 1 98  ? 1.078   -7.233  -1.505  1.00 10.78 ? 139 VAL A O   1 
ATOM   730  C CB  . VAL A 1 98  ? 2.703   -9.588  -2.694  1.00 11.80 ? 139 VAL A CB  1 
ATOM   731  C CG1 . VAL A 1 98  ? 3.278   -8.609  -3.714  1.00 11.24 ? 139 VAL A CG1 1 
ATOM   732  C CG2 . VAL A 1 98  ? 3.465   -10.917 -2.719  1.00 11.99 ? 139 VAL A CG2 1 
ATOM   733  N N   . LEU A 1 99  ? 3.232   -6.608  -1.201  1.00 11.20 ? 140 LEU A N   1 
ATOM   734  C CA  . LEU A 1 99  ? 3.020   -5.161  -1.265  1.00 11.09 ? 140 LEU A CA  1 
ATOM   735  C C   . LEU A 1 99  ? 3.518   -4.647  -2.614  1.00 11.13 ? 140 LEU A C   1 
ATOM   736  O O   . LEU A 1 99  ? 4.687   -4.822  -2.943  1.00 10.94 ? 140 LEU A O   1 
ATOM   737  C CB  . LEU A 1 99  ? 3.801   -4.484  -0.138  1.00 11.20 ? 140 LEU A CB  1 
ATOM   738  C CG  . LEU A 1 99  ? 3.837   -2.959  -0.075  1.00 10.42 ? 140 LEU A CG  1 
ATOM   739  C CD1 . LEU A 1 99  ? 2.430   -2.379  0.135   1.00 11.38 ? 140 LEU A CD1 1 
ATOM   740  C CD2 . LEU A 1 99  ? 4.794   -2.508  1.028   1.00 10.22 ? 140 LEU A CD2 1 
ATOM   741  N N   . SER A 1 100 ? 2.636   -3.999  -3.372  1.00 11.45 ? 141 SER A N   1 
ATOM   742  C CA  . SER A 1 100 ? 2.913   -3.624  -4.766  1.00 11.30 ? 141 SER A CA  1 
ATOM   743  C C   . SER A 1 100 ? 2.328   -2.243  -5.077  1.00 11.58 ? 141 SER A C   1 
ATOM   744  O O   . SER A 1 100 ? 1.380   -1.806  -4.423  1.00 11.08 ? 141 SER A O   1 
ATOM   745  C CB  . SER A 1 100 ? 2.325   -4.687  -5.699  1.00 11.29 ? 141 SER A CB  1 
ATOM   746  O OG  . SER A 1 100 ? 2.712   -4.501  -7.052  1.00 10.85 ? 141 SER A OG  1 
ATOM   747  N N   . MET A 1 101 ? 2.912   -1.553  -6.058  1.00 11.43 ? 142 MET A N   1 
ATOM   748  C CA  . MET A 1 101 ? 2.473   -0.206  -6.408  1.00 11.53 ? 142 MET A CA  1 
ATOM   749  C C   . MET A 1 101 ? 1.279   -0.280  -7.349  1.00 11.45 ? 142 MET A C   1 
ATOM   750  O O   . MET A 1 101 ? 1.321   -0.968  -8.371  1.00 11.16 ? 142 MET A O   1 
ATOM   751  C CB  . MET A 1 101 ? 3.603   0.596   -7.073  1.00 11.42 ? 142 MET A CB  1 
ATOM   752  C CG  . MET A 1 101 ? 4.742   1.013   -6.133  1.00 11.35 ? 142 MET A CG  1 
ATOM   753  S SD  . MET A 1 101 ? 4.236   2.031   -4.728  1.00 12.46 ? 142 MET A SD  1 
ATOM   754  C CE  . MET A 1 101 ? 3.758   3.565   -5.521  1.00 12.69 ? 142 MET A CE  1 
ATOM   755  N N   . ALA A 1 102 ? 0.208   0.426   -6.998  1.00 11.88 ? 143 ALA A N   1 
ATOM   756  C CA  . ALA A 1 102 ? -0.892  0.629   -7.934  1.00 11.91 ? 143 ALA A CA  1 
ATOM   757  C C   . ALA A 1 102 ? -0.382  1.592   -8.998  1.00 12.22 ? 143 ALA A C   1 
ATOM   758  O O   . ALA A 1 102 ? 0.562   2.349   -8.751  1.00 12.01 ? 143 ALA A O   1 
ATOM   759  C CB  . ALA A 1 102 ? -2.112  1.197   -7.229  1.00 12.13 ? 143 ALA A CB  1 
ATOM   760  N N   . ASN A 1 103 ? -0.982  1.543   -10.185 1.00 12.29 ? 144 ASN A N   1 
ATOM   761  C CA  . ASN A 1 103 ? -0.601  2.440   -11.269 1.00 12.70 ? 144 ASN A CA  1 
ATOM   762  C C   . ASN A 1 103 ? -1.722  2.618   -12.295 1.00 12.93 ? 144 ASN A C   1 
ATOM   763  O O   . ASN A 1 103 ? -2.747  1.944   -12.228 1.00 13.28 ? 144 ASN A O   1 
ATOM   764  C CB  . ASN A 1 103 ? 0.710   1.978   -11.933 1.00 12.56 ? 144 ASN A CB  1 
ATOM   765  C CG  . ASN A 1 103 ? 0.595   0.627   -12.627 1.00 12.39 ? 144 ASN A CG  1 
ATOM   766  O OD1 . ASN A 1 103 ? -0.354  0.367   -13.376 1.00 12.93 ? 144 ASN A OD1 1 
ATOM   767  N ND2 . ASN A 1 103 ? 1.594   -0.229  -12.411 1.00 11.58 ? 144 ASN A ND2 1 
ATOM   768  N N   . ALA A 1 104 ? -1.526  3.556   -13.216 1.00 13.40 ? 145 ALA A N   1 
ATOM   769  C CA  . ALA A 1 104 ? -2.460  3.781   -14.314 1.00 13.65 ? 145 ALA A CA  1 
ATOM   770  C C   . ALA A 1 104 ? -1.726  3.479   -15.616 1.00 13.80 ? 145 ALA A C   1 
ATOM   771  O O   . ALA A 1 104 ? -1.824  4.222   -16.598 1.00 14.16 ? 145 ALA A O   1 
ATOM   772  C CB  . ALA A 1 104 ? -2.983  5.203   -14.288 1.00 13.72 ? 145 ALA A CB  1 
ATOM   773  N N   . GLY A 1 105 ? -0.989  2.371   -15.607 1.00 13.74 ? 146 GLY A N   1 
ATOM   774  C CA  . GLY A 1 105 ? -0.153  1.976   -16.729 1.00 13.76 ? 146 GLY A CA  1 
ATOM   775  C C   . GLY A 1 105 ? 1.325   2.157   -16.437 1.00 13.77 ? 146 GLY A C   1 
ATOM   776  O O   . GLY A 1 105 ? 1.712   2.498   -15.312 1.00 13.79 ? 146 GLY A O   1 
ATOM   777  N N   . PRO A 1 106 ? 2.169   1.919   -17.453 1.00 13.64 ? 147 PRO A N   1 
ATOM   778  C CA  . PRO A 1 106 ? 3.613   1.994   -17.299 1.00 13.42 ? 147 PRO A CA  1 
ATOM   779  C C   . PRO A 1 106 ? 4.097   3.338   -16.763 1.00 13.06 ? 147 PRO A C   1 
ATOM   780  O O   . PRO A 1 106 ? 3.651   4.389   -17.229 1.00 12.84 ? 147 PRO A O   1 
ATOM   781  C CB  . PRO A 1 106 ? 4.125   1.767   -18.726 1.00 13.62 ? 147 PRO A CB  1 
ATOM   782  C CG  . PRO A 1 106 ? 3.067   0.971   -19.376 1.00 13.48 ? 147 PRO A CG  1 
ATOM   783  C CD  . PRO A 1 106 ? 1.786   1.457   -18.801 1.00 13.65 ? 147 PRO A CD  1 
ATOM   784  N N   . ASN A 1 107 ? 4.986   3.283   -15.774 1.00 12.66 ? 148 ASN A N   1 
ATOM   785  C CA  . ASN A 1 107 ? 5.683   4.465   -15.264 1.00 12.52 ? 148 ASN A CA  1 
ATOM   786  C C   . ASN A 1 107 ? 4.757   5.558   -14.724 1.00 12.32 ? 148 ASN A C   1 
ATOM   787  O O   . ASN A 1 107 ? 4.990   6.747   -14.950 1.00 12.38 ? 148 ASN A O   1 
ATOM   788  C CB  . ASN A 1 107 ? 6.624   5.020   -16.348 1.00 12.33 ? 148 ASN A CB  1 
ATOM   789  C CG  . ASN A 1 107 ? 7.607   3.974   -16.853 1.00 12.26 ? 148 ASN A CG  1 
ATOM   790  O OD1 . ASN A 1 107 ? 8.382   3.414   -16.079 1.00 11.03 ? 148 ASN A OD1 1 
ATOM   791  N ND2 . ASN A 1 107 ? 7.577   3.709   -18.157 1.00 11.02 ? 148 ASN A ND2 1 
ATOM   792  N N   . THR A 1 108 ? 3.731   5.146   -13.977 1.00 12.34 ? 149 THR A N   1 
ATOM   793  C CA  . THR A 1 108 ? 2.788   6.076   -13.339 1.00 12.32 ? 149 THR A CA  1 
ATOM   794  C C   . THR A 1 108 ? 2.629   5.807   -11.832 1.00 12.29 ? 149 THR A C   1 
ATOM   795  O O   . THR A 1 108 ? 1.538   5.953   -11.271 1.00 12.24 ? 149 THR A O   1 
ATOM   796  C CB  . THR A 1 108 ? 1.403   6.022   -14.016 1.00 12.28 ? 149 THR A CB  1 
ATOM   797  O OG1 . THR A 1 108 ? 0.849   4.706   -13.897 1.00 13.60 ? 149 THR A OG1 1 
ATOM   798  C CG2 . THR A 1 108 ? 1.506   6.412   -15.489 1.00 11.79 ? 149 THR A CG2 1 
ATOM   799  N N   . ASN A 1 109 ? 3.727   5.421   -11.187 1.00 12.24 ? 150 ASN A N   1 
ATOM   800  C CA  . ASN A 1 109 ? 3.751   5.242   -9.741  1.00 12.46 ? 150 ASN A CA  1 
ATOM   801  C C   . ASN A 1 109 ? 3.647   6.588   -9.046  1.00 12.37 ? 150 ASN A C   1 
ATOM   802  O O   . ASN A 1 109 ? 4.312   7.538   -9.446  1.00 12.16 ? 150 ASN A O   1 
ATOM   803  C CB  . ASN A 1 109 ? 5.054   4.566   -9.310  1.00 12.52 ? 150 ASN A CB  1 
ATOM   804  C CG  . ASN A 1 109 ? 5.264   3.232   -9.984  1.00 12.38 ? 150 ASN A CG  1 
ATOM   805  O OD1 . ASN A 1 109 ? 4.628   2.237   -9.628  1.00 13.97 ? 150 ASN A OD1 1 
ATOM   806  N ND2 . ASN A 1 109 ? 6.159   3.202   -10.963 1.00 11.44 ? 150 ASN A ND2 1 
ATOM   807  N N   . GLY A 1 110 ? 2.811   6.663   -8.014  1.00 12.56 ? 151 GLY A N   1 
ATOM   808  C CA  . GLY A 1 110 ? 2.688   7.870   -7.201  1.00 12.57 ? 151 GLY A CA  1 
ATOM   809  C C   . GLY A 1 110 ? 2.815   7.507   -5.737  1.00 12.69 ? 151 GLY A C   1 
ATOM   810  O O   . GLY A 1 110 ? 3.925   7.388   -5.211  1.00 12.72 ? 151 GLY A O   1 
ATOM   811  N N   . SER A 1 111 ? 1.670   7.324   -5.084  1.00 12.71 ? 152 SER A N   1 
ATOM   812  C CA  . SER A 1 111 ? 1.623   6.902   -3.685  1.00 12.62 ? 152 SER A CA  1 
ATOM   813  C C   . SER A 1 111 ? 0.671   5.727   -3.438  1.00 12.41 ? 152 SER A C   1 
ATOM   814  O O   . SER A 1 111 ? 0.759   5.082   -2.399  1.00 12.55 ? 152 SER A O   1 
ATOM   815  C CB  . SER A 1 111 ? 1.221   8.073   -2.793  1.00 12.66 ? 152 SER A CB  1 
ATOM   816  O OG  . SER A 1 111 ? 0.005   8.653   -3.229  1.00 12.87 ? 152 SER A OG  1 
ATOM   817  N N   . GLN A 1 112 ? -0.237  5.455   -4.375  1.00 12.05 ? 153 GLN A N   1 
ATOM   818  C CA  . GLN A 1 112 ? -1.180  4.358   -4.213  1.00 12.26 ? 153 GLN A CA  1 
ATOM   819  C C   . GLN A 1 112 ? -0.476  3.006   -4.267  1.00 12.04 ? 153 GLN A C   1 
ATOM   820  O O   . GLN A 1 112 ? 0.437   2.780   -5.073  1.00 11.98 ? 153 GLN A O   1 
ATOM   821  C CB  . GLN A 1 112 ? -2.303  4.421   -5.249  1.00 12.10 ? 153 GLN A CB  1 
ATOM   822  C CG  . GLN A 1 112 ? -3.255  5.591   -5.046  1.00 12.57 ? 153 GLN A CG  1 
ATOM   823  C CD  . GLN A 1 112 ? -4.403  5.568   -6.029  1.00 12.85 ? 153 GLN A CD  1 
ATOM   824  O OE1 . GLN A 1 112 ? -5.169  4.602   -6.082  1.00 13.01 ? 153 GLN A OE1 1 
ATOM   825  N NE2 . GLN A 1 112 ? -4.532  6.635   -6.819  1.00 14.11 ? 153 GLN A NE2 1 
ATOM   826  N N   . PHE A 1 113 ? -0.925  2.115   -3.391  1.00 12.05 ? 154 PHE A N   1 
ATOM   827  C CA  . PHE A 1 113 ? -0.334  0.797   -3.225  1.00 12.00 ? 154 PHE A CA  1 
ATOM   828  C C   . PHE A 1 113 ? -1.431  -0.205  -2.922  1.00 11.93 ? 154 PHE A C   1 
ATOM   829  O O   . PHE A 1 113 ? -2.548  0.177   -2.583  1.00 12.00 ? 154 PHE A O   1 
ATOM   830  C CB  . PHE A 1 113 ? 0.676   0.821   -2.078  1.00 12.07 ? 154 PHE A CB  1 
ATOM   831  C CG  . PHE A 1 113 ? 0.061   1.094   -0.727  1.00 12.39 ? 154 PHE A CG  1 
ATOM   832  C CD1 . PHE A 1 113 ? -0.329  0.047   0.099   1.00 12.78 ? 154 PHE A CD1 1 
ATOM   833  C CD2 . PHE A 1 113 ? -0.117  2.398   -0.278  1.00 12.97 ? 154 PHE A CD2 1 
ATOM   834  C CE1 . PHE A 1 113 ? -0.893  0.293   1.344   1.00 13.42 ? 154 PHE A CE1 1 
ATOM   835  C CE2 . PHE A 1 113 ? -0.677  2.653   0.970   1.00 13.44 ? 154 PHE A CE2 1 
ATOM   836  C CZ  . PHE A 1 113 ? -1.066  1.600   1.780   1.00 13.13 ? 154 PHE A CZ  1 
ATOM   837  N N   . PHE A 1 114 ? -1.107  -1.487  -3.021  1.00 11.96 ? 155 PHE A N   1 
ATOM   838  C CA  . PHE A 1 114 ? -2.041  -2.525  -2.613  1.00 12.30 ? 155 PHE A CA  1 
ATOM   839  C C   . PHE A 1 114 ? -1.333  -3.674  -1.909  1.00 12.37 ? 155 PHE A C   1 
ATOM   840  O O   . PHE A 1 114 ? -0.134  -3.888  -2.102  1.00 12.09 ? 155 PHE A O   1 
ATOM   841  C CB  . PHE A 1 114 ? -2.901  -3.003  -3.798  1.00 12.21 ? 155 PHE A CB  1 
ATOM   842  C CG  . PHE A 1 114 ? -2.123  -3.608  -4.947  1.00 13.08 ? 155 PHE A CG  1 
ATOM   843  C CD1 . PHE A 1 114 ? -1.584  -2.803  -5.943  1.00 13.79 ? 155 PHE A CD1 1 
ATOM   844  C CD2 . PHE A 1 114 ? -1.982  -4.988  -5.061  1.00 12.90 ? 155 PHE A CD2 1 
ATOM   845  C CE1 . PHE A 1 114 ? -0.892  -3.356  -7.014  1.00 13.63 ? 155 PHE A CE1 1 
ATOM   846  C CE2 . PHE A 1 114 ? -1.289  -5.549  -6.128  1.00 12.90 ? 155 PHE A CE2 1 
ATOM   847  C CZ  . PHE A 1 114 ? -0.747  -4.731  -7.107  1.00 13.91 ? 155 PHE A CZ  1 
ATOM   848  N N   . ILE A 1 115 ? -2.079  -4.367  -1.053  1.00 12.53 ? 156 ILE A N   1 
ATOM   849  C CA  . ILE A 1 115 ? -1.597  -5.566  -0.384  1.00 12.76 ? 156 ILE A CA  1 
ATOM   850  C C   . ILE A 1 115 ? -2.434  -6.711  -0.935  1.00 13.03 ? 156 ILE A C   1 
ATOM   851  O O   . ILE A 1 115 ? -3.660  -6.680  -0.855  1.00 13.05 ? 156 ILE A O   1 
ATOM   852  C CB  . ILE A 1 115 ? -1.724  -5.460  1.156   1.00 12.62 ? 156 ILE A CB  1 
ATOM   853  C CG1 . ILE A 1 115 ? -0.967  -4.227  1.666   1.00 12.23 ? 156 ILE A CG1 1 
ATOM   854  C CG2 . ILE A 1 115 ? -1.204  -6.733  1.830   1.00 12.76 ? 156 ILE A CG2 1 
ATOM   855  C CD1 . ILE A 1 115 ? -1.113  -3.967  3.159   1.00 11.73 ? 156 ILE A CD1 1 
ATOM   856  N N   . CYS A 1 116 ? -1.767  -7.699  -1.529  1.00 13.46 ? 157 CYS A N   1 
ATOM   857  C CA  . CYS A 1 116 ? -2.452  -8.835  -2.140  1.00 13.78 ? 157 CYS A CA  1 
ATOM   858  C C   . CYS A 1 116 ? -2.992  -9.798  -1.081  1.00 14.23 ? 157 CYS A C   1 
ATOM   859  O O   . CYS A 1 116 ? -2.378  -9.983  -0.026  1.00 14.08 ? 157 CYS A O   1 
ATOM   860  C CB  . CYS A 1 116 ? -1.506  -9.581  -3.074  1.00 13.96 ? 157 CYS A CB  1 
ATOM   861  S SG  . CYS A 1 116 ? -0.764  -8.553  -4.353  1.00 13.75 ? 157 CYS A SG  1 
ATOM   862  N N   . THR A 1 117 ? -4.148  -10.395 -1.368  1.00 14.60 ? 158 THR A N   1 
ATOM   863  C CA  . THR A 1 117 ? -4.723  -11.445 -0.521  1.00 14.95 ? 158 THR A CA  1 
ATOM   864  C C   . THR A 1 117 ? -4.703  -12.805 -1.223  1.00 15.25 ? 158 THR A C   1 
ATOM   865  O O   . THR A 1 117 ? -5.146  -13.805 -0.662  1.00 15.48 ? 158 THR A O   1 
ATOM   866  C CB  . THR A 1 117 ? -6.168  -11.098 -0.097  1.00 14.90 ? 158 THR A CB  1 
ATOM   867  O OG1 . THR A 1 117 ? -6.970  -10.865 -1.260  1.00 14.56 ? 158 THR A OG1 1 
ATOM   868  C CG2 . THR A 1 117 ? -6.181  -9.862  0.795   1.00 15.05 ? 158 THR A CG2 1 
ATOM   869  N N   . ILE A 1 118 ? -4.190  -12.821 -2.453  1.00 15.73 ? 159 ILE A N   1 
ATOM   870  C CA  . ILE A 1 118 ? -3.953  -14.040 -3.211  1.00 16.01 ? 159 ILE A CA  1 
ATOM   871  C C   . ILE A 1 118 ? -2.686  -13.848 -4.038  1.00 16.15 ? 159 ILE A C   1 
ATOM   872  O O   . ILE A 1 118 ? -2.145  -12.744 -4.100  1.00 16.16 ? 159 ILE A O   1 
ATOM   873  C CB  . ILE A 1 118 ? -5.134  -14.369 -4.166  0.90 16.12 ? 159 ILE A CB  1 
ATOM   874  C CG1 . ILE A 1 118 ? -5.346  -13.243 -5.187  0.90 16.25 ? 159 ILE A CG1 1 
ATOM   875  C CG2 . ILE A 1 118 ? -6.415  -14.617 -3.377  0.90 15.99 ? 159 ILE A CG2 1 
ATOM   876  C CD1 . ILE A 1 118 ? -6.143  -13.666 -6.404  0.90 17.08 ? 159 ILE A CD1 1 
ATOM   877  N N   . LYS A 1 119 ? -2.220  -14.923 -4.665  1.00 16.17 ? 160 LYS A N   1 
ATOM   878  C CA  . LYS A 1 119 ? -1.159  -14.836 -5.665  1.00 16.18 ? 160 LYS A CA  1 
ATOM   879  C C   . LYS A 1 119 ? -1.710  -14.119 -6.902  1.00 16.11 ? 160 LYS A C   1 
ATOM   880  O O   . LYS A 1 119 ? -2.542  -14.669 -7.622  1.00 15.97 ? 160 LYS A O   1 
ATOM   881  C CB  . LYS A 1 119 ? -0.655  -16.241 -6.015  1.00 16.32 ? 160 LYS A CB  1 
ATOM   882  C CG  . LYS A 1 119 ? 0.410   -16.302 -7.088  1.00 16.87 ? 160 LYS A CG  1 
ATOM   883  C CD  . LYS A 1 119 ? 0.922   -17.728 -7.260  1.00 18.06 ? 160 LYS A CD  1 
ATOM   884  C CE  . LYS A 1 119 ? 1.532   -17.950 -8.626  0.70 18.59 ? 160 LYS A CE  1 
ATOM   885  N NZ  . LYS A 1 119 ? 1.880   -19.385 -8.861  0.40 19.01 ? 160 LYS A NZ  1 
ATOM   886  N N   . THR A 1 120 ? -1.264  -12.883 -7.134  1.00 16.08 ? 161 THR A N   1 
ATOM   887  C CA  . THR A 1 120 ? -1.735  -12.096 -8.282  1.00 16.10 ? 161 THR A CA  1 
ATOM   888  C C   . THR A 1 120 ? -0.692  -12.111 -9.410  1.00 16.19 ? 161 THR A C   1 
ATOM   889  O O   . THR A 1 120 ? -0.181  -11.067 -9.828  1.00 15.92 ? 161 THR A O   1 
ATOM   890  C CB  . THR A 1 120 ? -2.091  -10.642 -7.871  1.00 16.18 ? 161 THR A CB  1 
ATOM   891  O OG1 . THR A 1 120 ? -0.916  -9.955  -7.431  1.00 15.61 ? 161 THR A OG1 1 
ATOM   892  C CG2 . THR A 1 120 ? -3.135  -10.633 -6.749  1.00 16.16 ? 161 THR A CG2 1 
ATOM   893  N N   . ASP A 1 121 ? -0.399  -13.307 -9.916  1.00 16.35 ? 162 ASP A N   1 
ATOM   894  C CA  . ASP A 1 121 ? 0.742   -13.506 -10.819 1.00 16.36 ? 162 ASP A CA  1 
ATOM   895  C C   . ASP A 1 121 ? 0.633   -12.747 -12.148 1.00 16.09 ? 162 ASP A C   1 
ATOM   896  O O   . ASP A 1 121 ? 1.645   -12.438 -12.773 1.00 15.90 ? 162 ASP A O   1 
ATOM   897  C CB  . ASP A 1 121 ? 1.020   -15.007 -11.046 1.00 16.55 ? 162 ASP A CB  1 
ATOM   898  C CG  . ASP A 1 121 ? -0.090  -15.723 -11.815 1.00 17.76 ? 162 ASP A CG  1 
ATOM   899  O OD1 . ASP A 1 121 ? 0.204   -16.789 -12.406 1.00 19.43 ? 162 ASP A OD1 1 
ATOM   900  O OD2 . ASP A 1 121 ? -1.245  -15.248 -11.822 1.00 18.11 ? 162 ASP A OD2 1 
ATOM   901  N N   . TRP A 1 122 ? -0.590  -12.415 -12.555 1.00 15.95 ? 163 TRP A N   1 
ATOM   902  C CA  . TRP A 1 122 ? -0.833  -11.681 -13.804 1.00 15.75 ? 163 TRP A CA  1 
ATOM   903  C C   . TRP A 1 122 ? -0.384  -10.212 -13.746 1.00 15.20 ? 163 TRP A C   1 
ATOM   904  O O   . TRP A 1 122 ? -0.289  -9.553  -14.777 1.00 15.08 ? 163 TRP A O   1 
ATOM   905  C CB  . TRP A 1 122 ? -2.311  -11.771 -14.208 1.00 15.90 ? 163 TRP A CB  1 
ATOM   906  C CG  . TRP A 1 122 ? -3.267  -11.050 -13.298 1.00 16.64 ? 163 TRP A CG  1 
ATOM   907  C CD1 . TRP A 1 122 ? -3.736  -9.777  -13.446 1.00 17.55 ? 163 TRP A CD1 1 
ATOM   908  C CD2 . TRP A 1 122 ? -3.890  -11.570 -12.112 1.00 17.58 ? 163 TRP A CD2 1 
ATOM   909  N NE1 . TRP A 1 122 ? -4.601  -9.469  -12.426 1.00 17.64 ? 163 TRP A NE1 1 
ATOM   910  C CE2 . TRP A 1 122 ? -4.713  -10.550 -11.592 1.00 17.57 ? 163 TRP A CE2 1 
ATOM   911  C CE3 . TRP A 1 122 ? -3.832  -12.800 -11.441 1.00 17.98 ? 163 TRP A CE3 1 
ATOM   912  C CZ2 . TRP A 1 122 ? -5.471  -10.718 -10.432 1.00 17.57 ? 163 TRP A CZ2 1 
ATOM   913  C CZ3 . TRP A 1 122 ? -4.588  -12.965 -10.285 1.00 17.58 ? 163 TRP A CZ3 1 
ATOM   914  C CH2 . TRP A 1 122 ? -5.393  -11.927 -9.793  1.00 17.72 ? 163 TRP A CH2 1 
ATOM   915  N N   . LEU A 1 123 ? -0.097  -9.714  -12.547 1.00 14.51 ? 164 LEU A N   1 
ATOM   916  C CA  . LEU A 1 123 ? 0.435   -8.360  -12.382 1.00 14.16 ? 164 LEU A CA  1 
ATOM   917  C C   . LEU A 1 123 ? 1.966   -8.311  -12.492 1.00 13.93 ? 164 LEU A C   1 
ATOM   918  O O   . LEU A 1 123 ? 2.556   -7.226  -12.493 1.00 13.64 ? 164 LEU A O   1 
ATOM   919  C CB  . LEU A 1 123 ? -0.037  -7.768  -11.053 1.00 14.30 ? 164 LEU A CB  1 
ATOM   920  C CG  . LEU A 1 123 ? -1.562  -7.700  -10.892 1.00 14.55 ? 164 LEU A CG  1 
ATOM   921  C CD1 . LEU A 1 123 ? -1.948  -7.109  -9.547  1.00 14.38 ? 164 LEU A CD1 1 
ATOM   922  C CD2 . LEU A 1 123 ? -2.217  -6.921  -12.029 1.00 15.42 ? 164 LEU A CD2 1 
ATOM   923  N N   . ASP A 1 124 ? 2.599   -9.480  -12.595 1.00 13.55 ? 165 ASP A N   1 
ATOM   924  C CA  . ASP A 1 124 ? 4.045   -9.560  -12.802 1.00 13.24 ? 165 ASP A CA  1 
ATOM   925  C C   . ASP A 1 124 ? 4.432   -8.835  -14.086 1.00 13.09 ? 165 ASP A C   1 
ATOM   926  O O   . ASP A 1 124 ? 3.824   -9.052  -15.148 1.00 12.53 ? 165 ASP A O   1 
ATOM   927  C CB  . ASP A 1 124 ? 4.517   -11.016 -12.886 1.00 13.38 ? 165 ASP A CB  1 
ATOM   928  C CG  . ASP A 1 124 ? 4.443   -11.744 -11.555 1.00 13.55 ? 165 ASP A CG  1 
ATOM   929  O OD1 . ASP A 1 124 ? 4.212   -11.095 -10.512 1.00 14.28 ? 165 ASP A OD1 1 
ATOM   930  O OD2 . ASP A 1 124 ? 4.619   -12.981 -11.560 1.00 13.29 ? 165 ASP A OD2 1 
ATOM   931  N N   . GLY A 1 125 ? 5.434   -7.969  -13.986 1.00 12.83 ? 166 GLY A N   1 
ATOM   932  C CA  . GLY A 1 125 ? 5.883   -7.190  -15.127 1.00 12.95 ? 166 GLY A CA  1 
ATOM   933  C C   . GLY A 1 125 ? 5.063   -5.937  -15.397 1.00 12.97 ? 166 GLY A C   1 
ATOM   934  O O   . GLY A 1 125 ? 5.397   -5.178  -16.298 1.00 13.50 ? 166 GLY A O   1 
ATOM   935  N N   . LYS A 1 126 ? 3.999   -5.729  -14.620 1.00 12.91 ? 167 LYS A N   1 
ATOM   936  C CA  . LYS A 1 126 ? 3.103   -4.581  -14.777 1.00 12.75 ? 167 LYS A CA  1 
ATOM   937  C C   . LYS A 1 126 ? 3.037   -3.692  -13.538 1.00 12.59 ? 167 LYS A C   1 
ATOM   938  O O   . LYS A 1 126 ? 2.902   -2.475  -13.658 1.00 12.21 ? 167 LYS A O   1 
ATOM   939  C CB  . LYS A 1 126 ? 1.699   -5.064  -15.127 1.00 12.78 ? 167 LYS A CB  1 
ATOM   940  C CG  . LYS A 1 126 ? 1.598   -5.668  -16.506 0.80 13.38 ? 167 LYS A CG  1 
ATOM   941  C CD  . LYS A 1 126 ? 0.192   -6.160  -16.768 0.80 14.03 ? 167 LYS A CD  1 
ATOM   942  C CE  . LYS A 1 126 ? 0.032   -6.642  -18.194 0.80 14.67 ? 167 LYS A CE  1 
ATOM   943  N NZ  . LYS A 1 126 ? 0.272   -5.566  -19.196 0.40 14.88 ? 167 LYS A NZ  1 
ATOM   944  N N   . HIS A 1 127 ? 3.105   -4.297  -12.353 1.00 12.31 ? 168 HIS A N   1 
ATOM   945  C CA  . HIS A 1 127 ? 3.139   -3.546  -11.102 1.00 12.01 ? 168 HIS A CA  1 
ATOM   946  C C   . HIS A 1 127 ? 4.448   -3.822  -10.362 1.00 11.67 ? 168 HIS A C   1 
ATOM   947  O O   . HIS A 1 127 ? 4.925   -4.961  -10.319 1.00 11.91 ? 168 HIS A O   1 
ATOM   948  C CB  . HIS A 1 127 ? 1.917   -3.900  -10.248 1.00 12.04 ? 168 HIS A CB  1 
ATOM   949  C CG  . HIS A 1 127 ? 0.621   -3.470  -10.864 1.00 12.34 ? 168 HIS A CG  1 
ATOM   950  N ND1 . HIS A 1 127 ? -0.052  -2.335  -10.467 1.00 13.67 ? 168 HIS A ND1 1 
ATOM   951  C CD2 . HIS A 1 127 ? -0.096  -3.996  -11.886 1.00 12.85 ? 168 HIS A CD2 1 
ATOM   952  C CE1 . HIS A 1 127 ? -1.142  -2.196  -11.202 1.00 13.38 ? 168 HIS A CE1 1 
ATOM   953  N NE2 . HIS A 1 127 ? -1.191  -3.188  -12.071 1.00 13.75 ? 168 HIS A NE2 1 
ATOM   954  N N   . VAL A 1 128 ? 5.036   -2.767  -9.809  1.00 11.04 ? 169 VAL A N   1 
ATOM   955  C CA  . VAL A 1 128 ? 6.298   -2.862  -9.085  1.00 10.85 ? 169 VAL A CA  1 
ATOM   956  C C   . VAL A 1 128 ? 6.032   -3.357  -7.670  1.00 10.50 ? 169 VAL A C   1 
ATOM   957  O O   . VAL A 1 128 ? 5.454   -2.640  -6.850  1.00 10.76 ? 169 VAL A O   1 
ATOM   958  C CB  . VAL A 1 128 ? 7.047   -1.495  -9.038  1.00 10.62 ? 169 VAL A CB  1 
ATOM   959  C CG1 . VAL A 1 128 ? 8.293   -1.586  -8.148  1.00 10.29 ? 169 VAL A CG1 1 
ATOM   960  C CG2 . VAL A 1 128 ? 7.433   -1.051  -10.449 1.00 11.44 ? 169 VAL A CG2 1 
ATOM   961  N N   . VAL A 1 129 ? 6.430   -4.599  -7.410  1.00 10.54 ? 170 VAL A N   1 
ATOM   962  C CA  . VAL A 1 129 ? 6.419   -5.172  -6.069  1.00 10.39 ? 170 VAL A CA  1 
ATOM   963  C C   . VAL A 1 129 ? 7.626   -4.623  -5.316  1.00 10.24 ? 170 VAL A C   1 
ATOM   964  O O   . VAL A 1 129 ? 8.745   -4.593  -5.850  1.00 9.99  ? 170 VAL A O   1 
ATOM   965  C CB  . VAL A 1 129 ? 6.471   -6.715  -6.119  1.00 10.34 ? 170 VAL A CB  1 
ATOM   966  C CG1 . VAL A 1 129 ? 6.557   -7.303  -4.724  1.00 10.38 ? 170 VAL A CG1 1 
ATOM   967  C CG2 . VAL A 1 129 ? 5.258   -7.258  -6.860  1.00 10.48 ? 170 VAL A CG2 1 
ATOM   968  N N   . PHE A 1 130 ? 7.401   -4.176  -4.085  1.00 10.30 ? 171 PHE A N   1 
ATOM   969  C CA  . PHE A 1 130 ? 8.465   -3.540  -3.312  1.00 10.52 ? 171 PHE A CA  1 
ATOM   970  C C   . PHE A 1 130 ? 8.520   -3.945  -1.835  1.00 10.76 ? 171 PHE A C   1 
ATOM   971  O O   . PHE A 1 130 ? 9.263   -3.341  -1.067  1.00 10.74 ? 171 PHE A O   1 
ATOM   972  C CB  . PHE A 1 130 ? 8.379   -2.011  -3.458  1.00 10.44 ? 171 PHE A CB  1 
ATOM   973  C CG  . PHE A 1 130 ? 7.135   -1.396  -2.861  1.00 9.96  ? 171 PHE A CG  1 
ATOM   974  C CD1 . PHE A 1 130 ? 5.936   -1.394  -3.562  1.00 10.10 ? 171 PHE A CD1 1 
ATOM   975  C CD2 . PHE A 1 130 ? 7.172   -0.792  -1.610  1.00 9.82  ? 171 PHE A CD2 1 
ATOM   976  C CE1 . PHE A 1 130 ? 4.795   -0.815  -3.017  1.00 9.34  ? 171 PHE A CE1 1 
ATOM   977  C CE2 . PHE A 1 130 ? 6.041   -0.215  -1.056  1.00 9.49  ? 171 PHE A CE2 1 
ATOM   978  C CZ  . PHE A 1 130 ? 4.850   -0.223  -1.756  1.00 9.99  ? 171 PHE A CZ  1 
ATOM   979  N N   . GLY A 1 131 ? 7.772   -4.981  -1.451  1.00 11.16 ? 172 GLY A N   1 
ATOM   980  C CA  . GLY A 1 131 ? 7.805   -5.470  -0.077  1.00 11.36 ? 172 GLY A CA  1 
ATOM   981  C C   . GLY A 1 131 ? 6.743   -6.504  0.243   1.00 11.35 ? 172 GLY A C   1 
ATOM   982  O O   . GLY A 1 131 ? 6.097   -7.057  -0.652  1.00 11.16 ? 172 GLY A O   1 
ATOM   983  N N   . HIS A 1 132 ? 6.545   -6.757  1.531   1.00 11.40 ? 173 HIS A N   1 
ATOM   984  C CA  . HIS A 1 132 ? 5.514   -7.697  1.957   1.00 11.39 ? 173 HIS A CA  1 
ATOM   985  C C   . HIS A 1 132 ? 5.152   -7.520  3.427   1.00 11.33 ? 173 HIS A C   1 
ATOM   986  O O   . HIS A 1 132 ? 5.859   -6.834  4.162   1.00 11.19 ? 173 HIS A O   1 
ATOM   987  C CB  . HIS A 1 132 ? 5.936   -9.147  1.667   1.00 11.69 ? 173 HIS A CB  1 
ATOM   988  C CG  . HIS A 1 132 ? 7.036   -9.653  2.551   1.00 12.53 ? 173 HIS A CG  1 
ATOM   989  N ND1 . HIS A 1 132 ? 8.370   -9.526  2.231   1.00 12.97 ? 173 HIS A ND1 1 
ATOM   990  C CD2 . HIS A 1 132 ? 6.993   -10.308 3.735   1.00 13.14 ? 173 HIS A CD2 1 
ATOM   991  C CE1 . HIS A 1 132 ? 9.102   -10.068 3.187   1.00 13.72 ? 173 HIS A CE1 1 
ATOM   992  N NE2 . HIS A 1 132 ? 8.291   -10.550 4.113   1.00 13.81 ? 173 HIS A NE2 1 
ATOM   993  N N   . VAL A 1 133 ? 4.057   -8.164  3.833   1.00 11.32 ? 174 VAL A N   1 
ATOM   994  C CA  . VAL A 1 133 ? 3.552   -8.093  5.203   1.00 11.15 ? 174 VAL A CA  1 
ATOM   995  C C   . VAL A 1 133 ? 4.361   -8.991  6.143   1.00 11.43 ? 174 VAL A C   1 
ATOM   996  O O   . VAL A 1 133 ? 4.389   -10.213 5.987   1.00 11.57 ? 174 VAL A O   1 
ATOM   997  C CB  . VAL A 1 133 ? 2.050   -8.485  5.284   1.00 11.12 ? 174 VAL A CB  1 
ATOM   998  C CG1 . VAL A 1 133 ? 1.573   -8.516  6.744   1.00 10.50 ? 174 VAL A CG1 1 
ATOM   999  C CG2 . VAL A 1 133 ? 1.195   -7.514  4.467   1.00 10.67 ? 174 VAL A CG2 1 
ATOM   1000 N N   . ILE A 1 134 ? 5.015   -8.354  7.111   1.00 11.69 ? 175 ILE A N   1 
ATOM   1001 C CA  . ILE A 1 134 ? 5.786   -9.023  8.162   1.00 11.78 ? 175 ILE A CA  1 
ATOM   1002 C C   . ILE A 1 134 ? 4.862   -9.526  9.272   1.00 12.05 ? 175 ILE A C   1 
ATOM   1003 O O   . ILE A 1 134 ? 5.062   -10.604 9.834   1.00 11.84 ? 175 ILE A O   1 
ATOM   1004 C CB  . ILE A 1 134 ? 6.805   -8.026  8.790   1.00 11.75 ? 175 ILE A CB  1 
ATOM   1005 C CG1 . ILE A 1 134 ? 7.902   -7.655  7.781   1.00 11.94 ? 175 ILE A CG1 1 
ATOM   1006 C CG2 . ILE A 1 134 ? 7.415   -8.582  10.083  1.00 11.96 ? 175 ILE A CG2 1 
ATOM   1007 C CD1 . ILE A 1 134 ? 8.850   -8.802  7.426   1.00 12.11 ? 175 ILE A CD1 1 
ATOM   1008 N N   . GLU A 1 135 ? 3.848   -8.720  9.563   1.00 12.34 ? 176 GLU A N   1 
ATOM   1009 C CA  . GLU A 1 135 ? 2.944   -8.938  10.672  1.00 12.79 ? 176 GLU A CA  1 
ATOM   1010 C C   . GLU A 1 135 ? 1.645   -8.202  10.358  1.00 12.87 ? 176 GLU A C   1 
ATOM   1011 O O   . GLU A 1 135 ? 1.667   -7.126  9.751   1.00 12.87 ? 176 GLU A O   1 
ATOM   1012 C CB  . GLU A 1 135 ? 3.582   -8.377  11.943  0.80 12.74 ? 176 GLU A CB  1 
ATOM   1013 C CG  . GLU A 1 135 ? 2.774   -8.499  13.208  0.80 13.66 ? 176 GLU A CG  1 
ATOM   1014 C CD  . GLU A 1 135 ? 3.232   -7.511  14.269  1.00 14.03 ? 176 GLU A CD  1 
ATOM   1015 O OE1 . GLU A 1 135 ? 4.449   -7.464  14.558  1.00 14.65 ? 176 GLU A OE1 1 
ATOM   1016 O OE2 . GLU A 1 135 ? 2.376   -6.778  14.810  1.00 13.93 ? 176 GLU A OE2 1 
ATOM   1017 N N   . GLY A 1 136 ? 0.519   -8.792  10.753  1.00 13.11 ? 177 GLY A N   1 
ATOM   1018 C CA  . GLY A 1 136 ? -0.781  -8.157  10.593  1.00 13.34 ? 177 GLY A CA  1 
ATOM   1019 C C   . GLY A 1 136 ? -1.607  -8.616  9.402   1.00 13.41 ? 177 GLY A C   1 
ATOM   1020 O O   . GLY A 1 136 ? -2.487  -7.884  8.955   1.00 13.40 ? 177 GLY A O   1 
ATOM   1021 N N   . MET A 1 137 ? -1.350  -9.818  8.883   1.00 13.83 ? 178 MET A N   1 
ATOM   1022 C CA  . MET A 1 137 ? -2.228  -10.378 7.844   1.00 14.19 ? 178 MET A CA  1 
ATOM   1023 C C   . MET A 1 137 ? -3.657  -10.540 8.366   1.00 13.93 ? 178 MET A C   1 
ATOM   1024 O O   . MET A 1 137 ? -4.603  -10.464 7.589   1.00 13.71 ? 178 MET A O   1 
ATOM   1025 C CB  . MET A 1 137 ? -1.725  -11.724 7.290   0.80 14.45 ? 178 MET A CB  1 
ATOM   1026 C CG  A MET A 1 137 ? -0.708  -11.635 6.153   0.60 15.32 ? 178 MET A CG  1 
ATOM   1027 C CG  B MET A 1 137 ? -0.857  -11.594 6.040   0.40 14.92 ? 178 MET A CG  1 
ATOM   1028 S SD  A MET A 1 137 ? -1.223  -10.729 4.679   0.60 17.09 ? 178 MET A SD  1 
ATOM   1029 S SD  B MET A 1 137 ? -1.709  -10.777 4.657   0.40 15.85 ? 178 MET A SD  1 
ATOM   1030 C CE  A MET A 1 137 ? -2.497  -11.792 4.006   0.60 16.68 ? 178 MET A CE  1 
ATOM   1031 C CE  B MET A 1 137 ? -3.034  -11.925 4.295   0.40 16.39 ? 178 MET A CE  1 
ATOM   1032 N N   . ASP A 1 138 ? -3.807  -10.748 9.676   1.00 13.98 ? 179 ASP A N   1 
ATOM   1033 C CA  . ASP A 1 138 ? -5.133  -10.770 10.309  1.00 13.95 ? 179 ASP A CA  1 
ATOM   1034 C C   . ASP A 1 138 ? -5.885  -9.460  10.055  1.00 13.81 ? 179 ASP A C   1 
ATOM   1035 O O   . ASP A 1 138 ? -7.076  -9.475  9.739   1.00 13.81 ? 179 ASP A O   1 
ATOM   1036 C CB  . ASP A 1 138 ? -5.038  -11.069 11.815  1.00 14.15 ? 179 ASP A CB  1 
ATOM   1037 C CG  . ASP A 1 138 ? -4.295  -9.993  12.592  1.00 14.67 ? 179 ASP A CG  1 
ATOM   1038 O OD1 . ASP A 1 138 ? -3.222  -9.554  12.130  1.00 16.39 ? 179 ASP A OD1 1 
ATOM   1039 O OD2 . ASP A 1 138 ? -4.782  -9.594  13.671  1.00 15.46 ? 179 ASP A OD2 1 
ATOM   1040 N N   . VAL A 1 139 ? -5.173  -8.340  10.165  1.00 13.52 ? 180 VAL A N   1 
ATOM   1041 C CA  . VAL A 1 139 ? -5.748  -7.021  9.907   1.00 13.56 ? 180 VAL A CA  1 
ATOM   1042 C C   . VAL A 1 139 ? -6.097  -6.882  8.427   1.00 13.58 ? 180 VAL A C   1 
ATOM   1043 O O   . VAL A 1 139 ? -7.146  -6.342  8.075   1.00 13.54 ? 180 VAL A O   1 
ATOM   1044 C CB  . VAL A 1 139 ? -4.771  -5.890  10.317  1.00 13.41 ? 180 VAL A CB  1 
ATOM   1045 C CG1 . VAL A 1 139 ? -5.355  -4.515  10.000  1.00 13.16 ? 180 VAL A CG1 1 
ATOM   1046 C CG2 . VAL A 1 139 ? -4.437  -5.989  11.792  1.00 13.88 ? 180 VAL A CG2 1 
ATOM   1047 N N   . VAL A 1 140 ? -5.201  -7.373  7.572   1.00 13.51 ? 181 VAL A N   1 
ATOM   1048 C CA  . VAL A 1 140 ? -5.411  -7.351  6.129   1.00 13.58 ? 181 VAL A CA  1 
ATOM   1049 C C   . VAL A 1 140 ? -6.638  -8.174  5.719   1.00 13.78 ? 181 VAL A C   1 
ATOM   1050 O O   . VAL A 1 140 ? -7.402  -7.732  4.866   1.00 13.97 ? 181 VAL A O   1 
ATOM   1051 C CB  . VAL A 1 140 ? -4.158  -7.844  5.369   1.00 13.46 ? 181 VAL A CB  1 
ATOM   1052 C CG1 . VAL A 1 140 ? -4.452  -8.005  3.879   1.00 13.60 ? 181 VAL A CG1 1 
ATOM   1053 C CG2 . VAL A 1 140 ? -2.994  -6.881  5.583   1.00 12.83 ? 181 VAL A CG2 1 
ATOM   1054 N N   . LYS A 1 141 ? -6.826  -9.351  6.325   1.00 14.33 ? 182 LYS A N   1 
ATOM   1055 C CA  . LYS A 1 141 ? -8.012  -10.182 6.054   1.00 14.62 ? 182 LYS A CA  1 
ATOM   1056 C C   . LYS A 1 141 ? -9.314  -9.509  6.518   1.00 14.90 ? 182 LYS A C   1 
ATOM   1057 O O   . LYS A 1 141 ? -10.353 -9.657  5.875   1.00 14.72 ? 182 LYS A O   1 
ATOM   1058 C CB  . LYS A 1 141 ? -7.886  -11.571 6.699   1.00 14.62 ? 182 LYS A CB  1 
ATOM   1059 C CG  . LYS A 1 141 ? -6.720  -12.423 6.193   1.00 14.79 ? 182 LYS A CG  1 
ATOM   1060 C CD  . LYS A 1 141 ? -6.801  -12.759 4.702   1.00 14.99 ? 182 LYS A CD  1 
ATOM   1061 C CE  . LYS A 1 141 ? -7.883  -13.772 4.382   1.00 15.14 ? 182 LYS A CE  1 
ATOM   1062 N NZ  . LYS A 1 141 ? -7.927  -14.071 2.921   1.00 15.02 ? 182 LYS A NZ  1 
ATOM   1063 N N   . LYS A 1 142 ? -9.251  -8.775  7.629   1.00 15.18 ? 183 LYS A N   1 
ATOM   1064 C CA  . LYS A 1 142 ? -10.387 -7.964  8.086   1.00 15.54 ? 183 LYS A CA  1 
ATOM   1065 C C   . LYS A 1 142 ? -10.724 -6.882  7.067   1.00 15.46 ? 183 LYS A C   1 
ATOM   1066 O O   . LYS A 1 142 ? -11.883 -6.731  6.671   1.00 15.63 ? 183 LYS A O   1 
ATOM   1067 C CB  . LYS A 1 142 ? -10.099 -7.318  9.446   1.00 15.69 ? 183 LYS A CB  1 
ATOM   1068 C CG  . LYS A 1 142 ? -10.101 -8.282  10.635  1.00 16.20 ? 183 LYS A CG  1 
ATOM   1069 C CD  . LYS A 1 142 ? -11.467 -8.903  10.908  0.60 16.67 ? 183 LYS A CD  1 
ATOM   1070 C CE  . LYS A 1 142 ? -12.501 -7.884  11.369  0.60 16.90 ? 183 LYS A CE  1 
ATOM   1071 N NZ  . LYS A 1 142 ? -13.822 -8.526  11.645  0.60 16.91 ? 183 LYS A NZ  1 
ATOM   1072 N N   . ILE A 1 143 ? -9.707  -6.141  6.635   1.00 15.66 ? 184 ILE A N   1 
ATOM   1073 C CA  . ILE A 1 143 ? -9.885  -5.118  5.601   1.00 15.46 ? 184 ILE A CA  1 
ATOM   1074 C C   . ILE A 1 143 ? -10.503 -5.733  4.340   1.00 15.57 ? 184 ILE A C   1 
ATOM   1075 O O   . ILE A 1 143 ? -11.459 -5.193  3.782   1.00 15.37 ? 184 ILE A O   1 
ATOM   1076 C CB  . ILE A 1 143 ? -8.544  -4.424  5.236   1.00 15.40 ? 184 ILE A CB  1 
ATOM   1077 C CG1 . ILE A 1 143 ? -8.021  -3.584  6.409   1.00 15.07 ? 184 ILE A CG1 1 
ATOM   1078 C CG2 . ILE A 1 143 ? -8.723  -3.518  4.030   1.00 14.77 ? 184 ILE A CG2 1 
ATOM   1079 C CD1 . ILE A 1 143 ? -6.582  -3.137  6.250   1.00 14.28 ? 184 ILE A CD1 1 
ATOM   1080 N N   . GLU A 1 144 ? -9.948  -6.867  3.911   1.00 16.19 ? 185 GLU A N   1 
ATOM   1081 C CA  . GLU A 1 144 ? -10.439 -7.607  2.740   1.00 16.62 ? 185 GLU A CA  1 
ATOM   1082 C C   . GLU A 1 144 ? -11.928 -7.937  2.856   1.00 17.05 ? 185 GLU A C   1 
ATOM   1083 O O   . GLU A 1 144 ? -12.666 -7.849  1.870   1.00 17.04 ? 185 GLU A O   1 
ATOM   1084 C CB  . GLU A 1 144 ? -9.639  -8.907  2.552   1.00 16.67 ? 185 GLU A CB  1 
ATOM   1085 C CG  . GLU A 1 144 ? -10.042 -9.736  1.319   1.00 16.90 ? 185 GLU A CG  1 
ATOM   1086 C CD  . GLU A 1 144 ? -9.381  -11.111 1.262   1.00 17.39 ? 185 GLU A CD  1 
ATOM   1087 O OE1 . GLU A 1 144 ? -8.988  -11.644 2.321   1.00 17.56 ? 185 GLU A OE1 1 
ATOM   1088 O OE2 . GLU A 1 144 ? -9.268  -11.670 0.150   1.00 17.63 ? 185 GLU A OE2 1 
ATOM   1089 N N   . SER A 1 145 ? -12.355 -8.319  4.061   1.00 17.48 ? 186 SER A N   1 
ATOM   1090 C CA  . SER A 1 145 ? -13.747 -8.697  4.314   1.00 17.73 ? 186 SER A CA  1 
ATOM   1091 C C   . SER A 1 145 ? -14.723 -7.511  4.246   1.00 17.97 ? 186 SER A C   1 
ATOM   1092 O O   . SER A 1 145 ? -15.941 -7.707  4.174   1.00 18.30 ? 186 SER A O   1 
ATOM   1093 C CB  . SER A 1 145 ? -13.868 -9.400  5.672   1.00 17.80 ? 186 SER A CB  1 
ATOM   1094 O OG  . SER A 1 145 ? -13.790 -8.482  6.752   1.00 17.41 ? 186 SER A OG  1 
ATOM   1095 N N   . PHE A 1 146 ? -14.194 -6.288  4.279   1.00 18.07 ? 187 PHE A N   1 
ATOM   1096 C CA  . PHE A 1 146 ? -15.017 -5.083  4.143   1.00 18.36 ? 187 PHE A CA  1 
ATOM   1097 C C   . PHE A 1 146 ? -15.093 -4.593  2.693   1.00 18.43 ? 187 PHE A C   1 
ATOM   1098 O O   . PHE A 1 146 ? -15.671 -3.542  2.426   1.00 18.35 ? 187 PHE A O   1 
ATOM   1099 C CB  . PHE A 1 146 ? -14.496 -3.953  5.044   1.00 18.42 ? 187 PHE A CB  1 
ATOM   1100 C CG  . PHE A 1 146 ? -14.283 -4.355  6.486   1.00 18.78 ? 187 PHE A CG  1 
ATOM   1101 C CD1 . PHE A 1 146 ? -15.105 -5.297  7.104   1.00 19.66 ? 187 PHE A CD1 1 
ATOM   1102 C CD2 . PHE A 1 146 ? -13.268 -3.771  7.232   1.00 19.49 ? 187 PHE A CD2 1 
ATOM   1103 C CE1 . PHE A 1 146 ? -14.901 -5.661  8.436   1.00 19.38 ? 187 PHE A CE1 1 
ATOM   1104 C CE2 . PHE A 1 146 ? -13.062 -4.126  8.562   1.00 19.10 ? 187 PHE A CE2 1 
ATOM   1105 C CZ  . PHE A 1 146 ? -13.885 -5.073  9.163   1.00 19.65 ? 187 PHE A CZ  1 
ATOM   1106 N N   . GLY A 1 147 ? -14.515 -5.355  1.766   1.00 18.77 ? 188 GLY A N   1 
ATOM   1107 C CA  . GLY A 1 147 ? -14.531 -5.008  0.348   1.00 19.14 ? 188 GLY A CA  1 
ATOM   1108 C C   . GLY A 1 147 ? -15.779 -5.484  -0.369  1.00 19.50 ? 188 GLY A C   1 
ATOM   1109 O O   . GLY A 1 147 ? -16.763 -5.872  0.264   1.00 19.81 ? 188 GLY A O   1 
ATOM   1110 N N   . SER A 1 148 ? -15.737 -5.434  -1.698  1.00 19.72 ? 189 SER A N   1 
ATOM   1111 C CA  . SER A 1 148 ? -16.823 -5.929  -2.549  1.00 19.88 ? 189 SER A CA  1 
ATOM   1112 C C   . SER A 1 148 ? -16.298 -6.172  -3.961  1.00 20.10 ? 189 SER A C   1 
ATOM   1113 O O   . SER A 1 148 ? -15.154 -5.830  -4.264  1.00 19.88 ? 189 SER A O   1 
ATOM   1114 C CB  . SER A 1 148 ? -17.996 -4.940  -2.582  1.00 19.88 ? 189 SER A CB  1 
ATOM   1115 O OG  . SER A 1 148 ? -17.721 -3.825  -3.415  1.00 19.95 ? 189 SER A OG  1 
ATOM   1116 N N   . LYS A 1 149 ? -17.139 -6.747  -4.820  1.00 20.27 ? 190 LYS A N   1 
ATOM   1117 C CA  . LYS A 1 149 ? -16.758 -7.045  -6.200  1.00 20.57 ? 190 LYS A CA  1 
ATOM   1118 C C   . LYS A 1 149 ? -16.319 -5.795  -6.964  1.00 20.56 ? 190 LYS A C   1 
ATOM   1119 O O   . LYS A 1 149 ? -15.338 -5.839  -7.703  1.00 20.41 ? 190 LYS A O   1 
ATOM   1120 C CB  . LYS A 1 149 ? -17.905 -7.737  -6.952  1.00 20.75 ? 190 LYS A CB  1 
ATOM   1121 C CG  . LYS A 1 149 ? -18.119 -9.200  -6.566  0.80 20.97 ? 190 LYS A CG  1 
ATOM   1122 C CD  . LYS A 1 149 ? -18.899 -9.963  -7.635  0.80 21.07 ? 190 LYS A CD  1 
ATOM   1123 C CE  . LYS A 1 149 ? -20.381 -9.614  -7.625  0.70 21.13 ? 190 LYS A CE  1 
ATOM   1124 N NZ  . LYS A 1 149 ? -21.065 -10.015 -8.886  0.50 20.59 ? 190 LYS A NZ  1 
ATOM   1125 N N   . SER A 1 150 ? -17.037 -4.688  -6.770  1.00 20.47 ? 191 SER A N   1 
ATOM   1126 C CA  . SER A 1 150 ? -16.729 -3.424  -7.447  1.00 20.54 ? 191 SER A CA  1 
ATOM   1127 C C   . SER A 1 150 ? -15.528 -2.694  -6.848  1.00 20.50 ? 191 SER A C   1 
ATOM   1128 O O   . SER A 1 150 ? -15.037 -1.723  -7.434  1.00 20.67 ? 191 SER A O   1 
ATOM   1129 C CB  . SER A 1 150 ? -17.940 -2.483  -7.406  1.00 20.60 ? 191 SER A CB  1 
ATOM   1130 O OG  . SER A 1 150 ? -18.122 -1.934  -6.110  1.00 20.51 ? 191 SER A OG  1 
ATOM   1131 N N   . GLY A 1 151 ? -15.079 -3.138  -5.673  1.00 20.20 ? 192 GLY A N   1 
ATOM   1132 C CA  . GLY A 1 151 ? -14.017 -2.460  -4.944  1.00 20.05 ? 192 GLY A CA  1 
ATOM   1133 C C   . GLY A 1 151 ? -14.550 -1.506  -3.891  1.00 19.85 ? 192 GLY A C   1 
ATOM   1134 O O   . GLY A 1 151 ? -13.794 -1.048  -3.037  1.00 19.86 ? 192 GLY A O   1 
ATOM   1135 N N   . ARG A 1 152 ? -15.847 -1.203  -3.939  1.00 19.74 ? 193 ARG A N   1 
ATOM   1136 C CA  . ARG A 1 152 ? -16.463 -0.305  -2.960  1.00 19.72 ? 193 ARG A CA  1 
ATOM   1137 C C   . ARG A 1 152 ? -16.411 -0.919  -1.565  1.00 19.38 ? 193 ARG A C   1 
ATOM   1138 O O   . ARG A 1 152 ? -16.788 -2.078  -1.378  1.00 19.49 ? 193 ARG A O   1 
ATOM   1139 C CB  . ARG A 1 152 ? -17.920 0.010   -3.339  0.90 19.76 ? 193 ARG A CB  1 
ATOM   1140 C CG  . ARG A 1 152 ? -18.686 0.830   -2.296  0.70 19.97 ? 193 ARG A CG  1 
ATOM   1141 C CD  . ARG A 1 152 ? -18.107 2.231   -2.133  0.50 20.42 ? 193 ARG A CD  1 
ATOM   1142 N NE  . ARG A 1 152 ? -18.345 2.781   -0.801  0.50 20.72 ? 193 ARG A NE  1 
ATOM   1143 C CZ  . ARG A 1 152 ? -19.249 3.716   -0.531  0.50 20.97 ? 193 ARG A CZ  1 
ATOM   1144 N NH1 . ARG A 1 152 ? -20.007 4.208   -1.502  0.50 20.91 ? 193 ARG A NH1 1 
ATOM   1145 N NH2 . ARG A 1 152 ? -19.393 4.160   0.711   0.50 21.29 ? 193 ARG A NH2 1 
ATOM   1146 N N   . THR A 1 153 ? -15.954 -0.138  -0.588  1.00 19.17 ? 194 THR A N   1 
ATOM   1147 C CA  . THR A 1 153 ? -15.829 -0.633  0.784   1.00 18.95 ? 194 THR A CA  1 
ATOM   1148 C C   . THR A 1 153 ? -17.141 -0.473  1.559   1.00 19.02 ? 194 THR A C   1 
ATOM   1149 O O   . THR A 1 153 ? -17.865 0.506   1.375   1.00 18.77 ? 194 THR A O   1 
ATOM   1150 C CB  . THR A 1 153 ? -14.681 0.062   1.553   1.00 18.96 ? 194 THR A CB  1 
ATOM   1151 O OG1 . THR A 1 153 ? -14.867 1.483   1.547   1.00 18.46 ? 194 THR A OG1 1 
ATOM   1152 C CG2 . THR A 1 153 ? -13.336 -0.278  0.928   1.00 18.75 ? 194 THR A CG2 1 
ATOM   1153 N N   . SER A 1 154 ? -17.427 -1.452  2.415   1.00 19.13 ? 195 SER A N   1 
ATOM   1154 C CA  . SER A 1 154 ? -18.646 -1.477  3.233   1.00 19.18 ? 195 SER A CA  1 
ATOM   1155 C C   . SER A 1 154 ? -18.431 -0.865  4.616   1.00 19.12 ? 195 SER A C   1 
ATOM   1156 O O   . SER A 1 154 ? -19.383 -0.695  5.384   1.00 19.28 ? 195 SER A O   1 
ATOM   1157 C CB  . SER A 1 154 ? -19.133 -2.917  3.391   1.00 19.37 ? 195 SER A CB  1 
ATOM   1158 O OG  . SER A 1 154 ? -18.161 -3.705  4.059   1.00 19.50 ? 195 SER A OG  1 
ATOM   1159 N N   . LYS A 1 155 ? -17.174 -0.577  4.936   1.00 18.79 ? 196 LYS A N   1 
ATOM   1160 C CA  . LYS A 1 155 ? -16.808 0.167   6.137   1.00 18.67 ? 196 LYS A CA  1 
ATOM   1161 C C   . LYS A 1 155 ? -15.816 1.247   5.729   1.00 18.50 ? 196 LYS A C   1 
ATOM   1162 O O   . LYS A 1 155 ? -15.171 1.130   4.686   1.00 18.25 ? 196 LYS A O   1 
ATOM   1163 C CB  . LYS A 1 155 ? -16.182 -0.760  7.179   1.00 18.74 ? 196 LYS A CB  1 
ATOM   1164 C CG  . LYS A 1 155 ? -17.108 -1.869  7.675   1.00 19.25 ? 196 LYS A CG  1 
ATOM   1165 C CD  . LYS A 1 155 ? -16.598 -2.488  8.973   1.00 19.77 ? 196 LYS A CD  1 
ATOM   1166 C CE  . LYS A 1 155 ? -17.551 -3.568  9.475   1.00 20.68 ? 196 LYS A CE  1 
ATOM   1167 N NZ  . LYS A 1 155 ? -17.158 -4.106  10.814  1.00 21.93 ? 196 LYS A NZ  1 
ATOM   1168 N N   . LYS A 1 156 ? -15.711 2.302   6.536   1.00 18.18 ? 197 LYS A N   1 
ATOM   1169 C CA  . LYS A 1 156 ? -14.760 3.386   6.271   1.00 18.12 ? 197 LYS A CA  1 
ATOM   1170 C C   . LYS A 1 156 ? -13.410 3.042   6.910   1.00 17.89 ? 197 LYS A C   1 
ATOM   1171 O O   . LYS A 1 156 ? -13.257 3.078   8.133   1.00 17.77 ? 197 LYS A O   1 
ATOM   1172 C CB  A LYS A 1 156 ? -15.276 4.725   6.804   0.50 18.12 ? 197 LYS A CB  1 
ATOM   1173 C CB  B LYS A 1 156 ? -15.315 4.718   6.782   0.50 18.11 ? 197 LYS A CB  1 
ATOM   1174 C CG  A LYS A 1 156 ? -14.345 5.900   6.512   0.50 18.47 ? 197 LYS A CG  1 
ATOM   1175 C CG  B LYS A 1 156 ? -16.499 5.221   5.955   0.50 18.49 ? 197 LYS A CG  1 
ATOM   1176 C CD  A LYS A 1 156 ? -15.010 7.238   6.792   0.50 19.08 ? 197 LYS A CD  1 
ATOM   1177 C CD  B LYS A 1 156 ? -17.479 6.041   6.776   0.50 18.67 ? 197 LYS A CD  1 
ATOM   1178 C CE  A LYS A 1 156 ? -14.103 8.397   6.402   0.50 19.28 ? 197 LYS A CE  1 
ATOM   1179 C CE  B LYS A 1 156 ? -18.823 6.165   6.065   0.50 18.81 ? 197 LYS A CE  1 
ATOM   1180 N NZ  A LYS A 1 156 ? -14.740 9.719   6.656   0.50 19.45 ? 197 LYS A NZ  1 
ATOM   1181 N NZ  B LYS A 1 156 ? -18.853 7.282   5.086   0.50 19.36 ? 197 LYS A NZ  1 
ATOM   1182 N N   . ILE A 1 157 ? -12.443 2.695   6.064   1.00 17.49 ? 198 ILE A N   1 
ATOM   1183 C CA  . ILE A 1 157 ? -11.173 2.118   6.504   1.00 17.44 ? 198 ILE A CA  1 
ATOM   1184 C C   . ILE A 1 157 ? -10.093 3.191   6.450   1.00 17.26 ? 198 ILE A C   1 
ATOM   1185 O O   . ILE A 1 157 ? -9.805  3.717   5.381   1.00 17.27 ? 198 ILE A O   1 
ATOM   1186 C CB  . ILE A 1 157 ? -10.780 0.920   5.611   1.00 17.29 ? 198 ILE A CB  1 
ATOM   1187 C CG1 . ILE A 1 157 ? -11.943 -0.074  5.504   1.00 17.48 ? 198 ILE A CG1 1 
ATOM   1188 C CG2 . ILE A 1 157 ? -9.544  0.219   6.159   1.00 17.39 ? 198 ILE A CG2 1 
ATOM   1189 C CD1 . ILE A 1 157 ? -11.809 -1.053  4.352   1.00 18.36 ? 198 ILE A CD1 1 
ATOM   1190 N N   . VAL A 1 158 ? -9.504  3.518   7.599   1.00 17.20 ? 199 VAL A N   1 
ATOM   1191 C CA  . VAL A 1 158 ? -8.600  4.662   7.704   1.00 17.15 ? 199 VAL A CA  1 
ATOM   1192 C C   . VAL A 1 158 ? -7.257  4.292   8.336   1.00 17.26 ? 199 VAL A C   1 
ATOM   1193 O O   . VAL A 1 158 ? -7.202  3.640   9.382   1.00 17.07 ? 199 VAL A O   1 
ATOM   1194 C CB  . VAL A 1 158 ? -9.239  5.804   8.526   1.00 17.25 ? 199 VAL A CB  1 
ATOM   1195 C CG1 . VAL A 1 158 ? -8.307  7.010   8.586   1.00 17.29 ? 199 VAL A CG1 1 
ATOM   1196 C CG2 . VAL A 1 158 ? -10.590 6.199   7.933   1.00 17.40 ? 199 VAL A CG2 1 
ATOM   1197 N N   . ILE A 1 159 ? -6.181  4.725   7.683   1.00 17.16 ? 200 ILE A N   1 
ATOM   1198 C CA  . ILE A 1 159 ? -4.840  4.670   8.246   1.00 17.08 ? 200 ILE A CA  1 
ATOM   1199 C C   . ILE A 1 159 ? -4.739  5.830   9.241   1.00 17.07 ? 200 ILE A C   1 
ATOM   1200 O O   . ILE A 1 159 ? -4.489  6.975   8.855   1.00 16.98 ? 200 ILE A O   1 
ATOM   1201 C CB  . ILE A 1 159 ? -3.752  4.794   7.148   1.00 17.02 ? 200 ILE A CB  1 
ATOM   1202 C CG1 . ILE A 1 159 ? -3.901  3.667   6.121   1.00 17.04 ? 200 ILE A CG1 1 
ATOM   1203 C CG2 . ILE A 1 159 ? -2.356  4.770   7.770   1.00 16.95 ? 200 ILE A CG2 1 
ATOM   1204 C CD1 . ILE A 1 159 ? -3.036  3.833   4.884   1.00 16.35 ? 200 ILE A CD1 1 
ATOM   1205 N N   . THR A 1 160 ? -4.983  5.531   10.514  1.00 17.00 ? 201 THR A N   1 
ATOM   1206 C CA  . THR A 1 160 ? -5.022  6.555   11.555  1.00 17.06 ? 201 THR A CA  1 
ATOM   1207 C C   . THR A 1 160 ? -3.612  7.022   11.923  1.00 16.80 ? 201 THR A C   1 
ATOM   1208 O O   . THR A 1 160 ? -3.413  8.191   12.275  1.00 17.15 ? 201 THR A O   1 
ATOM   1209 C CB  . THR A 1 160 ? -5.750  6.044   12.813  1.00 17.09 ? 201 THR A CB  1 
ATOM   1210 O OG1 . THR A 1 160 ? -5.069  4.895   13.328  1.00 16.72 ? 201 THR A OG1 1 
ATOM   1211 C CG2 . THR A 1 160 ? -7.197  5.682   12.485  1.00 17.51 ? 201 THR A CG2 1 
ATOM   1212 N N   . ASP A 1 161 ? -2.653  6.094   11.863  1.00 16.45 ? 202 ASP A N   1 
ATOM   1213 C CA  A ASP A 1 161 ? -1.246  6.381   12.141  0.50 16.22 ? 202 ASP A CA  1 
ATOM   1214 C CA  B ASP A 1 161 ? -1.246  6.415   12.098  0.50 16.20 ? 202 ASP A CA  1 
ATOM   1215 C C   . ASP A 1 161 ? -0.355  5.523   11.239  1.00 15.90 ? 202 ASP A C   1 
ATOM   1216 O O   . ASP A 1 161 ? -0.750  4.428   10.827  1.00 15.76 ? 202 ASP A O   1 
ATOM   1217 C CB  A ASP A 1 161 ? -0.905  6.082   13.610  0.50 16.18 ? 202 ASP A CB  1 
ATOM   1218 C CB  B ASP A 1 161 ? -0.885  6.257   13.583  0.50 16.17 ? 202 ASP A CB  1 
ATOM   1219 C CG  A ASP A 1 161 ? -1.868  6.735   14.589  0.50 16.68 ? 202 ASP A CG  1 
ATOM   1220 C CG  B ASP A 1 161 ? 0.429   6.950   13.949  0.50 16.51 ? 202 ASP A CG  1 
ATOM   1221 O OD1 A ASP A 1 161 ? -1.527  7.801   15.147  0.50 16.41 ? 202 ASP A OD1 1 
ATOM   1222 O OD1 B ASP A 1 161 ? 0.851   7.871   13.218  0.50 16.71 ? 202 ASP A OD1 1 
ATOM   1223 O OD2 A ASP A 1 161 ? -2.971  6.182   14.798  0.50 17.86 ? 202 ASP A OD2 1 
ATOM   1224 O OD2 B ASP A 1 161 ? 1.041   6.569   14.972  0.50 17.05 ? 202 ASP A OD2 1 
ATOM   1225 N N   . CYS A 1 162 ? 0.841   6.016   10.952  1.00 15.37 ? 203 CYS A N   1 
ATOM   1226 C CA  . CYS A 1 162 ? 1.837   5.261   10.197  1.00 14.76 ? 203 CYS A CA  1 
ATOM   1227 C C   . CYS A 1 162 ? 3.224   5.797   10.496  1.00 14.42 ? 203 CYS A C   1 
ATOM   1228 O O   . CYS A 1 162 ? 3.373   6.898   11.015  1.00 14.14 ? 203 CYS A O   1 
ATOM   1229 C CB  . CYS A 1 162 ? 1.552   5.312   8.688   1.00 14.73 ? 203 CYS A CB  1 
ATOM   1230 S SG  . CYS A 1 162 ? 1.237   6.955   8.017   1.00 14.19 ? 203 CYS A SG  1 
ATOM   1231 N N   . GLY A 1 163 ? 4.244   5.006   10.184  1.00 14.31 ? 204 GLY A N   1 
ATOM   1232 C CA  . GLY A 1 163 ? 5.612   5.436   10.422  1.00 14.11 ? 204 GLY A CA  1 
ATOM   1233 C C   . GLY A 1 163 ? 6.651   4.364   10.202  1.00 13.97 ? 204 GLY A C   1 
ATOM   1234 O O   . GLY A 1 163 ? 6.347   3.282   9.691   1.00 14.23 ? 204 GLY A O   1 
ATOM   1235 N N   . GLN A 1 164 ? 7.877   4.684   10.601  1.00 13.62 ? 205 GLN A N   1 
ATOM   1236 C CA  . GLN A 1 164 ? 9.022   3.796   10.444  1.00 13.37 ? 205 GLN A CA  1 
ATOM   1237 C C   . GLN A 1 164 ? 9.444   3.218   11.785  1.00 13.23 ? 205 GLN A C   1 
ATOM   1238 O O   . GLN A 1 164 ? 9.572   3.945   12.780  1.00 13.35 ? 205 GLN A O   1 
ATOM   1239 C CB  . GLN A 1 164 ? 10.192  4.543   9.809   1.00 13.22 ? 205 GLN A CB  1 
ATOM   1240 C CG  . GLN A 1 164 ? 11.418  3.658   9.563   1.00 12.60 ? 205 GLN A CG  1 
ATOM   1241 C CD  . GLN A 1 164 ? 12.438  4.308   8.650   1.00 12.19 ? 205 GLN A CD  1 
ATOM   1242 O OE1 . GLN A 1 164 ? 12.391  5.514   8.406   1.00 12.36 ? 205 GLN A OE1 1 
ATOM   1243 N NE2 . GLN A 1 164 ? 13.369  3.511   8.145   1.00 10.11 ? 205 GLN A NE2 1 
ATOM   1244 N N   . LEU A 1 165 ? 9.657   1.904   11.794  1.00 13.20 ? 206 LEU A N   1 
ATOM   1245 C CA  . LEU A 1 165 ? 10.106  1.161   12.972  1.00 13.03 ? 206 LEU A CA  1 
ATOM   1246 C C   . LEU A 1 165 ? 11.624  0.977   12.971  1.00 12.81 ? 206 LEU A C   1 
ATOM   1247 O O   . LEU A 1 165 ? 12.257  0.979   14.026  1.00 12.71 ? 206 LEU A O   1 
ATOM   1248 C CB  . LEU A 1 165 ? 9.439   -0.218  13.002  1.00 12.95 ? 206 LEU A CB  1 
ATOM   1249 C CG  . LEU A 1 165 ? 7.909   -0.244  13.070  1.00 13.00 ? 206 LEU A CG  1 
ATOM   1250 C CD1 . LEU A 1 165 ? 7.390   -1.678  12.935  1.00 13.13 ? 206 LEU A CD1 1 
ATOM   1251 C CD2 . LEU A 1 165 ? 7.409   0.391   14.357  1.00 14.00 ? 206 LEU A CD2 1 
ATOM   1252 N N   . SER A 1 166 ? 12.199  0.801   11.784  1.00 12.58 ? 207 SER A N   1 
ATOM   1253 C CA  . SER A 1 166 ? 13.640  0.596   11.635  1.00 12.74 ? 207 SER A CA  1 
ATOM   1254 C C   . SER A 1 166 ? 14.067  0.810   10.190  1.00 12.77 ? 207 SER A C   1 
ATOM   1255 O O   . SER A 1 166 ? 15.261  0.890   9.899   1.00 13.08 ? 207 SER A O   1 
ATOM   1256 C CB  . SER A 1 166 ? 14.036  -0.815  12.068  1.00 12.57 ? 207 SER A CB  1 
ATOM   1257 O OG  . SER A 1 166 ? 13.465  -1.799  11.220  1.00 12.79 ? 207 SER A OG  1 
ATOM   1258 O OXT . SER A 1 166 ? 13.225  0.887   9.293   1.00 12.32 ? 207 SER A OXT 1 
HETATM 1259 N NAA . Q8A B 2 .   ? -0.980  6.419   -9.459  1.00 29.69 ? 301 Q8A A NAA 1 
HETATM 1260 C CAB . Q8A B 2 .   ? -5.239  7.749   -11.669 1.00 30.90 ? 301 Q8A A CAB 1 
HETATM 1261 C CAC . Q8A B 2 .   ? -3.580  3.873   -9.369  1.00 29.88 ? 301 Q8A A CAC 1 
HETATM 1262 C CAD . Q8A B 2 .   ? -4.003  8.347   -11.450 1.00 31.10 ? 301 Q8A A CAD 1 
HETATM 1263 C CAE . Q8A B 2 .   ? -2.359  4.521   -9.175  1.00 29.59 ? 301 Q8A A CAE 1 
HETATM 1264 C CAF . Q8A B 2 .   ? -5.444  6.460   -11.195 1.00 30.61 ? 301 Q8A A CAF 1 
HETATM 1265 C CAG . Q8A B 2 .   ? -4.616  4.516   -10.044 1.00 30.12 ? 301 Q8A A CAG 1 
HETATM 1266 N NAH . Q8A B 2 .   ? -3.035  7.711   -10.805 1.00 30.53 ? 301 Q8A A NAH 1 
HETATM 1267 C CAI . Q8A B 2 .   ? -2.161  5.816   -9.655  1.00 30.02 ? 301 Q8A A CAI 1 
HETATM 1268 C CAJ . Q8A B 2 .   ? -4.420  5.809   -10.522 1.00 30.04 ? 301 Q8A A CAJ 1 
HETATM 1269 C CAK . Q8A B 2 .   ? -3.199  6.462   -10.332 1.00 30.26 ? 301 Q8A A CAK 1 
HETATM 1270 N NAA . Q8A C 2 .   ? 9.397   -13.822 2.963   0.80 25.69 ? 302 Q8A A NAA 1 
HETATM 1271 C CAB . Q8A C 2 .   ? 5.778   -12.501 -0.128  0.80 24.42 ? 302 Q8A A CAB 1 
HETATM 1272 C CAC . Q8A C 2 .   ? 6.080   -14.083 4.389   0.80 25.62 ? 302 Q8A A CAC 1 
HETATM 1273 C CAD . Q8A C 2 .   ? 7.166   -12.573 -0.201  0.80 24.79 ? 302 Q8A A CAD 1 
HETATM 1274 C CAE . Q8A C 2 .   ? 7.466   -14.137 4.268   0.80 25.30 ? 302 Q8A A CAE 1 
HETATM 1275 C CAF . Q8A C 2 .   ? 5.130   -12.861 1.048   0.80 25.02 ? 302 Q8A A CAF 1 
HETATM 1276 C CAG . Q8A C 2 .   ? 5.294   -13.657 3.321   0.80 25.58 ? 302 Q8A A CAG 1 
HETATM 1277 N NAH . Q8A C 2 .   ? 7.874   -12.982 0.839   0.80 25.28 ? 302 Q8A A NAH 1 
HETATM 1278 C CAI . Q8A C 2 .   ? 8.074   -13.767 3.070   0.80 25.27 ? 302 Q8A A CAI 1 
HETATM 1279 C CAJ . Q8A C 2 .   ? 5.901   -13.287 2.126   0.80 25.45 ? 302 Q8A A CAJ 1 
HETATM 1280 C CAK . Q8A C 2 .   ? 7.292   -13.341 1.997   0.80 25.15 ? 302 Q8A A CAK 1 
HETATM 1281 O O   . HOH D 3 .   ? 17.573  0.720   4.257   0.75 19.60 ? 401 HOH A O   1 
HETATM 1282 O O   . HOH D 3 .   ? 20.843  -0.821  9.488   0.30 5.51  ? 402 HOH A O   1 
HETATM 1283 O O   . HOH D 3 .   ? -0.796  -0.611  -20.313 0.92 35.57 ? 403 HOH A O   1 
HETATM 1284 O O   . HOH D 3 .   ? -5.626  3.521   16.798  0.60 21.26 ? 404 HOH A O   1 
HETATM 1285 O O   . HOH D 3 .   ? -12.974 -9.707  14.123  1.00 35.00 ? 405 HOH A O   1 
HETATM 1286 O O   . HOH D 3 .   ? -10.720 -6.417  15.485  0.60 23.83 ? 406 HOH A O   1 
HETATM 1287 O O   . HOH D 3 .   ? 6.680   -1.449  -19.024 0.94 18.07 ? 407 HOH A O   1 
HETATM 1288 O O   . HOH D 3 .   ? -12.565 -4.685  15.110  0.50 19.65 ? 408 HOH A O   1 
HETATM 1289 O O   . HOH D 3 .   ? -5.470  -2.330  17.997  0.93 19.84 ? 409 HOH A O   1 
HETATM 1290 O O   . HOH D 3 .   ? 0.288   4.830   16.414  0.50 21.77 ? 410 HOH A O   1 
HETATM 1291 O O   . HOH D 3 .   ? 0.522   -0.444  18.705  0.81 33.83 ? 411 HOH A O   1 
HETATM 1292 O O   . HOH D 3 .   ? 0.618   1.127   -22.254 0.40 19.28 ? 412 HOH A O   1 
HETATM 1293 O O   . HOH D 3 .   ? -6.058  2.595   14.299  1.00 24.64 ? 413 HOH A O   1 
HETATM 1294 O O   . HOH D 3 .   ? -11.172 6.121   11.857  1.00 25.63 ? 414 HOH A O   1 
HETATM 1295 O O   . HOH D 3 .   ? 20.185  1.822   -2.007  0.69 18.42 ? 415 HOH A O   1 
HETATM 1296 O O   . HOH D 3 .   ? -19.231 3.222   7.068   0.95 28.09 ? 416 HOH A O   1 
HETATM 1297 O O   . HOH D 3 .   ? -17.488 0.225   14.569  0.40 20.98 ? 417 HOH A O   1 
HETATM 1298 O O   . HOH D 3 .   ? -2.129  -9.683  -18.102 0.50 23.22 ? 418 HOH A O   1 
HETATM 1299 O O   . HOH D 3 .   ? 18.378  2.362   -0.074  1.00 20.37 ? 419 HOH A O   1 
HETATM 1300 O O   . HOH D 3 .   ? 17.150  5.808   -1.042  0.70 26.43 ? 420 HOH A O   1 
HETATM 1301 O O   . HOH D 3 .   ? -12.250 -13.761 0.465   0.40 12.95 ? 421 HOH A O   1 
HETATM 1302 O O   . HOH D 3 .   ? -9.014  -16.131 -1.514  0.30 3.72  ? 422 HOH A O   1 
HETATM 1303 O O   . HOH D 3 .   ? 20.367  3.210   -4.720  0.70 29.98 ? 423 HOH A O   1 
HETATM 1304 O O   . HOH D 3 .   ? 17.205  0.943   11.720  0.84 23.16 ? 424 HOH A O   1 
HETATM 1305 O O   . HOH D 3 .   ? -9.551  -13.006 -8.460  0.70 33.92 ? 425 HOH A O   1 
HETATM 1306 O O   . HOH D 3 .   ? -7.480  10.071  10.934  1.00 36.29 ? 426 HOH A O   1 
HETATM 1307 O O   . HOH D 3 .   ? 16.362  3.172   4.110   0.95 19.01 ? 427 HOH A O   1 
HETATM 1308 O O   . HOH D 3 .   ? 17.224  10.952  2.662   1.00 37.64 ? 428 HOH A O   1 
HETATM 1309 O O   . HOH D 3 .   ? 14.034  3.966   12.062  0.89 34.91 ? 429 HOH A O   1 
HETATM 1310 O O   . HOH D 3 .   ? 17.892  5.236   3.239   0.70 23.84 ? 430 HOH A O   1 
HETATM 1311 O O   . HOH D 3 .   ? -6.624  1.493   -9.347  0.49 11.29 ? 431 HOH A O   1 
HETATM 1312 O O   . HOH D 3 .   ? 8.878   -8.105  -16.350 0.40 16.69 ? 432 HOH A O   1 
HETATM 1313 O O   . HOH D 3 .   ? -12.067 -3.069  15.989  0.50 20.53 ? 433 HOH A O   1 
HETATM 1314 O O   . HOH D 3 .   ? -8.121  -3.615  18.155  1.00 23.67 ? 434 HOH A O   1 
HETATM 1315 O O   . HOH D 3 .   ? -5.332  0.137   14.775  1.00 21.52 ? 435 HOH A O   1 
HETATM 1316 O O   . HOH D 3 .   ? -4.482  -15.268 6.502   1.00 36.11 ? 436 HOH A O   1 
HETATM 1317 O O   . HOH D 3 .   ? 5.275   -2.708  15.581  1.00 13.41 ? 437 HOH A O   1 
HETATM 1318 O O   . HOH D 3 .   ? -2.398  -5.613  15.347  0.82 14.20 ? 438 HOH A O   1 
HETATM 1319 O O   . HOH D 3 .   ? -3.727  14.804  -6.625  0.70 27.65 ? 439 HOH A O   1 
HETATM 1320 O O   . HOH D 3 .   ? -1.829  -12.313 -17.776 0.60 20.90 ? 440 HOH A O   1 
HETATM 1321 O O   . HOH D 3 .   ? -15.949 2.155   -5.076  1.00 31.90 ? 441 HOH A O   1 
HETATM 1322 O O   . HOH D 3 .   ? -1.167  8.909   -13.650 1.00 15.93 ? 442 HOH A O   1 
HETATM 1323 O O   . HOH D 3 .   ? 20.692  -5.599  -4.478  0.90 34.35 ? 443 HOH A O   1 
HETATM 1324 O O   . HOH D 3 .   ? -7.694  16.413  -8.437  0.60 27.79 ? 444 HOH A O   1 
HETATM 1325 O O   . HOH D 3 .   ? 15.639  -9.220  0.497   0.75 25.36 ? 445 HOH A O   1 
HETATM 1326 O O   . HOH D 3 .   ? -13.506 6.318   -2.222  0.70 26.85 ? 446 HOH A O   1 
HETATM 1327 O O   . HOH D 3 .   ? 17.508  -4.349  -8.074  1.00 27.36 ? 447 HOH A O   1 
HETATM 1328 O O   . HOH D 3 .   ? -12.041 3.647   -6.181  0.40 17.28 ? 448 HOH A O   1 
HETATM 1329 O O   . HOH D 3 .   ? -13.148 5.590   -4.808  1.00 33.48 ? 449 HOH A O   1 
HETATM 1330 O O   . HOH D 3 .   ? -12.112 7.315   -8.268  1.00 14.76 ? 450 HOH A O   1 
HETATM 1331 O O   . HOH D 3 .   ? -10.937 13.008  -9.034  0.80 19.81 ? 451 HOH A O   1 
HETATM 1332 O O   . HOH D 3 .   ? -15.187 10.958  -8.038  0.97 13.48 ? 452 HOH A O   1 
HETATM 1333 O O   . HOH D 3 .   ? 9.287   -16.922 -5.184  0.77 16.84 ? 453 HOH A O   1 
HETATM 1334 O O   . HOH D 3 .   ? -5.101  11.758  -11.751 0.70 31.41 ? 454 HOH A O   1 
HETATM 1335 O O   . HOH D 3 .   ? 15.861  3.035   -0.257  1.00 12.60 ? 455 HOH A O   1 
HETATM 1336 O O   . HOH D 3 .   ? -0.837  7.596   -6.706  1.00 9.05  ? 456 HOH A O   1 
HETATM 1337 O O   . HOH D 3 .   ? -2.690  13.118  -8.596  0.50 27.49 ? 457 HOH A O   1 
HETATM 1338 O O   . HOH D 3 .   ? -0.955  16.321  -0.038  0.50 23.81 ? 458 HOH A O   1 
HETATM 1339 O O   . HOH D 3 .   ? 18.403  4.746   -5.776  1.00 24.29 ? 459 HOH A O   1 
HETATM 1340 O O   . HOH D 3 .   ? 6.712   3.605   -3.195  1.00 12.63 ? 460 HOH A O   1 
HETATM 1341 O O   . HOH D 3 .   ? 8.822   1.881   -9.252  1.00 12.14 ? 461 HOH A O   1 
HETATM 1342 O O   . HOH D 3 .   ? 16.484  7.482   3.305   0.97 37.47 ? 462 HOH A O   1 
HETATM 1343 O O   . HOH D 3 .   ? 14.549  3.676   2.050   0.96 12.71 ? 463 HOH A O   1 
HETATM 1344 O O   . HOH D 3 .   ? 0.718   14.532  -12.613 0.99 22.06 ? 464 HOH A O   1 
HETATM 1345 O O   . HOH D 3 .   ? 3.759   16.565  -6.955  1.00 18.66 ? 465 HOH A O   1 
HETATM 1346 O O   . HOH D 3 .   ? 14.372  11.175  0.987   1.00 32.83 ? 466 HOH A O   1 
HETATM 1347 O O   . HOH D 3 .   ? 10.372  -0.546  -17.185 0.97 31.28 ? 467 HOH A O   1 
HETATM 1348 O O   . HOH D 3 .   ? 15.934  2.194   -11.446 1.00 18.18 ? 468 HOH A O   1 
HETATM 1349 O O   . HOH D 3 .   ? 9.265   -15.043 -7.296  1.00 16.22 ? 469 HOH A O   1 
HETATM 1350 O O   . HOH D 3 .   ? 7.231   -9.850  -17.147 0.50 23.54 ? 470 HOH A O   1 
HETATM 1351 O O   . HOH D 3 .   ? 11.608  4.212   -9.784  1.00 13.00 ? 471 HOH A O   1 
HETATM 1352 O O   . HOH D 3 .   ? 7.797   0.200   -17.222 0.94 12.16 ? 472 HOH A O   1 
HETATM 1353 O O   . HOH D 3 .   ? 12.336  0.926   -15.389 0.50 25.61 ? 473 HOH A O   1 
HETATM 1354 O O   . HOH D 3 .   ? 13.595  2.424   -14.259 0.96 18.47 ? 474 HOH A O   1 
HETATM 1355 O O   . HOH D 3 .   ? 3.536   2.280   -13.266 0.98 9.67  ? 475 HOH A O   1 
HETATM 1356 O O   . HOH D 3 .   ? 16.866  1.879   -8.886  1.00 18.70 ? 476 HOH A O   1 
HETATM 1357 O O   . HOH D 3 .   ? 14.783  9.023   8.865   0.40 14.45 ? 477 HOH A O   1 
HETATM 1358 O O   . HOH D 3 .   ? 15.872  0.275   -13.311 0.72 25.37 ? 478 HOH A O   1 
HETATM 1359 O O   . HOH D 3 .   ? 16.586  -1.685  -10.817 0.83 23.26 ? 479 HOH A O   1 
HETATM 1360 O O   . HOH D 3 .   ? 10.651  -5.449  -7.902  0.91 6.46  ? 480 HOH A O   1 
HETATM 1361 O O   . HOH D 3 .   ? 12.537  -5.436  -14.572 1.00 21.68 ? 481 HOH A O   1 
HETATM 1362 O O   . HOH D 3 .   ? 13.871  -9.027  -14.315 0.70 32.00 ? 482 HOH A O   1 
HETATM 1363 O O   . HOH D 3 .   ? 16.738  -5.941  -10.176 1.00 18.64 ? 483 HOH A O   1 
HETATM 1364 O O   . HOH D 3 .   ? 13.037  -11.807 -10.964 1.00 19.59 ? 484 HOH A O   1 
HETATM 1365 O O   . HOH D 3 .   ? 8.177   -6.014  -9.234  0.94 7.45  ? 485 HOH A O   1 
HETATM 1366 O O   . HOH D 3 .   ? 2.103   10.035  6.881   0.96 13.80 ? 486 HOH A O   1 
HETATM 1367 O O   . HOH D 3 .   ? 7.398   -10.880 -3.862  1.00 12.90 ? 487 HOH A O   1 
HETATM 1368 O O   . HOH D 3 .   ? -15.803 -0.539  -9.912  1.00 24.53 ? 488 HOH A O   1 
HETATM 1369 O O   . HOH D 3 .   ? 12.019  -10.632 -13.742 1.00 28.43 ? 489 HOH A O   1 
HETATM 1370 O O   . HOH D 3 .   ? 9.724   -12.641 -6.072  1.00 13.60 ? 490 HOH A O   1 
HETATM 1371 O O   . HOH D 3 .   ? 4.387   -17.962 -5.980  0.96 26.88 ? 491 HOH A O   1 
HETATM 1372 O O   . HOH D 3 .   ? 0.906   -18.377 -3.406  0.73 26.46 ? 492 HOH A O   1 
HETATM 1373 O O   . HOH D 3 .   ? 9.370   -9.255  -0.251  0.96 12.53 ? 493 HOH A O   1 
HETATM 1374 O O   . HOH D 3 .   ? 3.124   9.864   9.883   0.88 12.89 ? 494 HOH A O   1 
HETATM 1375 O O   . HOH D 3 .   ? -5.492  2.395   -15.683 1.00 32.20 ? 495 HOH A O   1 
HETATM 1376 O O   . HOH D 3 .   ? 0.975   4.702   -7.242  0.99 13.59 ? 496 HOH A O   1 
HETATM 1377 O O   . HOH D 3 .   ? -2.639  1.850   -19.204 1.00 42.27 ? 497 HOH A O   1 
HETATM 1378 O O   . HOH D 3 .   ? 7.370   13.635  10.009  0.95 23.17 ? 498 HOH A O   1 
HETATM 1379 O O   . HOH D 3 .   ? -8.924  -6.222  18.098  0.50 23.06 ? 499 HOH A O   1 
HETATM 1380 O O   . HOH D 3 .   ? -3.275  -0.306  -13.951 0.50 22.67 ? 500 HOH A O   1 
HETATM 1381 O O   . HOH D 3 .   ? -0.587  -1.739  -14.839 0.68 18.58 ? 501 HOH A O   1 
HETATM 1382 O O   . HOH D 3 .   ? 3.063   14.913  7.127   0.90 25.52 ? 502 HOH A O   1 
HETATM 1383 O O   . HOH D 3 .   ? 15.053  10.282  6.594   0.86 37.06 ? 503 HOH A O   1 
HETATM 1384 O O   . HOH D 3 .   ? 12.212  16.209  5.950   0.98 25.24 ? 504 HOH A O   1 
HETATM 1385 O O   . HOH D 3 .   ? -3.287  6.487   -17.065 0.50 19.69 ? 505 HOH A O   1 
HETATM 1386 O O   . HOH D 3 .   ? -3.433  0.212   -16.629 1.00 37.01 ? 506 HOH A O   1 
HETATM 1387 O O   . HOH D 3 .   ? 13.553  13.722  4.423   1.00 22.17 ? 507 HOH A O   1 
HETATM 1388 O O   . HOH D 3 .   ? -3.325  -14.994 3.809   0.98 25.13 ? 508 HOH A O   1 
HETATM 1389 O O   . HOH D 3 .   ? 10.950  2.900   -16.570 1.00 20.07 ? 509 HOH A O   1 
HETATM 1390 O O   . HOH D 3 .   ? 8.949   1.549   -19.428 0.80 21.88 ? 510 HOH A O   1 
HETATM 1391 O O   . HOH D 3 .   ? -0.055  17.125  4.188   0.78 20.57 ? 511 HOH A O   1 
HETATM 1392 O O   . HOH D 3 .   ? 3.736   -0.147  -10.639 0.98 12.32 ? 512 HOH A O   1 
HETATM 1393 O O   . HOH D 3 .   ? 6.685   12.562  3.399   1.00 12.30 ? 513 HOH A O   1 
HETATM 1394 O O   . HOH D 3 .   ? -5.186  -14.339 2.012   0.97 22.67 ? 514 HOH A O   1 
HETATM 1395 O O   . HOH D 3 .   ? 0.437   -11.628 -5.086  0.85 8.41  ? 515 HOH A O   1 
HETATM 1396 O O   . HOH D 3 .   ? -1.452  -14.406 -16.648 0.40 23.87 ? 516 HOH A O   1 
HETATM 1397 O O   . HOH D 3 .   ? -0.846  14.252  3.547   0.86 12.98 ? 517 HOH A O   1 
HETATM 1398 O O   . HOH D 3 .   ? 1.634   12.733  6.560   0.93 30.08 ? 518 HOH A O   1 
HETATM 1399 O O   . HOH D 3 .   ? 2.957   -3.455  -19.372 0.83 31.30 ? 519 HOH A O   1 
HETATM 1400 O O   . HOH D 3 .   ? -1.159  13.252  6.043   0.77 30.31 ? 520 HOH A O   1 
HETATM 1401 O O   . HOH D 3 .   ? -1.389  10.606  16.398  0.80 29.41 ? 521 HOH A O   1 
HETATM 1402 O O   . HOH D 3 .   ? -2.695  -15.402 -14.363 1.00 18.72 ? 522 HOH A O   1 
HETATM 1403 O O   . HOH D 3 .   ? 11.151  -11.572 -1.283  1.00 15.53 ? 523 HOH A O   1 
HETATM 1404 O O   . HOH D 3 .   ? -4.353  5.647   2.010   0.99 19.93 ? 524 HOH A O   1 
HETATM 1405 O O   . HOH D 3 .   ? -5.945  -6.466  -12.540 0.98 32.73 ? 525 HOH A O   1 
HETATM 1406 O O   . HOH D 3 .   ? 3.936   -14.603 -9.372  1.00 16.84 ? 526 HOH A O   1 
HETATM 1407 O O   . HOH D 3 .   ? 1.365   -3.643  17.560  0.95 24.58 ? 527 HOH A O   1 
HETATM 1408 O O   . HOH D 3 .   ? -7.791  8.257   1.082   0.91 13.15 ? 528 HOH A O   1 
HETATM 1409 O O   . HOH D 3 .   ? -11.820 6.355   0.403   0.71 20.16 ? 529 HOH A O   1 
HETATM 1410 O O   . HOH D 3 .   ? 4.868   -2.830  -17.599 1.00 14.13 ? 530 HOH A O   1 
HETATM 1411 O O   . HOH D 3 .   ? 7.569   -6.013  -18.020 0.95 19.60 ? 531 HOH A O   1 
HETATM 1412 O O   . HOH D 3 .   ? 3.966   -1.047  -15.571 0.99 13.21 ? 532 HOH A O   1 
HETATM 1413 O O   . HOH D 3 .   ? -3.748  -3.784  -13.261 0.80 20.85 ? 533 HOH A O   1 
HETATM 1414 O O   . HOH D 3 .   ? 6.167   -7.453  -11.082 1.00 13.14 ? 534 HOH A O   1 
HETATM 1415 O O   . HOH D 3 .   ? -6.699  6.034   -0.711  0.89 8.94  ? 535 HOH A O   1 
HETATM 1416 O O   . HOH D 3 .   ? 10.589  8.215   11.990  1.00 14.92 ? 536 HOH A O   1 
HETATM 1417 O O   . HOH D 3 .   ? -6.452  -6.036  17.135  0.50 21.88 ? 537 HOH A O   1 
HETATM 1418 O O   . HOH D 3 .   ? 5.466   -12.582 7.029   0.81 26.19 ? 538 HOH A O   1 
HETATM 1419 O O   . HOH D 3 .   ? 3.583   -13.000 9.903   0.50 23.48 ? 539 HOH A O   1 
HETATM 1420 O O   . HOH D 3 .   ? 5.346   -11.611 12.571  0.98 17.22 ? 540 HOH A O   1 
HETATM 1421 O O   . HOH D 3 .   ? 5.027   -7.557  17.161  1.00 13.82 ? 541 HOH A O   1 
HETATM 1422 O O   . HOH D 3 .   ? 6.323   -9.496  14.066  1.00 13.81 ? 542 HOH A O   1 
HETATM 1423 O O   . HOH D 3 .   ? -0.084  -6.721  13.952  1.00 14.00 ? 543 HOH A O   1 
HETATM 1424 O O   . HOH D 3 .   ? 1.124   -7.450  17.131  0.84 28.58 ? 544 HOH A O   1 
HETATM 1425 O O   . HOH D 3 .   ? 3.463   -4.637  16.254  1.00 22.79 ? 545 HOH A O   1 
HETATM 1426 O O   . HOH D 3 .   ? 0.384   -11.097 12.476  0.98 25.91 ? 546 HOH A O   1 
HETATM 1427 O O   . HOH D 3 .   ? 0.859   -11.656 9.403   0.90 22.20 ? 547 HOH A O   1 
HETATM 1428 O O   . HOH D 3 .   ? -8.677  -11.486 10.326  1.00 17.44 ? 548 HOH A O   1 
HETATM 1429 O O   . HOH D 3 .   ? -4.181  -14.278 8.912   0.70 37.02 ? 549 HOH A O   1 
HETATM 1430 O O   . HOH D 3 .   ? -12.903 2.888   3.072   0.99 12.11 ? 550 HOH A O   1 
HETATM 1431 O O   . HOH D 3 .   ? -1.552  -12.212 11.027  0.90 26.58 ? 551 HOH A O   1 
HETATM 1432 O O   . HOH D 3 .   ? -14.805 2.516   -0.938  0.94 11.05 ? 552 HOH A O   1 
HETATM 1433 O O   . HOH D 3 .   ? -7.680  -9.288  13.700  1.00 24.15 ? 553 HOH A O   1 
HETATM 1434 O O   . HOH D 3 .   ? -8.162  3.418   -7.519  1.00 24.57 ? 554 HOH A O   1 
HETATM 1435 O O   . HOH D 3 .   ? -13.411 1.991   -4.815  0.70 25.18 ? 555 HOH A O   1 
HETATM 1436 O O   . HOH D 3 .   ? -10.920 -11.511 8.780   0.90 18.77 ? 556 HOH A O   1 
HETATM 1437 O O   . HOH D 3 .   ? -12.886 -11.856 1.940   0.50 28.74 ? 557 HOH A O   1 
HETATM 1438 O O   . HOH D 3 .   ? -11.035 -11.818 4.393   0.93 17.79 ? 558 HOH A O   1 
HETATM 1439 O O   . HOH D 3 .   ? -20.464 -4.929  0.512   0.70 21.90 ? 559 HOH A O   1 
HETATM 1440 O O   . HOH D 3 .   ? -16.900 4.846   -4.631  1.00 34.49 ? 560 HOH A O   1 
HETATM 1441 O O   . HOH D 3 .   ? -19.613 5.480   -4.692  1.00 36.38 ? 561 HOH A O   1 
HETATM 1442 O O   . HOH D 3 .   ? -14.287 -10.441 -5.471  0.60 30.78 ? 562 HOH A O   1 
HETATM 1443 O O   . HOH D 3 .   ? -7.029  5.863   16.751  0.70 24.35 ? 563 HOH A O   1 
HETATM 1444 O O   . HOH D 3 .   ? -13.935 -4.802  -9.526  0.95 39.34 ? 564 HOH A O   1 
HETATM 1445 O O   . HOH D 3 .   ? -19.717 -4.495  -5.593  0.65 15.23 ? 565 HOH A O   1 
HETATM 1446 O O   . HOH D 3 .   ? -21.088 -0.193  0.295   0.50 24.08 ? 566 HOH A O   1 
HETATM 1447 O O   . HOH D 3 .   ? -16.664 3.579   3.040   0.93 30.61 ? 567 HOH A O   1 
HETATM 1448 O O   . HOH D 3 .   ? -18.650 2.318   4.163   0.94 30.82 ? 568 HOH A O   1 
HETATM 1449 O O   . HOH D 3 .   ? -17.938 -6.059  2.692   0.65 22.29 ? 569 HOH A O   1 
HETATM 1450 O O   . HOH D 3 .   ? -18.414 -1.324  12.195  0.91 19.65 ? 570 HOH A O   1 
HETATM 1451 O O   . HOH D 3 .   ? -4.977  10.329  11.743  1.00 31.42 ? 571 HOH A O   1 
HETATM 1452 O O   . HOH D 3 .   ? 8.310   4.578   15.217  0.95 30.31 ? 572 HOH A O   1 
HETATM 1453 O O   . HOH D 3 .   ? 11.958  4.621   13.410  0.72 24.91 ? 573 HOH A O   1 
HETATM 1454 O O   . HOH D 3 .   ? 12.552  7.618   10.118  0.97 15.43 ? 574 HOH A O   1 
HETATM 1455 O O   . HOH D 3 .   ? 8.064   7.217   11.900  1.00 12.66 ? 575 HOH A O   1 
HETATM 1456 O O   . HOH D 3 .   ? 13.483  2.943   15.340  1.00 25.79 ? 576 HOH A O   1 
HETATM 1457 O O   . HOH D 3 .   ? 16.504  0.673   7.614   1.00 16.33 ? 577 HOH A O   1 
HETATM 1458 O O   . HOH D 3 .   ? 18.731  0.224   1.895   0.63 17.95 ? 578 HOH A O   1 
HETATM 1459 O O   . HOH D 3 .   ? 20.334  -3.341  3.477   1.00 32.18 ? 579 HOH A O   1 
HETATM 1460 O O   . HOH D 3 .   ? -1.668  -0.254  16.749  0.99 29.10 ? 580 HOH A O   1 
HETATM 1461 O O   . HOH D 3 .   ? -13.633 5.454   19.006  0.88 42.32 ? 581 HOH A O   1 
HETATM 1462 O O   . HOH D 3 .   ? 19.931  5.048   -10.087 0.80 32.85 ? 582 HOH A O   1 
HETATM 1463 O O   . HOH D 3 .   ? 6.208   -7.715  -19.592 0.70 28.04 ? 583 HOH A O   1 
HETATM 1464 O O   . HOH D 3 .   ? 7.036   -14.174 -13.166 1.00 24.69 ? 584 HOH A O   1 
HETATM 1465 O O   . HOH D 3 .   ? 18.981  0.456   -8.269  1.00 35.03 ? 585 HOH A O   1 
HETATM 1466 O O   . HOH D 3 .   ? 0.575   -2.221  -18.789 0.96 28.46 ? 586 HOH A O   1 
HETATM 1467 O O   . HOH D 3 .   ? 3.558   -11.452 3.780   0.84 40.37 ? 587 HOH A O   1 
HETATM 1468 O O   . HOH D 3 .   ? 1.671   -14.133 4.279   0.49 17.82 ? 588 HOH A O   1 
HETATM 1469 O O   . HOH D 3 .   ? -13.614 -10.503 8.836   0.60 23.40 ? 589 HOH A O   1 
HETATM 1470 O O   . HOH D 3 .   ? -19.858 -7.925  -3.733  1.00 36.68 ? 590 HOH A O   1 
HETATM 1471 O O   . HOH D 3 .   ? -13.166 0.219   -6.971  0.87 26.61 ? 591 HOH A O   1 
HETATM 1472 O O   . HOH D 3 .   ? -4.453  -3.824  -8.446  0.65 24.26 ? 592 HOH A O   1 
HETATM 1473 O O   . HOH D 3 .   ? 15.320  -2.818  9.506   1.00 20.29 ? 593 HOH A O   1 
HETATM 1474 O O   . HOH D 3 .   ? -7.178  17.324  -4.745  0.50 35.19 ? 594 HOH A O   1 
HETATM 1475 O O   . HOH D 3 .   ? -2.744  12.572  15.306  0.40 22.34 ? 595 HOH A O   1 
HETATM 1476 O O   . HOH D 3 .   ? 1.865   -10.881 -16.170 0.60 22.66 ? 596 HOH A O   1 
HETATM 1477 O O   . HOH D 3 .   ? -16.937 -10.124 -3.729  0.50 20.71 ? 597 HOH A O   1 
HETATM 1478 O O   . HOH D 3 .   ? -5.644  2.381   -12.326 0.30 10.27 ? 598 HOH A O   1 
HETATM 1479 O O   . HOH D 3 .   ? 19.726  -4.249  -6.590  0.50 11.66 ? 599 HOH A O   1 
HETATM 1480 O O   . HOH D 3 .   ? -13.844 -7.734  -9.056  0.50 26.95 ? 600 HOH A O   1 
HETATM 1481 O O   . HOH D 3 .   ? -11.590 -11.667 -7.296  0.70 30.89 ? 601 HOH A O   1 
HETATM 1482 O O   . HOH D 3 .   ? -5.125  -11.970 15.326  1.00 42.33 ? 602 HOH A O   1 
HETATM 1483 O O   . HOH D 3 .   ? -3.493  -17.367 -4.330  1.00 25.67 ? 603 HOH A O   1 
HETATM 1484 O O   . HOH D 3 .   ? -17.263 -8.503  6.664   0.40 28.19 ? 604 HOH A O   1 
HETATM 1485 O O   . HOH D 3 .   ? 18.893  -9.272  -1.019  0.50 27.89 ? 605 HOH A O   1 
HETATM 1486 O O   . HOH D 3 .   ? -2.371  -13.069 13.874  0.80 38.01 ? 606 HOH A O   1 
HETATM 1487 O O   . HOH D 3 .   ? 7.478   -8.995  -2.026  1.00 23.48 ? 607 HOH A O   1 
HETATM 1488 O O   . HOH D 3 .   ? 5.677   15.556  -5.140  1.00 22.31 ? 608 HOH A O   1 
HETATM 1489 O O   . HOH D 3 .   ? -1.070  -9.185  13.900  1.00 23.56 ? 609 HOH A O   1 
HETATM 1490 O O   . HOH D 3 .   ? -12.668 4.379   10.540  1.00 21.09 ? 610 HOH A O   1 
HETATM 1491 O O   . HOH D 3 .   ? 20.820  -0.470  6.337   1.00 15.61 ? 611 HOH A O   1 
HETATM 1492 O O   . HOH D 3 .   ? 15.571  7.393   -3.680  1.00 27.64 ? 612 HOH A O   1 
HETATM 1493 O O   . HOH D 3 .   ? -3.285  11.680  4.388   0.50 16.26 ? 613 HOH A O   1 
HETATM 1494 O O   . HOH D 3 .   ? 12.292  -11.703 2.586   1.00 23.54 ? 614 HOH A O   1 
HETATM 1495 O O   . HOH D 3 .   ? 1.346   -1.235  -16.555 0.94 25.17 ? 615 HOH A O   1 
HETATM 1496 O O   . HOH D 3 .   ? 2.969   -12.593 12.824  1.00 23.08 ? 616 HOH A O   1 
HETATM 1497 O O   . HOH D 3 .   ? 18.410  -2.447  1.986   0.97 12.89 ? 617 HOH A O   1 
HETATM 1498 O O   . HOH D 3 .   ? -8.369  -14.154 -0.029  0.98 22.24 ? 618 HOH A O   1 
HETATM 1499 O O   . HOH D 3 .   ? 1.779   5.010   -19.036 1.00 25.16 ? 619 HOH A O   1 
HETATM 1500 O O   . HOH D 3 .   ? 15.038  -4.245  -14.928 0.70 24.31 ? 620 HOH A O   1 
HETATM 1501 O O   . HOH D 3 .   ? 15.681  4.119   6.639   1.00 21.97 ? 621 HOH A O   1 
HETATM 1502 O O   . HOH D 3 .   ? 6.006   8.979   11.832  1.00 29.90 ? 622 HOH A O   1 
HETATM 1503 O O   . HOH D 3 .   ? -7.750  -13.610 9.144   1.00 36.72 ? 623 HOH A O   1 
HETATM 1504 O O   . HOH D 3 .   ? -4.660  16.878  -7.984  0.60 28.72 ? 624 HOH A O   1 
HETATM 1505 O O   . HOH D 3 .   ? 3.001   -15.352 0.275   0.83 33.14 ? 625 HOH A O   1 
HETATM 1506 O O   . HOH D 3 .   ? -4.508  -7.287  15.022  1.00 30.28 ? 626 HOH A O   1 
HETATM 1507 O O   . HOH D 3 .   ? -3.371  -0.153  -9.960  1.00 13.40 ? 627 HOH A O   1 
HETATM 1508 O O   . HOH D 3 .   ? 6.023   -18.547 -2.381  0.60 27.34 ? 628 HOH A O   1 
HETATM 1509 O O   . HOH D 3 .   ? 13.884  12.293  -1.518  1.00 40.15 ? 629 HOH A O   1 
HETATM 1510 O O   . HOH D 3 .   ? -16.208 -11.537 -3.900  0.50 21.99 ? 630 HOH A O   1 
HETATM 1511 O O   . HOH D 3 .   ? 14.138  -0.954  -14.972 0.60 24.54 ? 631 HOH A O   1 
HETATM 1512 O O   . HOH D 3 .   ? 11.282  -3.439  -16.830 0.40 10.92 ? 632 HOH A O   1 
HETATM 1513 O O   . HOH D 3 .   ? -0.627  -19.992 -9.795  0.60 34.57 ? 633 HOH A O   1 
HETATM 1514 O O   . HOH D 3 .   ? -3.635  17.726  -4.974  0.50 34.69 ? 634 HOH A O   1 
HETATM 1515 O O   . HOH D 3 .   ? 2.734   -6.007  -20.148 0.40 19.04 ? 635 HOH A O   1 
HETATM 1516 O O   . HOH D 3 .   ? -2.294  -3.716  -15.377 0.40 32.06 ? 636 HOH A O   1 
HETATM 1517 O O   . HOH D 3 .   ? -15.750 -2.941  19.817  0.70 29.62 ? 637 HOH A O   1 
HETATM 1518 O O   . HOH D 3 .   ? 4.160   -17.349 -1.053  0.50 28.25 ? 638 HOH A O   1 
HETATM 1519 O O   . HOH D 3 .   ? -0.716  -15.228 7.159   0.40 25.30 ? 639 HOH A O   1 
HETATM 1520 O O   . HOH D 3 .   ? -14.027 11.984  -1.002  0.40 28.23 ? 640 HOH A O   1 
HETATM 1521 O O   . HOH D 3 .   ? -8.545  -6.871  14.006  1.00 26.16 ? 641 HOH A O   1 
HETATM 1522 O O   . HOH D 3 .   ? -9.200  6.771   15.374  0.70 36.33 ? 642 HOH A O   1 
HETATM 1523 O O   . HOH D 3 .   ? -15.104 -1.862  13.102  0.60 19.82 ? 643 HOH A O   1 
HETATM 1524 O O   . HOH D 3 .   ? 6.234   2.046   17.021  0.50 27.86 ? 644 HOH A O   1 
HETATM 1525 O O   . HOH D 3 .   ? -16.764 -4.544  16.902  0.50 29.41 ? 645 HOH A O   1 
HETATM 1526 O O   . HOH D 3 .   ? 5.982   17.616  -3.304  0.88 25.12 ? 646 HOH A O   1 
HETATM 1527 O O   . HOH D 3 .   ? -15.218 11.391  -5.226  1.00 25.24 ? 647 HOH A O   1 
HETATM 1528 O O   . HOH D 3 .   ? -11.481 10.255  7.419   0.50 34.25 ? 648 HOH A O   1 
HETATM 1529 O O   . HOH D 3 .   ? 1.824   -13.546 -15.760 0.70 30.12 ? 649 HOH A O   1 
HETATM 1530 O O   . HOH D 3 .   ? -6.401  15.574  2.516   0.96 34.82 ? 650 HOH A O   1 
HETATM 1531 O O   . HOH D 3 .   ? 13.978  1.188   -17.364 1.00 40.89 ? 651 HOH A O   1 
HETATM 1532 O O   . HOH D 3 .   ? 12.560  10.347  9.519   1.00 34.24 ? 652 HOH A O   1 
HETATM 1533 O O   . HOH D 3 .   ? -11.759 14.119  -4.013  0.84 31.88 ? 653 HOH A O   1 
HETATM 1534 O O   . HOH D 3 .   ? 18.008  -2.691  9.696   1.00 26.07 ? 654 HOH A O   1 
HETATM 1535 O O   . HOH D 3 .   ? 9.630   -4.506  -18.718 0.70 25.75 ? 655 HOH A O   1 
HETATM 1536 O O   . HOH D 3 .   ? -20.048 0.082   -6.993  1.00 39.66 ? 656 HOH A O   1 
HETATM 1537 O O   . HOH D 3 .   ? -21.044 0.698   -4.721  0.51 30.38 ? 657 HOH A O   1 
HETATM 1538 O O   . HOH D 3 .   ? -10.470 11.115  4.915   1.00 35.15 ? 658 HOH A O   1 
HETATM 1539 O O   . HOH D 3 .   ? 6.572   -16.426 -0.373  0.53 25.29 ? 659 HOH A O   1 
HETATM 1540 O O   . HOH D 3 .   ? 1.287   -22.135 -7.183  0.30 41.00 ? 660 HOH A O   1 
HETATM 1541 O O   . HOH D 3 .   ? 3.292   -21.342 -6.474  0.40 33.26 ? 661 HOH A O   1 
HETATM 1542 O O   . HOH D 3 .   ? -1.299  4.085   -19.540 0.84 29.14 ? 662 HOH A O   1 
# 
